data_6PUI
#
_entry.id   6PUI
#
_cell.length_a   216.370
_cell.length_b   70.050
_cell.length_c   142.620
_cell.angle_alpha   90.000
_cell.angle_beta   104.160
_cell.angle_gamma   90.000
#
_symmetry.space_group_name_H-M   'C 1 2 1'
#
loop_
_entity.id
_entity.type
_entity.pdbx_description
1 polymer 'Major histocompatibility complex class I-related gene protein'
2 polymer 'Human TCR alpha chain'
3 polymer 'Human TCR beta chain'
4 polymer Beta-2-microglobulin
5 non-polymer 6-[(4-hydroxybutyl)amino]-5-[(E)-(2-oxopropylidene)amino]pyrimidine-2,4(1H,3H)-dione
6 non-polymer GLYCEROL
7 non-polymer 'SODIUM ION'
8 water water
#
loop_
_entity_poly.entity_id
_entity_poly.type
_entity_poly.pdbx_seq_one_letter_code
_entity_poly.pdbx_strand_id
1 'polypeptide(L)'
;MRTHSLRYFRLGVSDPIHGVPEFISVGYVDSHPITTYDSVTRQKEPRAPWMAENLAPDHWERYTQLLRGWQQMFKVELKR
LQRHYNHSGSHTYQRMIGCELLEDGSTTGFLQYAYDGQDFLIFNKDTLSWLAVDNVAHTIKQAWEANQHELLYQKNWLEE
ECIAWLKRFLEYGKDTLQRTEPPLVRVNRKETFPGVTALFCKAHGFYPPEIYMTWMKNGEEIVQEIDYGDILPSGDGTYQ
AWASIELDPQSSNLYSCHVEHSGVHMVLQVP
;
A,C
2 'polypeptide(L)'
;MGQNIDQPTEMTATEGAIVQINCTYQTSGFNGLFWYQQHAGEAPTFLSYNVLDGLEEKGRFSSFLSRSKGYSYLLLKELQ
MKDSASYLCAVKDSNYQLIWGAGTKLIIKPDIQNPDPAVYQLRDSKSSDKSVCLFTDFDSQTNVSQSKDSDVYITDKCVL
DMRSMDFKSNSAVAWSNKSDFACANAFNNSIIPEDTFFPSPESS
;
B,D
3 'polypeptide(L)'
;MNAGVTQTPKFQVLKTGQSMTLQCAQDMNHNSMYWYRQDPGMGLRLIYYSASEGTTDKGEVPNGYNVSRLNKREFSLRLE
SAAPSQTSVYFCASSVWTGEGSGELFFGEGSRLTVLEDLKNVFPPEVAVFEPSEAEISHTQKATLVCLATGFYPDHVELS
WWVNGKEVHSGVCTDPQPLKEQPALNDSRYALSSRLRVSATFWQNPRNHFRCQVQFYGLSENDEWTQDRAKPVTQIVSAE
AWGRAD
;
E,G
4 'polypeptide(L)'
;MIQRTPKIQVYSRHPAENGKSNFLNCYVSGFHPSDIEVDLLKNGERIEKVEHSDLSFSKDWSFYLLYYTEFTPTEKDEYA
CRVNHVTLSQPKIVKWDRDM
;
F,H
#
# COMPACT_ATOMS: atom_id res chain seq x y z
N MET A 1 -45.74 46.61 -10.97
CA MET A 1 -44.82 47.35 -11.85
C MET A 1 -45.10 47.07 -13.31
N ARG A 2 -44.33 47.70 -14.19
CA ARG A 2 -44.45 47.47 -15.62
C ARG A 2 -43.97 46.06 -15.95
N THR A 3 -44.14 45.66 -17.20
CA THR A 3 -43.56 44.40 -17.68
C THR A 3 -42.03 44.48 -17.68
N HIS A 4 -41.39 43.39 -17.25
CA HIS A 4 -39.94 43.31 -17.26
C HIS A 4 -39.53 41.92 -17.78
N SER A 5 -38.30 41.83 -18.29
CA SER A 5 -37.83 40.53 -18.76
C SER A 5 -36.36 40.32 -18.39
N LEU A 6 -35.96 39.05 -18.36
CA LEU A 6 -34.58 38.63 -18.19
C LEU A 6 -34.24 37.72 -19.36
N ARG A 7 -33.11 37.98 -20.02
CA ARG A 7 -32.72 37.05 -21.07
C ARG A 7 -31.20 36.93 -21.16
N TYR A 8 -30.74 35.73 -21.54
CA TYR A 8 -29.33 35.46 -21.78
C TYR A 8 -29.12 35.00 -23.21
N PHE A 9 -28.15 35.61 -23.88
CA PHE A 9 -27.78 35.26 -25.25
C PHE A 9 -26.44 34.56 -25.25
N ARG A 10 -26.27 33.63 -26.19
CA ARG A 10 -24.96 33.12 -26.53
C ARG A 10 -24.75 33.21 -28.03
N LEU A 11 -23.52 33.51 -28.42
CA LEU A 11 -23.09 33.52 -29.82
C LEU A 11 -21.81 32.72 -29.97
N GLY A 12 -21.81 31.76 -30.88
CA GLY A 12 -20.60 31.06 -31.29
C GLY A 12 -20.32 31.32 -32.75
N VAL A 13 -19.05 31.48 -33.09
CA VAL A 13 -18.60 31.68 -34.46
C VAL A 13 -17.59 30.60 -34.81
N SER A 14 -17.79 29.92 -35.94
CA SER A 14 -16.98 28.72 -36.19
C SER A 14 -15.57 29.04 -36.66
N ASP A 15 -15.36 30.07 -37.45
CA ASP A 15 -14.01 30.38 -37.95
C ASP A 15 -13.75 31.88 -37.86
N PRO A 16 -13.68 32.42 -36.65
CA PRO A 16 -13.62 33.88 -36.52
C PRO A 16 -12.33 34.44 -37.10
N ILE A 17 -12.43 35.67 -37.61
CA ILE A 17 -11.26 36.41 -38.04
C ILE A 17 -10.42 36.72 -36.82
N HIS A 18 -9.18 37.14 -37.03
CA HIS A 18 -8.23 37.30 -35.93
C HIS A 18 -8.77 38.25 -34.87
N GLY A 19 -8.51 37.90 -33.60
CA GLY A 19 -8.91 38.72 -32.47
C GLY A 19 -10.34 38.55 -32.01
N VAL A 20 -11.24 38.23 -32.93
CA VAL A 20 -12.68 38.23 -32.63
C VAL A 20 -13.02 36.96 -31.86
N PRO A 21 -13.83 37.05 -30.79
CA PRO A 21 -14.03 35.87 -29.92
C PRO A 21 -14.81 34.77 -30.62
N GLU A 22 -14.45 33.54 -30.29
CA GLU A 22 -15.21 32.39 -30.76
C GLU A 22 -16.58 32.32 -30.07
N PHE A 23 -16.69 32.86 -28.87
CA PHE A 23 -17.88 32.68 -28.05
C PHE A 23 -18.13 33.94 -27.22
N ILE A 24 -19.38 34.37 -27.18
CA ILE A 24 -19.81 35.51 -26.38
C ILE A 24 -21.12 35.17 -25.71
N SER A 25 -21.27 35.56 -24.44
CA SER A 25 -22.55 35.40 -23.76
C SER A 25 -22.86 36.67 -22.98
N VAL A 26 -24.05 37.23 -23.19
CA VAL A 26 -24.46 38.49 -22.56
C VAL A 26 -25.87 38.33 -22.02
N GLY A 27 -26.09 38.78 -20.78
CA GLY A 27 -27.41 38.83 -20.19
C GLY A 27 -27.97 40.24 -20.21
N TYR A 28 -29.31 40.33 -20.22
CA TYR A 28 -30.05 41.60 -20.23
C TYR A 28 -31.21 41.53 -19.23
N VAL A 29 -31.47 42.64 -18.56
CA VAL A 29 -32.76 42.88 -17.92
C VAL A 29 -33.38 44.05 -18.68
N ASP A 30 -34.55 43.82 -19.27
CA ASP A 30 -35.17 44.77 -20.21
C ASP A 30 -34.11 45.09 -21.26
N SER A 31 -33.79 46.36 -21.52
CA SER A 31 -32.79 46.78 -22.49
CA SER A 31 -32.78 46.71 -22.51
C SER A 31 -31.39 46.91 -21.90
N HIS A 32 -31.21 46.59 -20.62
CA HIS A 32 -29.95 46.89 -19.95
C HIS A 32 -29.06 45.65 -19.93
N PRO A 33 -27.85 45.69 -20.49
CA PRO A 33 -26.92 44.57 -20.27
C PRO A 33 -26.58 44.45 -18.79
N ILE A 34 -26.51 43.21 -18.30
CA ILE A 34 -26.21 43.00 -16.89
C ILE A 34 -24.93 42.18 -16.71
N THR A 35 -24.60 41.31 -17.67
CA THR A 35 -23.48 40.38 -17.53
C THR A 35 -22.82 40.18 -18.89
N THR A 36 -21.56 39.78 -18.88
CA THR A 36 -20.85 39.50 -20.12
C THR A 36 -19.72 38.49 -19.85
N TYR A 37 -19.44 37.70 -20.88
CA TYR A 37 -18.43 36.65 -20.86
C TYR A 37 -18.01 36.44 -22.31
N ASP A 38 -16.71 36.28 -22.56
CA ASP A 38 -16.34 35.76 -23.88
C ASP A 38 -15.10 34.87 -23.77
N SER A 39 -14.76 34.25 -24.90
CA SER A 39 -13.69 33.26 -24.91
C SER A 39 -12.31 33.89 -24.81
N VAL A 40 -12.21 35.21 -24.93
CA VAL A 40 -10.93 35.90 -24.75
C VAL A 40 -10.66 36.21 -23.28
N THR A 41 -11.62 36.83 -22.61
CA THR A 41 -11.44 37.12 -21.19
C THR A 41 -11.61 35.87 -20.33
N ARG A 42 -12.44 34.93 -20.79
N ARG A 42 -12.45 34.92 -20.77
CA ARG A 42 -12.83 33.74 -20.03
CA ARG A 42 -12.77 33.72 -19.99
C ARG A 42 -13.27 34.08 -18.61
C ARG A 42 -13.31 34.05 -18.61
N GLN A 43 -13.90 35.24 -18.43
CA GLN A 43 -14.44 35.66 -17.14
C GLN A 43 -15.84 36.22 -17.33
N LYS A 44 -16.75 35.86 -16.43
CA LYS A 44 -18.04 36.53 -16.38
C LYS A 44 -17.92 37.81 -15.58
N GLU A 45 -18.48 38.90 -16.10
CA GLU A 45 -18.27 40.18 -15.48
C GLU A 45 -19.57 40.97 -15.49
N PRO A 46 -19.78 41.84 -14.50
CA PRO A 46 -20.95 42.72 -14.53
C PRO A 46 -20.89 43.69 -15.68
N ARG A 47 -22.08 44.03 -16.19
CA ARG A 47 -22.25 45.09 -17.16
C ARG A 47 -23.18 46.19 -16.65
N ALA A 48 -23.68 46.05 -15.43
CA ALA A 48 -24.43 47.12 -14.81
C ALA A 48 -23.88 47.28 -13.40
N PRO A 49 -23.79 48.51 -12.89
CA PRO A 49 -23.22 48.69 -11.57
C PRO A 49 -24.05 48.10 -10.46
N TRP A 50 -25.38 48.09 -10.59
CA TRP A 50 -26.21 47.49 -9.56
C TRP A 50 -26.13 45.96 -9.56
N MET A 51 -25.56 45.35 -10.61
CA MET A 51 -25.21 43.93 -10.53
C MET A 51 -23.90 43.73 -9.77
N ALA A 52 -22.88 44.54 -10.11
CA ALA A 52 -21.59 44.40 -9.42
C ALA A 52 -21.74 44.60 -7.94
N GLU A 53 -22.59 45.54 -7.54
CA GLU A 53 -22.71 45.95 -6.16
C GLU A 53 -23.51 44.99 -5.31
N ASN A 54 -24.26 44.06 -5.92
CA ASN A 54 -25.17 43.20 -5.17
C ASN A 54 -24.87 41.72 -5.28
N LEU A 55 -23.96 41.30 -6.14
CA LEU A 55 -23.59 39.89 -6.28
C LEU A 55 -22.14 39.73 -5.86
N ALA A 56 -21.93 38.89 -4.86
CA ALA A 56 -20.62 38.68 -4.25
C ALA A 56 -19.68 37.98 -5.22
N PRO A 57 -18.37 38.03 -4.96
CA PRO A 57 -17.42 37.38 -5.88
C PRO A 57 -17.71 35.89 -6.12
N ASP A 58 -18.31 35.18 -5.16
CA ASP A 58 -18.61 33.77 -5.38
C ASP A 58 -19.56 33.56 -6.55
N HIS A 59 -20.47 34.52 -6.78
CA HIS A 59 -21.38 34.42 -7.91
C HIS A 59 -20.62 34.47 -9.23
N TRP A 60 -19.76 35.49 -9.39
CA TRP A 60 -18.99 35.64 -10.62
C TRP A 60 -18.03 34.48 -10.81
N GLU A 61 -17.44 33.99 -9.72
CA GLU A 61 -16.54 32.85 -9.83
C GLU A 61 -17.25 31.61 -10.30
N ARG A 62 -18.42 31.34 -9.71
CA ARG A 62 -19.13 30.12 -10.04
C ARG A 62 -19.61 30.13 -11.49
N TYR A 63 -20.21 31.25 -11.94
CA TYR A 63 -20.74 31.27 -13.29
C TYR A 63 -19.62 31.37 -14.31
N THR A 64 -18.46 31.92 -13.93
CA THR A 64 -17.30 31.85 -14.81
C THR A 64 -16.94 30.39 -15.15
N GLN A 65 -17.01 29.50 -14.15
CA GLN A 65 -16.71 28.10 -14.44
C GLN A 65 -17.78 27.49 -15.33
N LEU A 66 -19.06 27.76 -15.03
CA LEU A 66 -20.14 27.23 -15.86
C LEU A 66 -20.01 27.72 -17.30
N LEU A 67 -19.70 29.01 -17.47
CA LEU A 67 -19.58 29.59 -18.81
C LEU A 67 -18.43 28.98 -19.59
N ARG A 68 -17.32 28.66 -18.92
CA ARG A 68 -16.25 27.97 -19.64
C ARG A 68 -16.73 26.61 -20.13
N GLY A 69 -17.56 25.93 -19.34
CA GLY A 69 -18.18 24.69 -19.81
C GLY A 69 -19.16 24.94 -20.94
N TRP A 70 -20.02 25.96 -20.80
CA TRP A 70 -20.99 26.24 -21.85
C TRP A 70 -20.30 26.63 -23.15
N GLN A 71 -19.15 27.31 -23.05
CA GLN A 71 -18.40 27.68 -24.25
C GLN A 71 -17.94 26.44 -25.00
N GLN A 72 -17.41 25.45 -24.28
CA GLN A 72 -16.97 24.23 -24.94
C GLN A 72 -18.16 23.50 -25.57
N MET A 73 -19.27 23.42 -24.83
CA MET A 73 -20.48 22.80 -25.35
C MET A 73 -20.97 23.47 -26.63
N PHE A 74 -20.94 24.81 -26.65
CA PHE A 74 -21.41 25.53 -27.82
C PHE A 74 -20.54 25.24 -29.03
N LYS A 75 -19.23 25.10 -28.82
CA LYS A 75 -18.33 24.79 -29.92
C LYS A 75 -18.61 23.40 -30.49
N VAL A 76 -18.80 22.42 -29.60
CA VAL A 76 -19.14 21.07 -30.02
C VAL A 76 -20.45 21.06 -30.82
N GLU A 77 -21.47 21.77 -30.33
CA GLU A 77 -22.75 21.80 -31.02
C GLU A 77 -22.63 22.44 -32.41
N LEU A 78 -21.92 23.58 -32.50
CA LEU A 78 -21.76 24.23 -33.79
C LEU A 78 -20.97 23.37 -34.77
N LYS A 79 -19.92 22.72 -34.28
CA LYS A 79 -19.17 21.80 -35.11
C LYS A 79 -20.10 20.71 -35.67
N ARG A 80 -21.03 20.22 -34.86
CA ARG A 80 -21.96 19.18 -35.31
C ARG A 80 -22.94 19.73 -36.34
N LEU A 81 -23.50 20.92 -36.11
CA LEU A 81 -24.41 21.50 -37.09
C LEU A 81 -23.72 21.71 -38.43
N GLN A 82 -22.51 22.29 -38.41
CA GLN A 82 -21.87 22.65 -39.67
C GLN A 82 -21.48 21.40 -40.44
N ARG A 83 -21.15 20.33 -39.73
CA ARG A 83 -20.90 19.06 -40.39
C ARG A 83 -22.17 18.53 -41.04
N HIS A 84 -23.31 18.62 -40.33
CA HIS A 84 -24.57 18.11 -40.87
C HIS A 84 -25.08 18.97 -42.03
N TYR A 85 -24.87 20.29 -41.97
CA TYR A 85 -25.22 21.14 -43.09
C TYR A 85 -24.25 21.01 -44.26
N ASN A 86 -23.11 20.36 -44.05
CA ASN A 86 -22.06 20.28 -45.07
C ASN A 86 -21.63 21.68 -45.52
N HIS A 87 -21.34 22.53 -44.54
CA HIS A 87 -21.02 23.94 -44.77
C HIS A 87 -19.54 24.18 -44.48
N SER A 88 -18.87 24.85 -45.40
CA SER A 88 -17.52 25.35 -45.18
C SER A 88 -17.57 26.81 -44.75
N GLY A 89 -16.43 27.31 -44.27
CA GLY A 89 -16.31 28.71 -43.92
C GLY A 89 -16.85 28.97 -42.52
N SER A 90 -17.10 30.25 -42.24
CA SER A 90 -17.50 30.68 -40.91
C SER A 90 -19.01 30.78 -40.81
N HIS A 91 -19.57 30.16 -39.77
CA HIS A 91 -21.00 30.19 -39.52
C HIS A 91 -21.24 30.49 -38.06
N THR A 92 -22.44 30.98 -37.76
CA THR A 92 -22.74 31.42 -36.41
C THR A 92 -23.80 30.52 -35.80
N TYR A 93 -23.77 30.46 -34.47
CA TYR A 93 -24.71 29.67 -33.68
C TYR A 93 -25.16 30.57 -32.55
N GLN A 94 -26.47 30.63 -32.29
CA GLN A 94 -26.93 31.51 -31.25
C GLN A 94 -28.00 30.82 -30.42
N ARG A 95 -28.06 31.25 -29.17
CA ARG A 95 -29.05 30.79 -28.21
C ARG A 95 -29.62 32.01 -27.51
N MET A 96 -30.90 31.95 -27.17
CA MET A 96 -31.52 32.97 -26.33
CA MET A 96 -31.50 32.96 -26.31
C MET A 96 -32.46 32.27 -25.36
N ILE A 97 -32.34 32.57 -24.08
CA ILE A 97 -33.24 31.99 -23.08
C ILE A 97 -33.68 33.14 -22.18
N GLY A 98 -34.90 33.04 -21.66
CA GLY A 98 -35.32 34.04 -20.69
C GLY A 98 -36.80 33.94 -20.38
N CYS A 99 -37.29 34.99 -19.70
CA CYS A 99 -38.63 35.00 -19.16
C CYS A 99 -39.10 36.45 -19.06
N GLU A 100 -40.41 36.61 -18.99
CA GLU A 100 -41.02 37.92 -18.74
C GLU A 100 -41.99 37.82 -17.58
N LEU A 101 -41.95 38.83 -16.72
CA LEU A 101 -42.96 39.03 -15.68
C LEU A 101 -43.83 40.20 -16.13
N LEU A 102 -45.07 39.92 -16.52
CA LEU A 102 -45.95 40.94 -17.06
C LEU A 102 -46.59 41.76 -15.96
N GLU A 103 -47.05 42.95 -16.34
CA GLU A 103 -47.68 43.87 -15.40
C GLU A 103 -48.80 43.19 -14.61
N ASP A 104 -49.67 42.43 -15.31
CA ASP A 104 -50.80 41.77 -14.65
C ASP A 104 -50.40 40.56 -13.82
N GLY A 105 -49.11 40.24 -13.72
CA GLY A 105 -48.63 39.16 -12.89
C GLY A 105 -48.42 37.84 -13.60
N SER A 106 -48.88 37.72 -14.84
CA SER A 106 -48.63 36.53 -15.63
C SER A 106 -47.15 36.46 -16.06
N THR A 107 -46.74 35.29 -16.56
CA THR A 107 -45.35 35.09 -16.96
C THR A 107 -45.30 34.40 -18.31
N THR A 108 -44.17 34.61 -18.98
CA THR A 108 -43.82 33.89 -20.18
C THR A 108 -42.39 33.39 -20.05
N GLY A 109 -42.06 32.40 -20.86
CA GLY A 109 -40.73 31.82 -20.84
C GLY A 109 -40.40 31.27 -22.21
N PHE A 110 -39.13 31.38 -22.59
CA PHE A 110 -38.77 31.04 -23.96
C PHE A 110 -37.33 30.58 -24.02
N LEU A 111 -37.03 29.78 -25.04
CA LEU A 111 -35.70 29.24 -25.29
C LEU A 111 -35.67 28.84 -26.75
N GLN A 112 -34.68 29.36 -27.48
CA GLN A 112 -34.59 29.04 -28.89
C GLN A 112 -33.15 29.17 -29.32
N TYR A 113 -32.86 28.61 -30.49
CA TYR A 113 -31.54 28.63 -31.09
C TYR A 113 -31.65 29.10 -32.54
N ALA A 114 -30.52 29.61 -33.05
CA ALA A 114 -30.45 30.04 -34.44
C ALA A 114 -29.14 29.57 -35.05
N TYR A 115 -29.17 29.32 -36.36
CA TYR A 115 -27.98 29.03 -37.12
C TYR A 115 -27.88 30.04 -38.25
N ASP A 116 -26.74 30.69 -38.37
CA ASP A 116 -26.55 31.79 -39.31
C ASP A 116 -27.64 32.86 -39.16
N GLY A 117 -28.05 33.11 -37.92
CA GLY A 117 -28.98 34.19 -37.64
C GLY A 117 -30.42 33.92 -37.98
N GLN A 118 -30.78 32.65 -38.21
CA GLN A 118 -32.14 32.27 -38.55
C GLN A 118 -32.61 31.22 -37.56
N ASP A 119 -33.89 31.29 -37.18
CA ASP A 119 -34.47 30.30 -36.29
C ASP A 119 -34.04 28.89 -36.68
N PHE A 120 -33.64 28.11 -35.68
CA PHE A 120 -33.19 26.74 -35.87
C PHE A 120 -33.99 25.75 -35.02
N LEU A 121 -34.09 26.00 -33.71
CA LEU A 121 -34.89 25.17 -32.81
C LEU A 121 -35.59 26.06 -31.80
N ILE A 122 -36.88 25.82 -31.58
CA ILE A 122 -37.69 26.61 -30.66
C ILE A 122 -38.35 25.68 -29.66
N PHE A 123 -38.15 25.95 -28.38
CA PHE A 123 -38.69 25.13 -27.31
C PHE A 123 -40.13 25.55 -26.99
N ASN A 124 -41.01 24.56 -26.88
CA ASN A 124 -42.38 24.77 -26.38
C ASN A 124 -42.42 24.13 -25.00
N LYS A 125 -42.42 24.95 -23.93
CA LYS A 125 -42.39 24.39 -22.58
C LYS A 125 -43.76 23.91 -22.11
N ASP A 126 -44.80 24.08 -22.91
CA ASP A 126 -46.10 23.54 -22.53
C ASP A 126 -46.33 22.16 -23.13
N THR A 127 -45.98 21.98 -24.40
CA THR A 127 -46.05 20.65 -24.96
C THR A 127 -44.78 19.86 -24.72
N LEU A 128 -43.75 20.49 -24.14
CA LEU A 128 -42.46 19.86 -23.85
C LEU A 128 -41.86 19.23 -25.11
N SER A 129 -41.63 20.08 -26.11
CA SER A 129 -41.12 19.62 -27.39
C SER A 129 -40.36 20.75 -28.07
N TRP A 130 -39.57 20.35 -29.06
CA TRP A 130 -38.75 21.26 -29.83
C TRP A 130 -39.30 21.36 -31.25
N LEU A 131 -39.48 22.58 -31.74
CA LEU A 131 -39.90 22.79 -33.11
C LEU A 131 -38.64 22.91 -33.98
N ALA A 132 -38.53 22.06 -35.00
CA ALA A 132 -37.40 22.08 -35.92
C ALA A 132 -37.76 22.73 -37.25
N VAL A 133 -36.85 23.55 -37.79
CA VAL A 133 -37.12 24.26 -39.03
C VAL A 133 -36.63 23.50 -40.25
N ASP A 134 -35.82 22.46 -40.07
CA ASP A 134 -35.26 21.75 -41.21
C ASP A 134 -34.75 20.40 -40.70
N ASN A 135 -34.11 19.64 -41.56
CA ASN A 135 -33.82 18.25 -41.16
C ASN A 135 -32.56 18.12 -40.34
N VAL A 136 -31.69 19.12 -40.36
CA VAL A 136 -30.58 19.17 -39.40
C VAL A 136 -31.11 19.44 -38.01
N ALA A 137 -31.99 20.45 -37.87
CA ALA A 137 -32.66 20.67 -36.60
C ALA A 137 -33.46 19.45 -36.16
N HIS A 138 -34.08 18.76 -37.12
CA HIS A 138 -34.91 17.61 -36.78
C HIS A 138 -34.08 16.49 -36.16
N THR A 139 -32.86 16.29 -36.67
CA THR A 139 -31.97 15.31 -36.04
C THR A 139 -31.66 15.73 -34.61
N ILE A 140 -31.43 17.02 -34.37
CA ILE A 140 -31.12 17.47 -33.01
C ILE A 140 -32.35 17.37 -32.11
N LYS A 141 -33.51 17.77 -32.64
CA LYS A 141 -34.79 17.60 -31.94
C LYS A 141 -34.95 16.17 -31.40
N GLN A 142 -34.73 15.17 -32.25
CA GLN A 142 -34.87 13.78 -31.81
C GLN A 142 -33.99 13.48 -30.62
N ALA A 143 -32.72 13.90 -30.67
CA ALA A 143 -31.80 13.61 -29.57
C ALA A 143 -32.17 14.36 -28.30
N TRP A 144 -32.61 15.61 -28.42
CA TRP A 144 -32.95 16.37 -27.23
C TRP A 144 -34.24 15.86 -26.60
N GLU A 145 -35.19 15.45 -27.42
CA GLU A 145 -36.47 14.99 -26.91
C GLU A 145 -36.38 13.59 -26.31
N ALA A 146 -35.31 12.85 -26.59
CA ALA A 146 -35.12 11.55 -25.95
C ALA A 146 -34.74 11.69 -24.48
N ASN A 147 -34.30 12.87 -24.08
CA ASN A 147 -33.90 13.15 -22.70
C ASN A 147 -35.05 13.92 -22.05
N GLN A 148 -36.11 13.18 -21.71
CA GLN A 148 -37.31 13.84 -21.20
C GLN A 148 -37.00 14.65 -19.94
N HIS A 149 -36.05 14.20 -19.12
CA HIS A 149 -35.78 14.91 -17.88
C HIS A 149 -35.19 16.29 -18.10
N GLU A 150 -34.36 16.44 -19.13
CA GLU A 150 -33.82 17.75 -19.43
C GLU A 150 -34.91 18.70 -19.91
N LEU A 151 -35.95 18.18 -20.58
CA LEU A 151 -37.06 19.04 -20.98
C LEU A 151 -37.80 19.55 -19.75
N LEU A 152 -38.09 18.65 -18.80
CA LEU A 152 -38.75 19.02 -17.55
C LEU A 152 -37.91 20.04 -16.79
N TYR A 153 -36.60 19.81 -16.72
CA TYR A 153 -35.69 20.78 -16.09
C TYR A 153 -35.81 22.17 -16.74
N GLN A 154 -35.86 22.24 -18.08
CA GLN A 154 -35.94 23.53 -18.73
CA GLN A 154 -35.96 23.53 -18.76
C GLN A 154 -37.29 24.22 -18.46
N LYS A 155 -38.36 23.44 -18.41
CA LYS A 155 -39.66 24.02 -18.05
C LYS A 155 -39.60 24.62 -16.66
N ASN A 156 -39.03 23.89 -15.70
CA ASN A 156 -38.91 24.42 -14.34
C ASN A 156 -38.04 25.66 -14.31
N TRP A 157 -36.90 25.64 -15.02
CA TRP A 157 -36.04 26.83 -14.99
C TRP A 157 -36.77 28.05 -15.57
N LEU A 158 -37.45 27.86 -16.69
CA LEU A 158 -38.12 28.98 -17.35
C LEU A 158 -39.27 29.52 -16.51
N GLU A 159 -40.05 28.64 -15.87
CA GLU A 159 -41.25 29.07 -15.18
C GLU A 159 -40.98 29.50 -13.75
N GLU A 160 -40.00 28.91 -13.07
CA GLU A 160 -39.76 29.20 -11.66
C GLU A 160 -38.45 29.95 -11.44
N GLU A 161 -37.31 29.37 -11.84
CA GLU A 161 -36.00 29.97 -11.52
C GLU A 161 -35.79 31.30 -12.23
N CYS A 162 -36.02 31.33 -13.53
CA CYS A 162 -35.83 32.57 -14.28
C CYS A 162 -36.62 33.72 -13.67
N ILE A 163 -37.87 33.46 -13.28
CA ILE A 163 -38.71 34.53 -12.73
C ILE A 163 -38.16 34.97 -11.37
N ALA A 164 -37.62 34.04 -10.58
CA ALA A 164 -37.01 34.41 -9.29
C ALA A 164 -35.75 35.25 -9.50
N TRP A 165 -34.90 34.89 -10.47
CA TRP A 165 -33.73 35.72 -10.80
C TRP A 165 -34.17 37.12 -11.22
N LEU A 166 -35.20 37.20 -12.05
CA LEU A 166 -35.65 38.48 -12.57
C LEU A 166 -36.11 39.38 -11.43
N LYS A 167 -36.91 38.82 -10.51
CA LYS A 167 -37.39 39.61 -9.37
C LYS A 167 -36.24 40.09 -8.51
N ARG A 168 -35.22 39.23 -8.33
CA ARG A 168 -34.04 39.61 -7.57
C ARG A 168 -33.26 40.73 -8.26
N PHE A 169 -33.07 40.63 -9.59
CA PHE A 169 -32.32 41.69 -10.29
C PHE A 169 -33.14 42.97 -10.38
N LEU A 170 -34.46 42.86 -10.53
CA LEU A 170 -35.31 44.04 -10.57
CA LEU A 170 -35.32 44.04 -10.57
C LEU A 170 -35.21 44.84 -9.28
N GLU A 171 -35.02 44.17 -8.15
CA GLU A 171 -34.88 44.87 -6.89
C GLU A 171 -33.48 45.47 -6.75
N TYR A 172 -32.45 44.72 -7.14
CA TYR A 172 -31.09 45.27 -7.22
C TYR A 172 -31.06 46.57 -8.04
N GLY A 173 -31.68 46.55 -9.22
CA GLY A 173 -31.62 47.71 -10.09
C GLY A 173 -32.82 48.64 -10.04
N LYS A 174 -33.59 48.62 -8.95
CA LYS A 174 -34.89 49.28 -8.99
C LYS A 174 -34.77 50.78 -9.28
N ASP A 175 -33.69 51.42 -8.82
CA ASP A 175 -33.50 52.85 -9.09
C ASP A 175 -33.41 53.15 -10.57
N THR A 176 -32.81 52.23 -11.33
CA THR A 176 -32.73 52.41 -12.78
C THR A 176 -34.00 51.90 -13.45
N LEU A 177 -34.39 50.66 -13.15
CA LEU A 177 -35.35 49.92 -13.94
C LEU A 177 -36.78 50.36 -13.69
N GLN A 178 -37.07 50.84 -12.49
CA GLN A 178 -38.46 51.13 -12.11
C GLN A 178 -38.75 52.63 -12.09
N ARG A 179 -37.81 53.45 -12.55
CA ARG A 179 -38.01 54.90 -12.61
C ARG A 179 -38.82 55.27 -13.85
N THR A 180 -39.27 56.52 -13.89
CA THR A 180 -39.99 57.05 -15.05
C THR A 180 -39.45 58.44 -15.37
N GLU A 181 -39.07 58.64 -16.62
CA GLU A 181 -38.65 59.94 -17.12
C GLU A 181 -39.61 60.27 -18.25
N PRO A 182 -40.53 61.22 -18.07
CA PRO A 182 -41.55 61.46 -19.11
C PRO A 182 -40.92 62.07 -20.35
N PRO A 183 -41.51 61.86 -21.53
CA PRO A 183 -40.96 62.44 -22.75
C PRO A 183 -41.23 63.94 -22.87
N LEU A 184 -40.29 64.63 -23.50
CA LEU A 184 -40.53 65.97 -24.04
C LEU A 184 -40.95 65.82 -25.49
N VAL A 185 -42.11 66.33 -25.85
CA VAL A 185 -42.70 66.10 -27.18
C VAL A 185 -42.94 67.45 -27.85
N ARG A 186 -42.64 67.51 -29.15
CA ARG A 186 -42.86 68.70 -29.97
C ARG A 186 -43.30 68.26 -31.36
N VAL A 187 -43.80 69.19 -32.16
CA VAL A 187 -44.09 68.99 -33.58
C VAL A 187 -43.31 70.00 -34.41
N ASN A 188 -42.75 69.54 -35.53
CA ASN A 188 -42.03 70.38 -36.48
CA ASN A 188 -42.11 70.46 -36.46
C ASN A 188 -42.52 70.10 -37.89
N ARG A 189 -42.38 71.08 -38.77
CA ARG A 189 -42.70 70.96 -40.19
C ARG A 189 -41.41 70.75 -40.97
N LYS A 190 -41.30 69.61 -41.66
CA LYS A 190 -40.11 69.31 -42.45
C LYS A 190 -40.43 69.22 -43.94
N THR A 197 -44.33 68.17 -47.87
CA THR A 197 -44.18 68.60 -46.47
C THR A 197 -44.88 67.64 -45.49
N ALA A 198 -44.20 67.34 -44.38
CA ALA A 198 -44.70 66.38 -43.41
C ALA A 198 -44.60 66.95 -42.01
N LEU A 199 -45.53 66.54 -41.16
CA LEU A 199 -45.48 66.87 -39.74
C LEU A 199 -44.70 65.78 -39.02
N PHE A 200 -43.72 66.18 -38.22
CA PHE A 200 -42.91 65.28 -37.42
C PHE A 200 -43.21 65.51 -35.95
N CYS A 201 -43.68 64.46 -35.29
CA CYS A 201 -43.88 64.46 -33.86
CA CYS A 201 -43.90 64.44 -33.85
C CYS A 201 -42.68 63.78 -33.22
N LYS A 202 -41.96 64.52 -32.37
CA LYS A 202 -40.69 64.05 -31.82
C LYS A 202 -40.74 64.00 -30.31
N ALA A 203 -40.26 62.90 -29.73
CA ALA A 203 -40.15 62.75 -28.29
C ALA A 203 -38.72 62.42 -27.91
N HIS A 204 -38.24 63.01 -26.82
CA HIS A 204 -36.91 62.66 -26.33
C HIS A 204 -36.89 62.72 -24.81
N GLY A 205 -35.80 62.19 -24.25
CA GLY A 205 -35.56 62.24 -22.83
C GLY A 205 -36.38 61.27 -21.99
N PHE A 206 -36.96 60.23 -22.59
CA PHE A 206 -37.87 59.40 -21.81
C PHE A 206 -37.24 58.06 -21.43
N TYR A 207 -37.77 57.48 -20.35
CA TYR A 207 -37.42 56.16 -19.81
C TYR A 207 -38.68 55.68 -19.11
N PRO A 208 -39.11 54.41 -19.31
CA PRO A 208 -38.47 53.35 -20.08
C PRO A 208 -38.61 53.57 -21.57
N PRO A 209 -37.90 52.79 -22.40
CA PRO A 209 -37.95 53.02 -23.85
C PRO A 209 -39.30 52.77 -24.48
N GLU A 210 -40.15 51.93 -23.87
CA GLU A 210 -41.47 51.64 -24.45
C GLU A 210 -42.33 52.91 -24.51
N ILE A 211 -42.83 53.24 -25.70
CA ILE A 211 -43.61 54.45 -25.94
C ILE A 211 -44.44 54.21 -27.20
N TYR A 212 -45.61 54.83 -27.27
CA TYR A 212 -46.50 54.71 -28.42
C TYR A 212 -46.82 56.11 -28.92
N MET A 213 -46.39 56.40 -30.14
CA MET A 213 -46.64 57.68 -30.78
C MET A 213 -47.39 57.41 -32.08
N THR A 214 -48.43 58.18 -32.34
CA THR A 214 -49.14 58.00 -33.58
C THR A 214 -49.77 59.34 -33.95
N TRP A 215 -50.27 59.41 -35.17
CA TRP A 215 -50.96 60.59 -35.68
C TRP A 215 -52.43 60.28 -35.88
N MET A 216 -53.26 61.27 -35.61
CA MET A 216 -54.68 61.19 -35.87
C MET A 216 -55.03 62.30 -36.85
N LYS A 217 -55.98 62.01 -37.72
CA LYS A 217 -56.44 62.97 -38.73
C LYS A 217 -57.95 63.13 -38.52
N ASN A 218 -58.34 64.30 -38.02
CA ASN A 218 -59.74 64.57 -37.65
C ASN A 218 -60.28 63.46 -36.74
N GLY A 219 -59.48 63.08 -35.76
CA GLY A 219 -59.91 62.07 -34.80
C GLY A 219 -59.95 60.65 -35.33
N GLU A 220 -59.21 60.35 -36.39
CA GLU A 220 -59.17 59.01 -36.96
C GLU A 220 -57.73 58.61 -37.19
N GLU A 221 -57.40 57.37 -36.87
CA GLU A 221 -56.01 56.95 -37.04
C GLU A 221 -55.76 56.60 -38.50
N ILE A 222 -54.50 56.73 -38.91
CA ILE A 222 -54.12 56.57 -40.31
C ILE A 222 -52.88 55.70 -40.39
N VAL A 223 -52.98 54.46 -39.89
CA VAL A 223 -51.80 53.61 -39.70
C VAL A 223 -51.00 53.48 -40.98
N GLN A 224 -51.69 53.30 -42.12
CA GLN A 224 -51.01 53.02 -43.38
C GLN A 224 -50.26 54.25 -43.90
N GLU A 225 -50.67 55.46 -43.52
CA GLU A 225 -50.02 56.67 -43.99
C GLU A 225 -48.94 57.21 -43.04
N ILE A 226 -48.77 56.61 -41.86
CA ILE A 226 -47.85 57.12 -40.85
C ILE A 226 -46.50 56.44 -40.98
N ASP A 227 -45.44 57.22 -40.95
CA ASP A 227 -44.08 56.72 -40.87
C ASP A 227 -43.62 56.71 -39.42
N TYR A 228 -43.18 55.56 -38.94
CA TYR A 228 -42.82 55.37 -37.54
C TYR A 228 -41.30 55.26 -37.42
N GLY A 229 -40.67 56.22 -36.76
CA GLY A 229 -39.26 56.11 -36.45
C GLY A 229 -39.00 55.13 -35.31
N ASP A 230 -37.74 54.69 -35.24
CA ASP A 230 -37.33 53.74 -34.22
C ASP A 230 -37.14 54.42 -32.86
N ILE A 231 -37.32 53.64 -31.81
CA ILE A 231 -36.94 54.09 -30.46
C ILE A 231 -35.43 53.95 -30.34
N LEU A 232 -34.74 55.07 -30.12
CA LEU A 232 -33.28 55.06 -30.20
C LEU A 232 -32.64 55.48 -28.89
N PRO A 233 -31.54 54.83 -28.49
CA PRO A 233 -30.83 55.27 -27.28
C PRO A 233 -30.19 56.63 -27.50
N SER A 234 -30.39 57.53 -26.55
CA SER A 234 -29.75 58.83 -26.64
C SER A 234 -28.34 58.85 -26.06
N GLY A 235 -27.93 57.80 -25.36
CA GLY A 235 -26.60 57.73 -24.80
C GLY A 235 -26.51 58.09 -23.34
N ASP A 236 -27.55 58.68 -22.75
CA ASP A 236 -27.51 59.09 -21.36
C ASP A 236 -28.46 58.26 -20.51
N GLY A 237 -28.92 57.13 -21.03
CA GLY A 237 -29.87 56.30 -20.35
C GLY A 237 -31.32 56.58 -20.69
N THR A 238 -31.61 57.60 -21.49
CA THR A 238 -32.94 57.91 -21.97
C THR A 238 -33.01 57.66 -23.48
N TYR A 239 -34.21 57.76 -24.03
CA TYR A 239 -34.49 57.37 -25.40
C TYR A 239 -35.20 58.51 -26.15
N GLN A 240 -35.26 58.37 -27.48
CA GLN A 240 -35.95 59.30 -28.35
C GLN A 240 -36.64 58.53 -29.47
N ALA A 241 -37.64 59.16 -30.07
CA ALA A 241 -38.46 58.51 -31.09
C ALA A 241 -39.20 59.59 -31.88
N TRP A 242 -39.83 59.19 -32.97
CA TRP A 242 -40.60 60.15 -33.77
C TRP A 242 -41.61 59.42 -34.64
N ALA A 243 -42.54 60.19 -35.21
CA ALA A 243 -43.49 59.69 -36.19
C ALA A 243 -43.89 60.85 -37.08
N SER A 244 -44.08 60.56 -38.38
CA SER A 244 -44.39 61.61 -39.35
C SER A 244 -45.60 61.23 -40.19
N ILE A 245 -46.28 62.25 -40.66
CA ILE A 245 -47.43 62.06 -41.53
C ILE A 245 -47.38 63.17 -42.57
N GLU A 246 -47.79 62.86 -43.80
CA GLU A 246 -47.65 63.79 -44.90
C GLU A 246 -48.86 64.71 -45.00
N LEU A 247 -48.59 65.98 -45.24
CA LEU A 247 -49.63 67.01 -45.29
C LEU A 247 -50.33 66.99 -46.63
N ASP A 248 -51.67 66.99 -46.61
CA ASP A 248 -52.44 67.16 -47.84
C ASP A 248 -52.51 68.65 -48.19
N PRO A 249 -51.79 69.09 -49.23
CA PRO A 249 -51.76 70.53 -49.55
C PRO A 249 -53.04 71.04 -50.19
N GLN A 250 -53.98 70.16 -50.50
CA GLN A 250 -55.21 70.52 -51.20
C GLN A 250 -56.40 70.70 -50.26
N SER A 251 -56.29 70.28 -49.01
CA SER A 251 -57.38 70.39 -48.05
C SER A 251 -56.80 70.45 -46.63
N SER A 252 -57.40 71.28 -45.78
CA SER A 252 -56.95 71.35 -44.39
C SER A 252 -57.52 70.18 -43.60
N ASN A 253 -56.79 69.80 -42.56
CA ASN A 253 -57.25 68.74 -41.68
C ASN A 253 -56.78 69.06 -40.27
N LEU A 254 -57.49 68.51 -39.29
CA LEU A 254 -57.09 68.62 -37.89
C LEU A 254 -56.19 67.43 -37.60
N TYR A 255 -54.88 67.66 -37.59
CA TYR A 255 -53.91 66.64 -37.21
C TYR A 255 -53.56 66.77 -35.74
N SER A 256 -53.27 65.64 -35.12
CA SER A 256 -52.85 65.66 -33.73
C SER A 256 -51.99 64.45 -33.49
N CYS A 257 -50.85 64.64 -32.83
CA CYS A 257 -49.96 63.57 -32.42
CA CYS A 257 -50.07 63.48 -32.47
C CYS A 257 -50.34 63.10 -31.03
N HIS A 258 -50.33 61.78 -30.81
CA HIS A 258 -50.74 61.15 -29.56
C HIS A 258 -49.56 60.34 -29.05
N VAL A 259 -49.17 60.58 -27.81
CA VAL A 259 -48.06 59.85 -27.21
C VAL A 259 -48.56 59.17 -25.95
N GLU A 260 -48.28 57.89 -25.82
CA GLU A 260 -48.53 57.17 -24.59
C GLU A 260 -47.21 56.67 -24.05
N HIS A 261 -46.95 56.95 -22.78
CA HIS A 261 -45.74 56.53 -22.10
C HIS A 261 -46.07 56.33 -20.63
N SER A 262 -45.86 55.11 -20.13
CA SER A 262 -45.91 54.82 -18.70
C SER A 262 -47.21 55.27 -18.05
N GLY A 263 -48.34 54.97 -18.70
CA GLY A 263 -49.62 55.28 -18.09
C GLY A 263 -50.13 56.69 -18.28
N VAL A 264 -49.47 57.52 -19.07
CA VAL A 264 -49.88 58.92 -19.29
C VAL A 264 -50.03 59.12 -20.79
N HIS A 265 -51.15 59.75 -21.18
CA HIS A 265 -51.42 60.02 -22.58
C HIS A 265 -51.32 61.52 -22.80
N MET A 266 -50.78 61.92 -23.94
CA MET A 266 -50.72 63.34 -24.27
CA MET A 266 -50.76 63.34 -24.27
C MET A 266 -51.08 63.52 -25.74
N VAL A 267 -51.67 64.68 -26.05
CA VAL A 267 -52.09 65.05 -27.39
C VAL A 267 -51.51 66.43 -27.70
N LEU A 268 -50.84 66.54 -28.86
CA LEU A 268 -50.37 67.82 -29.37
C LEU A 268 -51.19 68.07 -30.63
N GLN A 269 -52.18 68.95 -30.50
CA GLN A 269 -53.06 69.31 -31.59
C GLN A 269 -52.38 70.40 -32.40
N VAL A 270 -52.18 70.19 -33.70
CA VAL A 270 -51.45 71.19 -34.46
C VAL A 270 -52.44 72.15 -35.10
N PRO A 271 -52.28 73.47 -34.90
CA PRO A 271 -53.20 74.49 -35.36
C PRO A 271 -52.78 75.06 -36.71
N GLY B 2 -28.31 28.89 6.19
CA GLY B 2 -27.73 28.14 5.09
C GLY B 2 -28.73 27.24 4.40
N GLN B 3 -28.24 26.46 3.44
CA GLN B 3 -29.05 25.47 2.75
C GLN B 3 -28.90 24.12 3.46
N ASN B 4 -30.00 23.40 3.61
CA ASN B 4 -29.89 22.11 4.26
CA ASN B 4 -29.99 22.14 4.35
C ASN B 4 -30.81 21.09 3.63
N ILE B 5 -30.42 19.85 3.79
CA ILE B 5 -31.22 18.74 3.28
CA ILE B 5 -31.19 18.72 3.26
C ILE B 5 -31.27 17.69 4.38
N ASP B 6 -32.46 17.18 4.64
CA ASP B 6 -32.62 16.28 5.77
C ASP B 6 -33.28 14.97 5.37
N GLN B 7 -32.71 13.88 5.87
CA GLN B 7 -33.32 12.58 5.65
C GLN B 7 -32.99 11.76 6.88
N PRO B 8 -33.84 10.78 7.21
CA PRO B 8 -33.59 10.00 8.43
C PRO B 8 -32.28 9.24 8.31
N THR B 9 -31.63 9.02 9.47
CA THR B 9 -30.37 8.30 9.50
C THR B 9 -30.52 6.85 9.07
N GLU B 10 -31.61 6.20 9.50
CA GLU B 10 -31.72 4.77 9.31
C GLU B 10 -33.20 4.40 9.35
N MET B 11 -33.54 3.38 8.56
CA MET B 11 -34.87 2.82 8.49
C MET B 11 -34.76 1.30 8.43
N THR B 12 -35.71 0.61 9.05
CA THR B 12 -35.73 -0.85 9.04
C THR B 12 -37.12 -1.32 8.65
N ALA B 13 -37.18 -2.25 7.71
CA ALA B 13 -38.44 -2.77 7.22
C ALA B 13 -38.26 -4.25 6.90
N THR B 14 -39.37 -4.91 6.59
CA THR B 14 -39.37 -6.36 6.44
C THR B 14 -39.37 -6.71 4.95
N GLU B 15 -38.65 -7.76 4.61
CA GLU B 15 -38.64 -8.27 3.24
C GLU B 15 -40.06 -8.42 2.69
N GLY B 16 -40.27 -7.99 1.45
CA GLY B 16 -41.59 -8.08 0.84
C GLY B 16 -42.48 -6.88 1.09
N ALA B 17 -42.14 -6.02 2.04
CA ALA B 17 -42.98 -4.89 2.37
C ALA B 17 -42.63 -3.66 1.52
N ILE B 18 -43.12 -2.50 1.94
CA ILE B 18 -42.91 -1.23 1.25
C ILE B 18 -42.23 -0.28 2.23
N VAL B 19 -41.35 0.57 1.71
CA VAL B 19 -40.73 1.59 2.55
C VAL B 19 -40.66 2.91 1.76
N GLN B 20 -40.89 4.00 2.46
CA GLN B 20 -40.85 5.34 1.90
C GLN B 20 -39.73 6.11 2.58
N ILE B 21 -38.74 6.54 1.82
CA ILE B 21 -37.60 7.25 2.39
C ILE B 21 -37.78 8.73 2.10
N ASN B 22 -37.87 9.55 3.15
CA ASN B 22 -38.22 10.96 3.00
C ASN B 22 -36.98 11.82 2.88
N CYS B 23 -37.10 12.91 2.13
CA CYS B 23 -36.01 13.88 1.99
C CYS B 23 -36.66 15.25 1.95
N THR B 24 -36.30 16.12 2.88
CA THR B 24 -36.79 17.49 2.90
CA THR B 24 -36.79 17.49 2.90
C THR B 24 -35.62 18.43 2.64
N TYR B 25 -35.87 19.52 1.90
CA TYR B 25 -34.77 20.40 1.57
C TYR B 25 -35.19 21.85 1.76
N GLN B 26 -34.23 22.68 2.16
CA GLN B 26 -34.35 24.14 2.17
C GLN B 26 -33.14 24.66 1.40
N THR B 27 -33.37 25.21 0.21
CA THR B 27 -32.26 25.59 -0.64
C THR B 27 -32.53 26.95 -1.26
N SER B 28 -31.47 27.60 -1.73
CA SER B 28 -31.58 28.84 -2.47
CA SER B 28 -31.58 28.84 -2.47
C SER B 28 -31.73 28.47 -3.93
N GLY B 29 -32.98 28.40 -4.39
CA GLY B 29 -33.32 28.02 -5.75
C GLY B 29 -33.34 26.50 -5.87
N PHE B 30 -33.95 26.01 -6.95
CA PHE B 30 -34.15 24.58 -7.11
C PHE B 30 -34.07 24.23 -8.58
N ASN B 31 -33.13 23.33 -8.92
CA ASN B 31 -32.95 22.84 -10.27
C ASN B 31 -33.05 21.32 -10.33
N GLY B 32 -33.72 20.71 -9.35
CA GLY B 32 -33.99 19.30 -9.38
C GLY B 32 -33.40 18.51 -8.22
N LEU B 33 -33.98 17.35 -7.97
CA LEU B 33 -33.64 16.53 -6.82
C LEU B 33 -33.30 15.14 -7.32
N PHE B 34 -32.19 14.59 -6.82
CA PHE B 34 -31.66 13.31 -7.22
C PHE B 34 -31.73 12.31 -6.07
N TRP B 35 -31.92 11.04 -6.40
CA TRP B 35 -31.72 9.94 -5.45
C TRP B 35 -30.62 9.04 -5.98
N TYR B 36 -29.72 8.62 -5.09
CA TYR B 36 -28.65 7.67 -5.39
C TYR B 36 -28.72 6.51 -4.42
N GLN B 37 -28.33 5.33 -4.90
CA GLN B 37 -28.17 4.15 -4.05
C GLN B 37 -26.69 3.88 -3.80
N GLN B 38 -26.33 3.55 -2.55
CA GLN B 38 -24.93 3.28 -2.24
C GLN B 38 -24.89 2.03 -1.36
N HIS B 39 -24.56 0.90 -1.97
CA HIS B 39 -24.31 -0.29 -1.19
C HIS B 39 -23.07 -0.10 -0.31
N ALA B 40 -23.08 -0.75 0.86
CA ALA B 40 -21.94 -0.67 1.78
C ALA B 40 -20.63 -0.98 1.06
N GLY B 41 -19.65 -0.11 1.24
CA GLY B 41 -18.36 -0.25 0.62
C GLY B 41 -18.30 0.08 -0.86
N GLU B 42 -19.38 0.52 -1.48
CA GLU B 42 -19.43 0.71 -2.94
C GLU B 42 -19.66 2.18 -3.27
N ALA B 43 -19.67 2.47 -4.56
CA ALA B 43 -19.92 3.81 -5.08
C ALA B 43 -21.42 4.08 -5.14
N PRO B 44 -21.82 5.34 -4.95
CA PRO B 44 -23.21 5.70 -5.24
C PRO B 44 -23.50 5.48 -6.72
N THR B 45 -24.72 5.02 -7.00
CA THR B 45 -25.21 5.01 -8.38
C THR B 45 -26.58 5.70 -8.45
N PHE B 46 -26.81 6.33 -9.60
CA PHE B 46 -27.99 7.15 -9.84
C PHE B 46 -29.28 6.31 -9.86
N LEU B 47 -30.29 6.75 -9.09
CA LEU B 47 -31.60 6.12 -9.14
C LEU B 47 -32.65 6.94 -9.88
N SER B 48 -32.75 8.23 -9.60
CA SER B 48 -33.89 8.99 -10.10
C SER B 48 -33.59 10.48 -10.05
N TYR B 49 -34.35 11.22 -10.87
CA TYR B 49 -34.34 12.67 -10.91
C TYR B 49 -35.77 13.18 -11.01
N ASN B 50 -36.10 14.19 -10.20
CA ASN B 50 -37.40 14.86 -10.25
C ASN B 50 -37.17 16.36 -10.21
N VAL B 51 -38.00 17.11 -10.95
CA VAL B 51 -37.84 18.56 -10.94
C VAL B 51 -39.23 19.21 -11.07
N LEU B 52 -40.20 18.52 -11.65
CA LEU B 52 -41.58 18.97 -11.57
C LEU B 52 -42.31 18.13 -10.54
N ASP B 53 -43.51 18.57 -10.18
CA ASP B 53 -44.27 17.91 -9.13
C ASP B 53 -44.88 16.60 -9.63
N GLY B 54 -44.89 15.59 -8.75
CA GLY B 54 -45.61 14.36 -9.03
C GLY B 54 -44.77 13.14 -8.73
N LEU B 55 -45.28 11.99 -9.17
CA LEU B 55 -44.70 10.69 -8.90
C LEU B 55 -44.16 10.11 -10.21
N GLU B 56 -42.94 9.57 -10.17
CA GLU B 56 -42.31 8.92 -11.31
C GLU B 56 -41.90 7.51 -10.91
N GLU B 57 -42.18 6.54 -11.79
CA GLU B 57 -41.99 5.13 -11.50
C GLU B 57 -40.83 4.58 -12.31
N LYS B 58 -40.10 3.63 -11.71
CA LYS B 58 -38.94 3.02 -12.37
C LYS B 58 -38.70 1.66 -11.71
N GLY B 59 -39.34 0.63 -12.24
CA GLY B 59 -39.25 -0.67 -11.62
C GLY B 59 -39.98 -0.69 -10.30
N ARG B 60 -39.32 -1.28 -9.28
CA ARG B 60 -39.90 -1.34 -7.94
C ARG B 60 -39.77 -0.03 -7.18
N PHE B 61 -39.04 0.94 -7.73
CA PHE B 61 -38.78 2.22 -7.08
C PHE B 61 -39.60 3.30 -7.78
N SER B 62 -40.19 4.15 -6.99
CA SER B 62 -40.83 5.37 -7.47
CA SER B 62 -40.80 5.37 -7.49
C SER B 62 -40.26 6.55 -6.70
N SER B 63 -40.27 7.71 -7.33
N SER B 63 -40.23 7.71 -7.34
CA SER B 63 -39.75 8.93 -6.72
CA SER B 63 -39.75 8.92 -6.67
C SER B 63 -40.79 10.03 -6.86
C SER B 63 -40.78 10.02 -6.84
N PHE B 64 -41.10 10.68 -5.74
CA PHE B 64 -42.11 11.73 -5.69
C PHE B 64 -41.46 13.06 -5.36
N LEU B 65 -42.03 14.16 -5.87
CA LEU B 65 -41.55 15.48 -5.52
C LEU B 65 -42.72 16.44 -5.33
N SER B 66 -42.64 17.27 -4.30
CA SER B 66 -43.51 18.44 -4.12
C SER B 66 -42.62 19.66 -3.95
N ARG B 67 -42.53 20.50 -4.97
CA ARG B 67 -41.66 21.68 -4.87
C ARG B 67 -42.16 22.65 -3.80
N SER B 68 -43.48 22.79 -3.65
CA SER B 68 -43.99 23.81 -2.71
C SER B 68 -43.74 23.39 -1.27
N LYS B 69 -43.78 22.09 -0.98
CA LYS B 69 -43.45 21.59 0.34
C LYS B 69 -41.97 21.36 0.54
N GLY B 70 -41.17 21.43 -0.53
CA GLY B 70 -39.77 21.12 -0.46
C GLY B 70 -39.52 19.71 0.05
N TYR B 71 -40.12 18.73 -0.62
N TYR B 71 -40.22 18.70 -0.47
CA TYR B 71 -40.22 17.36 -0.12
CA TYR B 71 -39.86 17.35 -0.04
C TYR B 71 -40.13 16.36 -1.27
C TYR B 71 -40.12 16.36 -1.15
N SER B 72 -39.39 15.27 -1.06
CA SER B 72 -39.38 14.15 -1.99
C SER B 72 -39.42 12.87 -1.17
N TYR B 73 -39.95 11.81 -1.74
CA TYR B 73 -39.64 10.51 -1.17
C TYR B 73 -39.26 9.54 -2.26
N LEU B 74 -38.48 8.55 -1.86
CA LEU B 74 -38.15 7.40 -2.67
C LEU B 74 -38.94 6.23 -2.09
N LEU B 75 -39.79 5.62 -2.90
CA LEU B 75 -40.69 4.56 -2.47
C LEU B 75 -40.15 3.25 -3.03
N LEU B 76 -39.83 2.29 -2.15
CA LEU B 76 -39.38 0.96 -2.55
C LEU B 76 -40.47 -0.07 -2.26
N LYS B 77 -40.94 -0.78 -3.28
CA LYS B 77 -41.97 -1.79 -3.12
C LYS B 77 -41.35 -3.19 -3.18
N GLU B 78 -42.08 -4.16 -2.61
CA GLU B 78 -41.68 -5.58 -2.59
C GLU B 78 -40.19 -5.72 -2.22
N LEU B 79 -39.87 -5.25 -1.02
CA LEU B 79 -38.49 -5.14 -0.59
C LEU B 79 -37.78 -6.48 -0.69
N GLN B 80 -36.52 -6.46 -1.12
CA GLN B 80 -35.68 -7.65 -1.20
C GLN B 80 -34.41 -7.38 -0.40
N MET B 81 -33.71 -8.44 0.01
CA MET B 81 -32.49 -8.23 0.79
C MET B 81 -31.48 -7.36 0.06
N LYS B 82 -31.41 -7.47 -1.27
CA LYS B 82 -30.43 -6.68 -2.01
C LYS B 82 -30.74 -5.20 -1.99
N ASP B 83 -31.92 -4.78 -1.50
CA ASP B 83 -32.19 -3.35 -1.33
C ASP B 83 -31.50 -2.77 -0.11
N SER B 84 -30.84 -3.60 0.71
CA SER B 84 -30.09 -3.12 1.86
C SER B 84 -28.92 -2.27 1.37
N ALA B 85 -28.92 -0.99 1.75
CA ALA B 85 -28.01 -0.03 1.12
C ALA B 85 -28.29 1.31 1.79
N SER B 86 -27.43 2.28 1.52
CA SER B 86 -27.78 3.64 1.86
C SER B 86 -28.40 4.33 0.65
N TYR B 87 -29.32 5.26 0.93
CA TYR B 87 -30.01 6.01 -0.11
C TYR B 87 -29.76 7.50 0.13
N LEU B 88 -29.13 8.16 -0.84
CA LEU B 88 -28.67 9.53 -0.71
C LEU B 88 -29.56 10.43 -1.55
N CYS B 89 -30.01 11.50 -0.94
N CYS B 89 -30.05 11.51 -0.96
CA CYS B 89 -30.75 12.54 -1.61
CA CYS B 89 -30.81 12.49 -1.72
C CYS B 89 -29.80 13.68 -1.93
C CYS B 89 -29.99 13.76 -1.85
N ALA B 90 -30.05 14.37 -3.04
CA ALA B 90 -29.22 15.51 -3.38
C ALA B 90 -30.02 16.50 -4.23
N VAL B 91 -29.82 17.78 -3.97
CA VAL B 91 -30.58 18.87 -4.63
C VAL B 91 -29.62 19.85 -5.28
N LYS B 92 -29.88 20.19 -6.54
CA LYS B 92 -29.14 21.25 -7.22
CA LYS B 92 -29.14 21.25 -7.22
C LYS B 92 -29.77 22.59 -6.88
N ASP B 93 -28.95 23.53 -6.41
CA ASP B 93 -29.50 24.83 -6.02
C ASP B 93 -29.52 25.77 -7.23
N SER B 94 -29.78 27.06 -6.99
CA SER B 94 -29.92 28.03 -8.07
CA SER B 94 -29.94 27.99 -8.09
C SER B 94 -28.68 28.09 -8.95
N ASN B 95 -27.50 27.77 -8.39
CA ASN B 95 -26.24 27.83 -9.13
C ASN B 95 -25.71 26.45 -9.49
N TYR B 96 -26.60 25.45 -9.55
CA TYR B 96 -26.29 24.08 -9.96
C TYR B 96 -25.28 23.43 -9.04
N GLN B 97 -25.18 23.92 -7.81
CA GLN B 97 -24.39 23.28 -6.78
C GLN B 97 -25.21 22.15 -6.17
N LEU B 98 -24.61 20.97 -6.07
CA LEU B 98 -25.30 19.82 -5.49
CA LEU B 98 -25.29 19.82 -5.49
C LEU B 98 -25.17 19.87 -3.98
N ILE B 99 -26.31 19.83 -3.28
CA ILE B 99 -26.34 19.78 -1.82
C ILE B 99 -26.79 18.38 -1.43
N TRP B 100 -25.96 17.66 -0.68
CA TRP B 100 -26.15 16.23 -0.41
C TRP B 100 -26.74 16.02 0.97
N GLY B 101 -27.80 15.23 1.06
CA GLY B 101 -28.23 14.72 2.36
C GLY B 101 -27.25 13.70 2.91
N ALA B 102 -27.31 13.46 4.23
CA ALA B 102 -26.35 12.56 4.86
C ALA B 102 -26.63 11.08 4.59
N GLY B 103 -27.74 10.75 3.94
CA GLY B 103 -28.00 9.37 3.61
C GLY B 103 -28.90 8.66 4.60
N THR B 104 -29.73 7.77 4.09
CA THR B 104 -30.55 6.90 4.92
C THR B 104 -30.09 5.47 4.71
N LYS B 105 -29.65 4.84 5.79
CA LYS B 105 -29.30 3.41 5.77
C LYS B 105 -30.57 2.57 5.89
N LEU B 106 -30.87 1.78 4.85
CA LEU B 106 -32.05 0.93 4.85
C LEU B 106 -31.65 -0.49 5.25
N ILE B 107 -32.21 -0.98 6.35
CA ILE B 107 -31.95 -2.34 6.85
C ILE B 107 -33.20 -3.16 6.57
N ILE B 108 -33.01 -4.35 6.00
CA ILE B 108 -34.13 -5.23 5.63
C ILE B 108 -34.05 -6.48 6.48
N LYS B 109 -35.13 -6.78 7.20
N LYS B 109 -35.13 -6.78 7.20
CA LYS B 109 -35.22 -8.02 7.97
CA LYS B 109 -35.22 -8.02 7.96
C LYS B 109 -35.71 -9.15 7.07
C LYS B 109 -35.72 -9.15 7.06
N PRO B 110 -34.98 -10.24 6.93
CA PRO B 110 -35.46 -11.36 6.11
C PRO B 110 -36.67 -12.00 6.75
N ASP B 111 -37.51 -12.58 5.90
CA ASP B 111 -38.64 -13.37 6.39
C ASP B 111 -38.13 -14.80 6.62
N ILE B 112 -38.02 -15.19 7.89
CA ILE B 112 -37.52 -16.51 8.26
C ILE B 112 -38.72 -17.45 8.35
N GLN B 113 -38.84 -18.39 7.40
CA GLN B 113 -40.02 -19.24 7.34
C GLN B 113 -40.06 -20.26 8.49
N ASN B 114 -38.92 -20.83 8.86
CA ASN B 114 -38.87 -21.88 9.88
C ASN B 114 -37.77 -21.58 10.88
N PRO B 115 -37.99 -20.65 11.81
CA PRO B 115 -36.96 -20.32 12.80
C PRO B 115 -36.60 -21.53 13.64
N ASP B 116 -35.31 -21.66 13.92
CA ASP B 116 -34.77 -22.81 14.65
C ASP B 116 -33.63 -22.31 15.54
N PRO B 117 -33.90 -21.32 16.38
CA PRO B 117 -32.81 -20.62 17.09
C PRO B 117 -31.94 -21.57 17.89
N ALA B 118 -30.63 -21.33 17.85
CA ALA B 118 -29.69 -22.24 18.49
C ALA B 118 -28.36 -21.54 18.71
N VAL B 119 -27.64 -21.99 19.73
CA VAL B 119 -26.27 -21.54 19.98
C VAL B 119 -25.35 -22.75 19.89
N TYR B 120 -24.47 -22.76 18.89
CA TYR B 120 -23.56 -23.89 18.66
C TYR B 120 -22.13 -23.51 19.00
N GLN B 121 -21.41 -24.48 19.52
CA GLN B 121 -19.99 -24.30 19.78
C GLN B 121 -19.23 -24.82 18.56
N LEU B 122 -18.49 -23.94 17.90
CA LEU B 122 -17.71 -24.42 16.78
C LEU B 122 -16.48 -25.16 17.29
N ARG B 123 -15.81 -25.86 16.37
CA ARG B 123 -14.61 -26.61 16.73
CA ARG B 123 -14.61 -26.61 16.75
C ARG B 123 -13.43 -25.67 16.93
N ASP B 124 -12.65 -25.92 17.98
CA ASP B 124 -11.43 -25.15 18.20
C ASP B 124 -10.51 -25.28 16.99
N SER B 125 -9.68 -24.25 16.78
CA SER B 125 -8.62 -24.29 15.77
C SER B 125 -7.31 -24.52 16.51
N LYS B 126 -6.49 -25.46 16.01
CA LYS B 126 -5.20 -25.70 16.66
C LYS B 126 -4.30 -24.48 16.60
N SER B 127 -4.61 -23.50 15.74
CA SER B 127 -3.82 -22.28 15.63
C SER B 127 -4.42 -21.09 16.39
N SER B 128 -5.46 -21.30 17.19
CA SER B 128 -6.05 -20.16 17.88
C SER B 128 -6.38 -20.53 19.32
N ASP B 129 -6.21 -19.58 20.24
CA ASP B 129 -6.65 -19.74 21.63
C ASP B 129 -8.12 -19.38 21.86
N LYS B 130 -8.87 -19.07 20.80
CA LYS B 130 -10.24 -18.59 20.98
C LYS B 130 -11.24 -19.75 21.02
N SER B 131 -12.24 -19.63 21.88
CA SER B 131 -13.46 -20.42 21.74
C SER B 131 -14.48 -19.60 20.98
N VAL B 132 -15.23 -20.24 20.08
CA VAL B 132 -16.09 -19.55 19.14
C VAL B 132 -17.50 -20.16 19.20
N CYS B 133 -18.49 -19.27 19.31
CA CYS B 133 -19.88 -19.63 19.50
CA CYS B 133 -19.88 -19.56 19.55
C CYS B 133 -20.71 -18.95 18.44
N LEU B 134 -21.65 -19.70 17.87
CA LEU B 134 -22.50 -19.18 16.79
C LEU B 134 -23.97 -19.22 17.19
N PHE B 135 -24.59 -18.05 17.28
CA PHE B 135 -26.03 -17.95 17.50
C PHE B 135 -26.68 -17.83 16.12
N THR B 136 -27.60 -18.75 15.80
CA THR B 136 -28.04 -18.83 14.42
C THR B 136 -29.48 -19.31 14.33
N ASP B 137 -30.09 -19.00 13.17
CA ASP B 137 -31.38 -19.52 12.73
C ASP B 137 -32.55 -18.93 13.50
N PHE B 138 -32.33 -17.79 14.14
CA PHE B 138 -33.39 -17.09 14.86
C PHE B 138 -34.17 -16.18 13.90
N ASP B 139 -35.40 -15.88 14.29
CA ASP B 139 -36.26 -14.97 13.56
CA ASP B 139 -36.23 -14.98 13.51
C ASP B 139 -35.72 -13.54 13.62
N SER B 140 -36.09 -12.73 12.64
CA SER B 140 -35.50 -11.40 12.48
C SER B 140 -35.90 -10.38 13.55
N GLN B 141 -36.89 -10.66 14.38
CA GLN B 141 -37.21 -9.71 15.44
C GLN B 141 -36.18 -9.73 16.57
N THR B 142 -35.39 -10.79 16.65
CA THR B 142 -34.33 -10.89 17.65
C THR B 142 -33.22 -9.89 17.37
N ASN B 143 -32.84 -9.14 18.40
CA ASN B 143 -31.70 -8.25 18.34
C ASN B 143 -30.55 -8.84 19.15
N VAL B 144 -29.34 -8.63 18.66
CA VAL B 144 -28.11 -9.16 19.26
C VAL B 144 -27.38 -8.00 19.93
N SER B 145 -27.15 -8.11 21.24
CA SER B 145 -26.51 -7.07 22.02
C SER B 145 -25.00 -7.27 22.06
N GLN B 146 -24.27 -6.15 22.14
CA GLN B 146 -22.84 -6.20 22.30
C GLN B 146 -22.47 -6.82 23.64
N SER B 147 -21.27 -7.36 23.72
CA SER B 147 -20.81 -7.98 24.96
CA SER B 147 -20.82 -7.98 24.95
C SER B 147 -20.73 -6.95 26.08
N LYS B 148 -20.93 -7.44 27.31
CA LYS B 148 -20.70 -6.64 28.50
C LYS B 148 -19.35 -6.92 29.15
N ASP B 149 -18.68 -8.00 28.75
CA ASP B 149 -17.34 -8.34 29.18
C ASP B 149 -16.36 -7.88 28.11
N SER B 150 -15.30 -7.18 28.53
CA SER B 150 -14.35 -6.60 27.58
C SER B 150 -13.46 -7.65 26.91
N ASP B 151 -13.37 -8.87 27.45
CA ASP B 151 -12.64 -9.91 26.74
C ASP B 151 -13.55 -10.87 26.00
N VAL B 152 -14.81 -10.48 25.80
CA VAL B 152 -15.75 -11.22 24.94
C VAL B 152 -16.16 -10.33 23.78
N TYR B 153 -16.10 -10.88 22.57
CA TYR B 153 -16.39 -10.12 21.35
C TYR B 153 -17.62 -10.74 20.70
N ILE B 154 -18.57 -9.89 20.35
CA ILE B 154 -19.85 -10.34 19.78
C ILE B 154 -20.15 -9.48 18.56
N THR B 155 -20.30 -10.11 17.40
CA THR B 155 -20.59 -9.34 16.20
C THR B 155 -22.09 -9.26 15.98
N ASP B 156 -22.52 -8.24 15.25
CA ASP B 156 -23.96 -8.06 15.04
C ASP B 156 -24.49 -9.13 14.08
N LYS B 157 -25.80 -9.30 14.07
CA LYS B 157 -26.38 -10.34 13.23
C LYS B 157 -26.14 -10.03 11.75
N CYS B 158 -26.07 -11.10 10.96
CA CYS B 158 -25.70 -11.08 9.56
C CYS B 158 -26.67 -12.03 8.85
N VAL B 159 -27.16 -11.65 7.68
CA VAL B 159 -28.08 -12.51 6.93
C VAL B 159 -27.31 -13.24 5.83
N LEU B 160 -27.34 -14.56 5.86
CA LEU B 160 -26.70 -15.33 4.81
CA LEU B 160 -26.70 -15.42 4.88
C LEU B 160 -27.75 -16.01 3.94
N ASP B 161 -27.43 -16.13 2.66
CA ASP B 161 -28.34 -16.68 1.65
C ASP B 161 -27.68 -17.90 1.01
N MET B 162 -28.24 -19.08 1.22
CA MET B 162 -27.80 -20.30 0.54
C MET B 162 -28.63 -20.41 -0.74
N ARG B 163 -28.08 -19.86 -1.82
CA ARG B 163 -28.80 -19.72 -3.08
C ARG B 163 -29.36 -21.05 -3.55
N SER B 164 -28.51 -22.09 -3.54
CA SER B 164 -28.90 -23.41 -4.00
C SER B 164 -30.18 -23.90 -3.33
N MET B 165 -30.34 -23.64 -2.03
CA MET B 165 -31.48 -24.11 -1.27
C MET B 165 -32.56 -23.05 -1.05
N ASP B 166 -32.39 -21.86 -1.64
CA ASP B 166 -33.28 -20.71 -1.43
C ASP B 166 -33.60 -20.54 0.06
N PHE B 167 -32.54 -20.46 0.85
CA PHE B 167 -32.63 -20.51 2.30
C PHE B 167 -31.82 -19.38 2.91
N LYS B 168 -32.45 -18.57 3.76
CA LYS B 168 -31.79 -17.47 4.43
CA LYS B 168 -31.79 -17.47 4.44
C LYS B 168 -31.78 -17.73 5.94
N SER B 169 -30.72 -17.29 6.60
CA SER B 169 -30.66 -17.43 8.04
C SER B 169 -29.84 -16.27 8.62
N ASN B 170 -30.30 -15.79 9.77
CA ASN B 170 -29.54 -14.84 10.59
C ASN B 170 -28.50 -15.57 11.44
N SER B 171 -27.37 -14.91 11.69
CA SER B 171 -26.46 -15.41 12.70
C SER B 171 -25.58 -14.29 13.24
N ALA B 172 -25.08 -14.51 14.45
CA ALA B 172 -24.13 -13.62 15.12
C ALA B 172 -23.06 -14.51 15.74
N VAL B 173 -21.83 -14.00 15.83
CA VAL B 173 -20.70 -14.81 16.32
C VAL B 173 -20.19 -14.19 17.62
N ALA B 174 -19.83 -15.05 18.58
CA ALA B 174 -19.21 -14.62 19.82
C ALA B 174 -17.92 -15.42 20.06
N TRP B 175 -16.89 -14.76 20.58
CA TRP B 175 -15.65 -15.47 20.88
C TRP B 175 -14.92 -14.82 22.04
N SER B 176 -14.01 -15.59 22.62
CA SER B 176 -13.16 -15.16 23.72
C SER B 176 -12.08 -16.22 23.93
N ASN B 177 -10.99 -15.81 24.57
CA ASN B 177 -9.98 -16.76 25.02
C ASN B 177 -9.99 -16.95 26.54
N LYS B 178 -11.02 -16.46 27.23
CA LYS B 178 -11.11 -16.58 28.68
C LYS B 178 -11.52 -17.99 29.09
N SER B 179 -11.00 -18.42 30.25
CA SER B 179 -11.27 -19.77 30.73
C SER B 179 -12.74 -19.96 31.08
N ASP B 180 -13.40 -18.92 31.61
CA ASP B 180 -14.79 -19.03 32.02
C ASP B 180 -15.78 -18.80 30.88
N PHE B 181 -15.31 -18.62 29.64
CA PHE B 181 -16.21 -18.39 28.51
C PHE B 181 -16.86 -19.69 28.10
N ALA B 182 -18.18 -19.65 27.92
CA ALA B 182 -18.91 -20.85 27.52
C ALA B 182 -20.04 -20.40 26.62
N CYS B 183 -20.32 -21.19 25.59
CA CYS B 183 -21.41 -20.82 24.69
C CYS B 183 -22.73 -20.69 25.44
N ALA B 184 -22.92 -21.45 26.52
CA ALA B 184 -24.17 -21.36 27.28
C ALA B 184 -24.41 -19.95 27.82
N ASN B 185 -23.36 -19.16 28.04
CA ASN B 185 -23.52 -17.81 28.59
C ASN B 185 -23.03 -16.71 27.65
N ALA B 186 -22.51 -17.05 26.46
CA ALA B 186 -21.94 -16.04 25.56
C ALA B 186 -22.94 -14.94 25.20
N PHE B 187 -24.20 -15.29 24.96
CA PHE B 187 -25.19 -14.30 24.56
C PHE B 187 -26.13 -13.91 25.71
N ASN B 188 -25.65 -13.99 26.95
CA ASN B 188 -26.50 -13.68 28.11
C ASN B 188 -26.96 -12.23 28.14
N ASN B 189 -26.24 -11.33 27.51
CA ASN B 189 -26.70 -9.94 27.48
C ASN B 189 -27.73 -9.67 26.39
N SER B 190 -28.05 -10.65 25.54
CA SER B 190 -29.09 -10.47 24.55
C SER B 190 -30.39 -11.06 25.07
N ILE B 191 -31.51 -10.53 24.58
CA ILE B 191 -32.81 -11.17 24.74
C ILE B 191 -32.95 -12.16 23.58
N ILE B 192 -32.89 -13.45 23.89
CA ILE B 192 -32.87 -14.47 22.83
C ILE B 192 -34.15 -15.29 22.99
N PRO B 193 -34.57 -16.01 21.95
CA PRO B 193 -35.84 -16.75 22.06
C PRO B 193 -35.80 -17.79 23.18
N GLU B 194 -36.96 -17.92 23.86
CA GLU B 194 -37.11 -18.87 24.94
C GLU B 194 -36.78 -20.29 24.51
N ASP B 195 -37.05 -20.61 23.25
CA ASP B 195 -36.84 -21.97 22.75
C ASP B 195 -35.47 -22.15 22.12
N THR B 196 -34.52 -21.26 22.38
CA THR B 196 -33.20 -21.39 21.77
C THR B 196 -32.56 -22.70 22.21
N PHE B 197 -32.07 -23.47 21.25
CA PHE B 197 -31.51 -24.80 21.46
C PHE B 197 -30.04 -24.67 21.87
N PHE B 198 -29.68 -25.19 23.05
CA PHE B 198 -28.29 -25.24 23.48
C PHE B 198 -27.84 -26.69 23.57
N PRO B 199 -27.11 -27.21 22.58
CA PRO B 199 -26.64 -28.60 22.66
C PRO B 199 -25.66 -28.78 23.80
N SER B 200 -25.66 -29.99 24.37
CA SER B 200 -24.83 -30.27 25.52
C SER B 200 -23.34 -30.15 25.19
N PRO B 201 -22.53 -29.70 26.16
CA PRO B 201 -21.08 -29.57 26.02
C PRO B 201 -20.33 -30.89 26.25
N MET C 1 0.43 -22.53 -11.72
CA MET C 1 0.38 -23.97 -11.46
C MET C 1 -0.54 -24.28 -10.27
N ARG C 2 -0.61 -25.56 -9.89
CA ARG C 2 -1.41 -26.01 -8.77
C ARG C 2 -0.70 -25.66 -7.45
N THR C 3 -1.35 -25.97 -6.34
CA THR C 3 -0.76 -25.74 -5.02
CA THR C 3 -0.75 -25.73 -5.03
C THR C 3 0.37 -26.74 -4.76
N HIS C 4 1.50 -26.25 -4.27
CA HIS C 4 2.63 -27.11 -3.92
C HIS C 4 3.11 -26.76 -2.52
N SER C 5 3.86 -27.67 -1.92
CA SER C 5 4.28 -27.51 -0.54
C SER C 5 5.66 -28.14 -0.32
N LEU C 6 6.42 -27.54 0.58
CA LEU C 6 7.70 -28.08 1.04
C LEU C 6 7.63 -28.23 2.56
N ARG C 7 8.04 -29.37 3.10
CA ARG C 7 8.00 -29.47 4.54
CA ARG C 7 8.00 -29.48 4.54
C ARG C 7 9.09 -30.43 5.02
N TYR C 8 9.60 -30.17 6.22
CA TYR C 8 10.62 -31.01 6.84
C TYR C 8 10.09 -31.48 8.19
N PHE C 9 10.22 -32.77 8.46
CA PHE C 9 9.84 -33.35 9.75
C PHE C 9 11.09 -33.79 10.49
N ARG C 10 11.02 -33.70 11.81
CA ARG C 10 12.00 -34.33 12.68
C ARG C 10 11.25 -35.20 13.68
N LEU C 11 11.85 -36.35 14.01
CA LEU C 11 11.30 -37.29 14.98
C LEU C 11 12.42 -37.70 15.92
N GLY C 12 12.23 -37.44 17.22
CA GLY C 12 13.13 -37.89 18.26
C GLY C 12 12.43 -38.94 19.11
N VAL C 13 13.14 -40.00 19.45
CA VAL C 13 12.62 -41.08 20.27
C VAL C 13 13.60 -41.30 21.41
N SER C 14 13.11 -41.26 22.65
CA SER C 14 13.98 -41.49 23.78
C SER C 14 14.00 -42.99 24.07
N ASP C 15 15.13 -43.46 24.58
CA ASP C 15 15.32 -44.85 24.98
C ASP C 15 14.72 -45.79 23.92
N PRO C 16 15.13 -45.67 22.66
CA PRO C 16 14.52 -46.48 21.61
C PRO C 16 14.96 -47.94 21.71
N ILE C 17 14.08 -48.85 21.28
CA ILE C 17 14.37 -50.28 21.25
CA ILE C 17 14.42 -50.27 21.30
C ILE C 17 15.38 -50.54 20.14
N HIS C 18 15.96 -51.74 20.12
CA HIS C 18 16.86 -52.11 19.03
C HIS C 18 16.13 -52.02 17.70
N GLY C 19 16.66 -51.19 16.79
CA GLY C 19 16.09 -51.05 15.46
C GLY C 19 15.37 -49.74 15.20
N VAL C 20 15.08 -48.94 16.21
CA VAL C 20 14.44 -47.64 16.04
C VAL C 20 15.51 -46.57 16.22
N PRO C 21 15.77 -45.74 15.21
CA PRO C 21 16.76 -44.67 15.38
C PRO C 21 16.30 -43.67 16.42
N GLU C 22 17.27 -43.05 17.07
CA GLU C 22 16.95 -42.02 18.05
C GLU C 22 16.41 -40.77 17.38
N PHE C 23 16.77 -40.52 16.11
CA PHE C 23 16.44 -39.27 15.42
C PHE C 23 16.33 -39.56 13.93
N ILE C 24 15.27 -39.04 13.31
CA ILE C 24 15.07 -39.10 11.87
C ILE C 24 14.60 -37.73 11.42
N SER C 25 15.04 -37.31 10.24
CA SER C 25 14.52 -36.08 9.65
C SER C 25 14.34 -36.30 8.16
N VAL C 26 13.16 -35.98 7.65
CA VAL C 26 12.81 -36.25 6.27
C VAL C 26 12.16 -35.01 5.70
N GLY C 27 12.53 -34.68 4.45
CA GLY C 27 11.90 -33.60 3.71
C GLY C 27 10.99 -34.13 2.62
N TYR C 28 9.93 -33.38 2.34
CA TYR C 28 8.95 -33.69 1.29
C TYR C 28 8.69 -32.47 0.44
N VAL C 29 8.51 -32.68 -0.87
CA VAL C 29 7.81 -31.73 -1.73
C VAL C 29 6.51 -32.41 -2.14
N ASP C 30 5.37 -31.79 -1.85
CA ASP C 30 4.05 -32.43 -1.98
C ASP C 30 4.15 -33.80 -1.29
N SER C 31 3.70 -34.88 -1.90
CA SER C 31 3.79 -36.18 -1.23
C SER C 31 5.10 -36.94 -1.55
N HIS C 32 6.11 -36.28 -2.14
CA HIS C 32 7.33 -36.98 -2.56
C HIS C 32 8.44 -36.77 -1.53
N PRO C 33 9.01 -37.81 -0.93
CA PRO C 33 10.21 -37.62 -0.10
C PRO C 33 11.32 -37.04 -0.95
N ILE C 34 12.08 -36.09 -0.38
CA ILE C 34 13.19 -35.52 -1.14
C ILE C 34 14.54 -35.73 -0.44
N THR C 35 14.54 -35.79 0.89
CA THR C 35 15.77 -35.86 1.67
C THR C 35 15.55 -36.71 2.91
N THR C 36 16.63 -37.36 3.38
CA THR C 36 16.54 -38.13 4.60
C THR C 36 17.84 -38.07 5.38
N TYR C 37 17.71 -38.21 6.69
CA TYR C 37 18.83 -38.21 7.63
C TYR C 37 18.37 -39.00 8.84
N ASP C 38 19.26 -39.80 9.41
CA ASP C 38 18.94 -40.35 10.72
C ASP C 38 20.20 -40.55 11.54
N SER C 39 19.98 -40.85 12.81
CA SER C 39 21.07 -40.96 13.77
C SER C 39 21.91 -42.22 13.57
N VAL C 40 21.51 -43.13 12.68
CA VAL C 40 22.35 -44.28 12.35
C VAL C 40 23.29 -43.99 11.19
N THR C 41 22.75 -43.48 10.06
CA THR C 41 23.62 -43.10 8.95
C THR C 41 24.43 -41.85 9.27
N ARG C 42 23.85 -40.91 10.03
CA ARG C 42 24.44 -39.60 10.31
C ARG C 42 24.79 -38.84 9.02
N GLN C 43 24.09 -39.13 7.93
CA GLN C 43 24.31 -38.46 6.64
C GLN C 43 22.98 -37.99 6.05
N LYS C 44 23.00 -36.80 5.46
CA LYS C 44 21.85 -36.37 4.68
C LYS C 44 21.97 -36.96 3.28
N GLU C 45 20.91 -37.64 2.82
CA GLU C 45 20.91 -38.29 1.52
C GLU C 45 19.68 -37.89 0.71
N PRO C 46 19.81 -37.81 -0.62
CA PRO C 46 18.63 -37.55 -1.46
C PRO C 46 17.70 -38.75 -1.47
N ARG C 47 16.41 -38.46 -1.64
CA ARG C 47 15.38 -39.49 -1.76
C ARG C 47 14.59 -39.34 -3.06
N ALA C 48 15.05 -38.47 -3.97
CA ALA C 48 14.48 -38.34 -5.30
C ALA C 48 15.66 -38.17 -6.25
N PRO C 49 15.63 -38.81 -7.42
CA PRO C 49 16.76 -38.64 -8.35
C PRO C 49 16.96 -37.21 -8.80
N TRP C 50 15.88 -36.42 -8.89
CA TRP C 50 16.01 -35.04 -9.34
C TRP C 50 16.58 -34.11 -8.27
N MET C 51 16.60 -34.54 -7.00
CA MET C 51 17.37 -33.87 -5.96
C MET C 51 18.87 -34.19 -6.07
N ALA C 52 19.19 -35.48 -6.21
CA ALA C 52 20.58 -35.90 -6.31
C ALA C 52 21.27 -35.29 -7.53
N GLU C 53 20.57 -35.21 -8.65
CA GLU C 53 21.17 -34.68 -9.88
C GLU C 53 21.37 -33.17 -9.85
N ASN C 54 20.62 -32.42 -9.05
CA ASN C 54 20.66 -30.96 -9.14
C ASN C 54 21.31 -30.26 -7.96
N LEU C 55 21.69 -30.98 -6.91
CA LEU C 55 22.36 -30.39 -5.75
C LEU C 55 23.74 -31.02 -5.60
N ALA C 56 24.78 -30.18 -5.70
CA ALA C 56 26.15 -30.61 -5.60
C ALA C 56 26.46 -31.22 -4.23
N PRO C 57 27.54 -31.99 -4.12
CA PRO C 57 27.83 -32.63 -2.82
C PRO C 57 28.03 -31.65 -1.68
N ASP C 58 28.42 -30.41 -1.96
CA ASP C 58 28.60 -29.42 -0.91
C ASP C 58 27.29 -29.14 -0.18
N HIS C 59 26.15 -29.28 -0.86
CA HIS C 59 24.85 -29.17 -0.19
C HIS C 59 24.67 -30.27 0.82
N TRP C 60 24.81 -31.52 0.38
CA TRP C 60 24.65 -32.67 1.27
C TRP C 60 25.66 -32.62 2.41
N GLU C 61 26.89 -32.19 2.12
CA GLU C 61 27.92 -32.16 3.16
C GLU C 61 27.59 -31.11 4.23
N ARG C 62 27.15 -29.92 3.79
CA ARG C 62 26.85 -28.85 4.73
C ARG C 62 25.64 -29.18 5.60
N TYR C 63 24.56 -29.66 4.99
CA TYR C 63 23.38 -29.93 5.82
C TYR C 63 23.55 -31.19 6.67
N THR C 64 24.44 -32.09 6.29
CA THR C 64 24.79 -33.20 7.19
C THR C 64 25.30 -32.66 8.51
N GLN C 65 26.18 -31.64 8.47
CA GLN C 65 26.68 -31.07 9.71
C GLN C 65 25.56 -30.41 10.50
N LEU C 66 24.69 -29.65 9.82
CA LEU C 66 23.57 -29.01 10.49
C LEU C 66 22.62 -30.03 11.11
N LEU C 67 22.34 -31.13 10.41
CA LEU C 67 21.46 -32.15 10.95
C LEU C 67 22.07 -32.84 12.17
N ARG C 68 23.39 -33.05 12.17
CA ARG C 68 24.02 -33.61 13.35
C ARG C 68 23.81 -32.70 14.56
N GLY C 69 23.90 -31.39 14.36
CA GLY C 69 23.55 -30.47 15.44
C GLY C 69 22.09 -30.47 15.80
N TRP C 70 21.19 -30.47 14.80
CA TRP C 70 19.77 -30.51 15.12
C TRP C 70 19.39 -31.80 15.85
N GLN C 71 20.07 -32.91 15.52
CA GLN C 71 19.85 -34.15 16.27
C GLN C 71 20.19 -33.96 17.73
N GLN C 72 21.36 -33.37 18.02
CA GLN C 72 21.76 -33.19 19.40
C GLN C 72 20.77 -32.30 20.14
N MET C 73 20.27 -31.25 19.46
CA MET C 73 19.33 -30.33 20.10
CA MET C 73 19.33 -30.33 20.09
C MET C 73 18.00 -31.00 20.39
N PHE C 74 17.50 -31.82 19.45
CA PHE C 74 16.28 -32.58 19.70
C PHE C 74 16.44 -33.51 20.90
N LYS C 75 17.60 -34.15 21.05
CA LYS C 75 17.81 -35.06 22.16
C LYS C 75 17.67 -34.34 23.49
N VAL C 76 18.31 -33.18 23.62
CA VAL C 76 18.28 -32.42 24.86
C VAL C 76 16.86 -31.88 25.13
N GLU C 77 16.21 -31.33 24.09
CA GLU C 77 14.86 -30.81 24.27
C GLU C 77 13.89 -31.88 24.74
N LEU C 78 13.99 -33.09 24.18
CA LEU C 78 13.11 -34.17 24.64
C LEU C 78 13.43 -34.57 26.08
N LYS C 79 14.70 -34.53 26.47
CA LYS C 79 15.02 -34.80 27.88
C LYS C 79 14.35 -33.78 28.78
N ARG C 80 14.39 -32.49 28.39
CA ARG C 80 13.79 -31.47 29.24
C ARG C 80 12.28 -31.62 29.29
N LEU C 81 11.65 -31.92 28.15
CA LEU C 81 10.21 -32.14 28.15
C LEU C 81 9.81 -33.30 29.07
N GLN C 82 10.53 -34.42 28.98
CA GLN C 82 10.21 -35.54 29.85
C GLN C 82 10.32 -35.13 31.32
N ARG C 83 11.35 -34.34 31.64
CA ARG C 83 11.51 -33.89 33.02
C ARG C 83 10.34 -33.02 33.46
N HIS C 84 9.90 -32.10 32.58
CA HIS C 84 8.78 -31.24 32.89
C HIS C 84 7.54 -32.06 33.21
N TYR C 85 7.30 -33.12 32.43
CA TYR C 85 6.14 -33.96 32.65
C TYR C 85 6.35 -35.04 33.70
N ASN C 86 7.55 -35.14 34.27
CA ASN C 86 7.89 -36.25 35.16
CA ASN C 86 7.91 -36.25 35.15
C ASN C 86 7.62 -37.59 34.47
N HIS C 87 8.07 -37.70 33.22
CA HIS C 87 7.90 -38.91 32.41
C HIS C 87 9.18 -39.73 32.35
N SER C 88 9.04 -41.05 32.49
CA SER C 88 10.14 -41.96 32.22
C SER C 88 9.77 -42.86 31.05
N GLY C 89 10.70 -43.74 30.66
CA GLY C 89 10.45 -44.61 29.53
C GLY C 89 10.62 -43.87 28.21
N SER C 90 10.08 -44.46 27.16
CA SER C 90 10.29 -43.96 25.81
C SER C 90 9.17 -43.00 25.40
N HIS C 91 9.55 -41.82 24.95
CA HIS C 91 8.59 -40.82 24.48
C HIS C 91 9.10 -40.29 23.16
N THR C 92 8.22 -39.58 22.44
CA THR C 92 8.54 -39.04 21.13
C THR C 92 8.34 -37.54 21.13
N TYR C 93 9.11 -36.89 20.25
CA TYR C 93 9.10 -35.45 20.04
C TYR C 93 9.15 -35.28 18.53
N GLN C 94 8.34 -34.39 18.00
CA GLN C 94 8.24 -34.23 16.57
C GLN C 94 8.13 -32.74 16.25
N ARG C 95 8.63 -32.39 15.07
CA ARG C 95 8.59 -31.03 14.56
C ARG C 95 8.22 -31.11 13.09
N MET C 96 7.48 -30.11 12.64
CA MET C 96 7.14 -30.01 11.24
C MET C 96 7.22 -28.53 10.86
N ILE C 97 8.01 -28.22 9.84
CA ILE C 97 8.09 -26.87 9.34
C ILE C 97 7.87 -26.91 7.83
N GLY C 98 7.28 -25.84 7.27
CA GLY C 98 7.14 -25.83 5.84
C GLY C 98 6.27 -24.69 5.37
N CYS C 99 5.98 -24.72 4.07
CA CYS C 99 5.32 -23.61 3.41
C CYS C 99 4.56 -24.17 2.21
N GLU C 100 3.57 -23.41 1.77
CA GLU C 100 2.81 -23.77 0.59
C GLU C 100 2.77 -22.59 -0.36
N LEU C 101 2.87 -22.88 -1.65
CA LEU C 101 2.72 -21.90 -2.72
C LEU C 101 1.39 -22.23 -3.38
N LEU C 102 0.39 -21.35 -3.23
CA LEU C 102 -0.93 -21.64 -3.74
C LEU C 102 -1.03 -21.24 -5.22
N GLU C 103 -2.09 -21.75 -5.85
CA GLU C 103 -2.40 -21.43 -7.24
C GLU C 103 -2.38 -19.92 -7.48
N ASP C 104 -3.06 -19.15 -6.62
CA ASP C 104 -3.19 -17.71 -6.87
C ASP C 104 -1.92 -16.92 -6.56
N GLY C 105 -0.85 -17.56 -6.10
CA GLY C 105 0.38 -16.88 -5.78
C GLY C 105 0.55 -16.53 -4.31
N SER C 106 -0.50 -16.66 -3.52
CA SER C 106 -0.39 -16.43 -2.09
CA SER C 106 -0.39 -16.44 -2.08
C SER C 106 0.39 -17.57 -1.43
N THR C 107 0.81 -17.36 -0.18
CA THR C 107 1.63 -18.33 0.52
C THR C 107 1.06 -18.58 1.92
N THR C 108 1.43 -19.74 2.46
CA THR C 108 1.21 -20.06 3.86
C THR C 108 2.49 -20.68 4.40
N GLY C 109 2.62 -20.67 5.71
CA GLY C 109 3.76 -21.28 6.36
C GLY C 109 3.35 -21.78 7.72
N PHE C 110 4.02 -22.83 8.19
CA PHE C 110 3.64 -23.46 9.43
C PHE C 110 4.89 -23.99 10.11
N LEU C 111 4.85 -24.03 11.43
CA LEU C 111 5.96 -24.56 12.23
C LEU C 111 5.34 -25.03 13.53
N GLN C 112 5.43 -26.34 13.79
CA GLN C 112 4.65 -26.98 14.84
C GLN C 112 5.50 -28.06 15.49
N TYR C 113 5.23 -28.30 16.77
CA TYR C 113 5.88 -29.36 17.54
C TYR C 113 4.81 -30.24 18.18
N ALA C 114 5.16 -31.50 18.38
CA ALA C 114 4.29 -32.43 19.05
C ALA C 114 5.10 -33.24 20.05
N TYR C 115 4.45 -33.62 21.16
CA TYR C 115 5.02 -34.50 22.16
C TYR C 115 4.11 -35.72 22.28
N ASP C 116 4.70 -36.92 22.19
CA ASP C 116 3.94 -38.17 22.15
C ASP C 116 2.80 -38.13 21.13
N GLY C 117 3.09 -37.57 19.96
CA GLY C 117 2.15 -37.62 18.86
C GLY C 117 0.99 -36.64 18.93
N GLN C 118 1.00 -35.72 19.92
CA GLN C 118 -0.07 -34.75 20.12
C GLN C 118 0.46 -33.33 20.02
N ASP C 119 -0.36 -32.42 19.50
CA ASP C 119 0.00 -31.02 19.40
C ASP C 119 0.59 -30.50 20.71
N PHE C 120 1.69 -29.76 20.59
CA PHE C 120 2.37 -29.26 21.76
C PHE C 120 2.58 -27.75 21.64
N LEU C 121 3.25 -27.30 20.56
CA LEU C 121 3.46 -25.87 20.30
C LEU C 121 3.21 -25.55 18.83
N ILE C 122 2.48 -24.46 18.56
CA ILE C 122 2.12 -24.01 17.21
C ILE C 122 2.54 -22.55 17.04
N PHE C 123 3.41 -22.27 16.08
CA PHE C 123 3.95 -20.94 15.90
C PHE C 123 2.95 -20.08 15.12
N ASN C 124 2.76 -18.83 15.57
CA ASN C 124 1.89 -17.85 14.90
C ASN C 124 2.80 -16.78 14.30
N LYS C 125 3.12 -16.93 13.01
CA LYS C 125 4.06 -16.02 12.39
C LYS C 125 3.46 -14.64 12.18
N ASP C 126 2.14 -14.46 12.36
CA ASP C 126 1.54 -13.14 12.17
C ASP C 126 1.59 -12.30 13.42
N THR C 127 1.60 -12.93 14.59
CA THR C 127 1.82 -12.20 15.83
C THR C 127 3.17 -12.51 16.45
N LEU C 128 3.98 -13.39 15.82
CA LEU C 128 5.26 -13.81 16.38
C LEU C 128 5.08 -14.35 17.79
N SER C 129 4.19 -15.33 17.91
CA SER C 129 3.93 -15.92 19.20
C SER C 129 3.73 -17.41 19.04
N TRP C 130 3.89 -18.11 20.15
CA TRP C 130 3.72 -19.55 20.18
C TRP C 130 2.44 -19.88 20.93
N LEU C 131 1.63 -20.75 20.37
CA LEU C 131 0.42 -21.20 21.03
C LEU C 131 0.72 -22.51 21.74
N ALA C 132 0.47 -22.54 23.05
CA ALA C 132 0.85 -23.65 23.92
C ALA C 132 -0.38 -24.42 24.37
N VAL C 133 -0.31 -25.76 24.33
CA VAL C 133 -1.48 -26.56 24.68
C VAL C 133 -1.64 -26.78 26.18
N ASP C 134 -0.60 -26.63 26.99
CA ASP C 134 -0.70 -26.88 28.42
C ASP C 134 0.39 -26.08 29.11
N ASN C 135 0.49 -26.24 30.43
CA ASN C 135 1.43 -25.44 31.21
C ASN C 135 2.89 -25.75 30.88
N VAL C 136 3.21 -27.00 30.54
CA VAL C 136 4.57 -27.35 30.14
C VAL C 136 4.92 -26.64 28.83
N ALA C 137 4.04 -26.72 27.85
CA ALA C 137 4.26 -25.99 26.61
C ALA C 137 4.33 -24.48 26.87
N HIS C 138 3.56 -23.99 27.85
CA HIS C 138 3.62 -22.55 28.16
C HIS C 138 4.99 -22.17 28.70
N THR C 139 5.59 -23.04 29.50
CA THR C 139 6.94 -22.80 30.00
C THR C 139 7.93 -22.67 28.85
N ILE C 140 7.80 -23.54 27.84
CA ILE C 140 8.69 -23.45 26.68
C ILE C 140 8.38 -22.21 25.84
N LYS C 141 7.10 -21.92 25.61
CA LYS C 141 6.69 -20.70 24.90
C LYS C 141 7.39 -19.46 25.46
N GLN C 142 7.39 -19.29 26.78
CA GLN C 142 7.96 -18.08 27.36
C GLN C 142 9.44 -17.92 27.00
N ALA C 143 10.21 -19.00 27.05
CA ALA C 143 11.61 -18.95 26.64
C ALA C 143 11.75 -18.57 25.16
N TRP C 144 10.99 -19.22 24.28
CA TRP C 144 11.14 -18.94 22.85
C TRP C 144 10.66 -17.53 22.52
N GLU C 145 9.58 -17.10 23.15
CA GLU C 145 9.04 -15.78 22.86
C GLU C 145 9.94 -14.64 23.31
N ALA C 146 10.86 -14.90 24.24
CA ALA C 146 11.75 -13.85 24.72
C ALA C 146 12.84 -13.51 23.71
N ASN C 147 13.04 -14.32 22.67
CA ASN C 147 14.11 -14.10 21.71
C ASN C 147 13.49 -13.51 20.43
N GLN C 148 13.36 -12.19 20.42
CA GLN C 148 12.63 -11.51 19.33
C GLN C 148 13.27 -11.77 17.96
N HIS C 149 14.60 -11.73 17.88
CA HIS C 149 15.28 -11.91 16.60
C HIS C 149 15.02 -13.29 16.02
N GLU C 150 15.00 -14.32 16.87
CA GLU C 150 14.75 -15.67 16.36
C GLU C 150 13.33 -15.80 15.83
N LEU C 151 12.35 -15.14 16.48
CA LEU C 151 10.99 -15.11 15.94
C LEU C 151 10.97 -14.47 14.55
N LEU C 152 11.64 -13.33 14.41
CA LEU C 152 11.73 -12.66 13.10
C LEU C 152 12.42 -13.54 12.08
N TYR C 153 13.50 -14.23 12.48
CA TYR C 153 14.18 -15.14 11.58
C TYR C 153 13.24 -16.26 11.11
N GLN C 154 12.40 -16.77 12.01
CA GLN C 154 11.50 -17.85 11.62
C GLN C 154 10.43 -17.35 10.66
N LYS C 155 9.92 -16.14 10.90
CA LYS C 155 8.97 -15.56 9.95
C LYS C 155 9.60 -15.40 8.59
N ASN C 156 10.82 -14.83 8.53
CA ASN C 156 11.51 -14.71 7.25
C ASN C 156 11.70 -16.07 6.59
N TRP C 157 12.10 -17.08 7.36
CA TRP C 157 12.35 -18.40 6.76
C TRP C 157 11.07 -18.94 6.11
N LEU C 158 9.97 -18.90 6.86
CA LEU C 158 8.69 -19.45 6.37
C LEU C 158 8.16 -18.69 5.16
N GLU C 159 8.35 -17.37 5.12
CA GLU C 159 7.70 -16.57 4.09
C GLU C 159 8.57 -16.37 2.85
N GLU C 160 9.88 -16.37 2.99
CA GLU C 160 10.78 -16.09 1.88
C GLU C 160 11.67 -17.28 1.54
N GLU C 161 12.52 -17.73 2.47
CA GLU C 161 13.49 -18.79 2.18
C GLU C 161 12.80 -20.09 1.79
N CYS C 162 11.79 -20.48 2.57
CA CYS C 162 11.12 -21.75 2.30
C CYS C 162 10.44 -21.73 0.94
N ILE C 163 9.79 -20.61 0.58
CA ILE C 163 9.19 -20.48 -0.74
C ILE C 163 10.24 -20.55 -1.83
N ALA C 164 11.37 -19.87 -1.63
CA ALA C 164 12.44 -19.92 -2.64
C ALA C 164 12.97 -21.34 -2.82
N TRP C 165 13.19 -22.08 -1.70
CA TRP C 165 13.59 -23.48 -1.83
C TRP C 165 12.57 -24.27 -2.62
N LEU C 166 11.28 -24.07 -2.30
CA LEU C 166 10.22 -24.84 -2.93
C LEU C 166 10.18 -24.58 -4.43
N LYS C 167 10.33 -23.32 -4.84
CA LYS C 167 10.32 -23.00 -6.27
C LYS C 167 11.51 -23.64 -6.96
N ARG C 168 12.66 -23.65 -6.28
CA ARG C 168 13.86 -24.28 -6.82
C ARG C 168 13.63 -25.77 -7.01
N PHE C 169 13.11 -26.43 -5.97
CA PHE C 169 12.83 -27.87 -6.06
C PHE C 169 11.77 -28.18 -7.09
N LEU C 170 10.76 -27.32 -7.22
CA LEU C 170 9.69 -27.54 -8.20
C LEU C 170 10.25 -27.57 -9.61
N GLU C 171 11.26 -26.76 -9.87
CA GLU C 171 11.91 -26.77 -11.17
C GLU C 171 12.75 -28.04 -11.34
N TYR C 172 13.60 -28.38 -10.35
CA TYR C 172 14.36 -29.62 -10.42
C TYR C 172 13.49 -30.82 -10.78
N GLY C 173 12.35 -30.97 -10.10
CA GLY C 173 11.50 -32.13 -10.30
C GLY C 173 10.26 -31.90 -11.14
N LYS C 174 10.30 -30.91 -12.03
CA LYS C 174 9.08 -30.51 -12.74
C LYS C 174 8.47 -31.68 -13.52
N ASP C 175 9.31 -32.51 -14.15
CA ASP C 175 8.80 -33.63 -14.96
C ASP C 175 7.96 -34.60 -14.12
N THR C 176 8.21 -34.68 -12.81
CA THR C 176 7.40 -35.48 -11.91
C THR C 176 6.28 -34.66 -11.26
N LEU C 177 6.64 -33.54 -10.61
CA LEU C 177 5.73 -32.82 -9.72
C LEU C 177 4.68 -32.04 -10.47
N GLN C 178 4.97 -31.62 -11.70
CA GLN C 178 4.05 -30.77 -12.43
C GLN C 178 3.34 -31.51 -13.56
N ARG C 179 3.53 -32.83 -13.66
CA ARG C 179 2.82 -33.60 -14.67
C ARG C 179 1.38 -33.85 -14.24
N THR C 180 0.60 -34.40 -15.16
CA THR C 180 -0.80 -34.76 -14.90
C THR C 180 -1.06 -36.12 -15.53
N GLU C 181 -1.55 -37.06 -14.74
CA GLU C 181 -2.06 -38.32 -15.27
C GLU C 181 -3.54 -38.38 -14.93
N PRO C 182 -4.42 -38.33 -15.92
CA PRO C 182 -5.86 -38.23 -15.63
C PRO C 182 -6.38 -39.53 -15.05
N PRO C 183 -7.49 -39.50 -14.32
CA PRO C 183 -8.04 -40.74 -13.74
C PRO C 183 -8.74 -41.62 -14.76
N LEU C 184 -8.62 -42.92 -14.54
CA LEU C 184 -9.52 -43.91 -15.14
C LEU C 184 -10.66 -44.12 -14.17
N VAL C 185 -11.89 -43.90 -14.60
CA VAL C 185 -13.02 -43.91 -13.67
C VAL C 185 -14.10 -44.85 -14.18
N ARG C 186 -14.65 -45.67 -13.29
CA ARG C 186 -15.72 -46.59 -13.64
C ARG C 186 -16.76 -46.60 -12.53
N VAL C 187 -17.99 -46.97 -12.90
CA VAL C 187 -19.08 -47.19 -11.94
C VAL C 187 -19.44 -48.67 -11.97
N ASN C 188 -19.54 -49.27 -10.79
CA ASN C 188 -19.98 -50.65 -10.65
C ASN C 188 -21.28 -50.69 -9.85
N ARG C 189 -22.22 -51.52 -10.30
CA ARG C 189 -23.52 -51.67 -9.67
C ARG C 189 -23.67 -53.11 -9.19
N LYS C 190 -24.31 -53.29 -8.04
CA LYS C 190 -24.50 -54.64 -7.52
C LYS C 190 -25.61 -54.64 -6.48
N GLU C 191 -26.51 -55.63 -6.55
CA GLU C 191 -27.43 -55.86 -5.45
C GLU C 191 -26.69 -56.57 -4.33
N THR C 192 -26.76 -56.03 -3.11
CA THR C 192 -26.01 -56.61 -2.01
C THR C 192 -26.94 -57.36 -1.08
N PHE C 193 -27.16 -56.85 0.12
CA PHE C 193 -28.26 -57.33 0.93
C PHE C 193 -29.54 -57.26 0.11
N PRO C 194 -30.44 -58.26 0.21
CA PRO C 194 -31.64 -58.24 -0.63
C PRO C 194 -32.38 -56.91 -0.55
N GLY C 195 -32.73 -56.37 -1.72
CA GLY C 195 -33.36 -55.07 -1.81
C GLY C 195 -32.41 -53.88 -1.80
N VAL C 196 -31.13 -54.09 -1.54
CA VAL C 196 -30.15 -53.02 -1.34
C VAL C 196 -29.17 -53.05 -2.50
N THR C 197 -29.15 -51.98 -3.28
CA THR C 197 -28.24 -51.85 -4.41
C THR C 197 -27.13 -50.86 -4.07
N ALA C 198 -25.88 -51.28 -4.27
CA ALA C 198 -24.73 -50.44 -4.01
C ALA C 198 -24.12 -49.95 -5.32
N LEU C 199 -23.77 -48.68 -5.37
CA LEU C 199 -23.06 -48.08 -6.49
C LEU C 199 -21.68 -47.64 -6.04
N PHE C 200 -20.64 -48.13 -6.72
CA PHE C 200 -19.26 -47.73 -6.45
C PHE C 200 -18.73 -46.95 -7.64
N CYS C 201 -18.19 -45.76 -7.38
CA CYS C 201 -17.49 -44.97 -8.37
C CYS C 201 -16.00 -45.08 -8.02
N LYS C 202 -15.20 -45.69 -8.90
CA LYS C 202 -13.82 -45.99 -8.58
C LYS C 202 -12.89 -45.36 -9.59
N ALA C 203 -11.88 -44.67 -9.10
CA ALA C 203 -10.88 -44.02 -9.93
C ALA C 203 -9.50 -44.58 -9.63
N HIS C 204 -8.68 -44.72 -10.67
CA HIS C 204 -7.30 -45.11 -10.44
C HIS C 204 -6.43 -44.52 -11.54
N GLY C 205 -5.13 -44.66 -11.34
CA GLY C 205 -4.15 -44.20 -12.32
C GLY C 205 -3.91 -42.71 -12.38
N PHE C 206 -4.32 -41.95 -11.36
CA PHE C 206 -4.23 -40.50 -11.47
C PHE C 206 -3.08 -39.91 -10.68
N TYR C 207 -2.52 -38.82 -11.22
CA TYR C 207 -1.55 -37.97 -10.54
C TYR C 207 -1.82 -36.54 -10.99
N PRO C 208 -1.81 -35.57 -10.08
CA PRO C 208 -1.51 -35.63 -8.63
C PRO C 208 -2.61 -36.30 -7.78
N PRO C 209 -2.31 -36.61 -6.51
CA PRO C 209 -3.29 -37.35 -5.69
C PRO C 209 -4.58 -36.59 -5.42
N GLU C 210 -4.57 -35.26 -5.45
CA GLU C 210 -5.78 -34.50 -5.14
C GLU C 210 -6.85 -34.77 -6.20
N ILE C 211 -8.01 -35.25 -5.75
CA ILE C 211 -9.12 -35.56 -6.64
C ILE C 211 -10.41 -35.31 -5.88
N TYR C 212 -11.43 -34.85 -6.60
CA TYR C 212 -12.77 -34.66 -6.07
CA TYR C 212 -12.77 -34.64 -6.08
C TYR C 212 -13.72 -35.68 -6.68
N MET C 213 -14.50 -36.33 -5.83
CA MET C 213 -15.44 -37.38 -6.25
CA MET C 213 -15.45 -37.35 -6.26
C MET C 213 -16.71 -37.24 -5.42
N THR C 214 -17.86 -37.24 -6.08
CA THR C 214 -19.11 -37.22 -5.32
C THR C 214 -20.19 -37.87 -6.16
N TRP C 215 -21.32 -38.11 -5.51
CA TRP C 215 -22.49 -38.66 -6.15
C TRP C 215 -23.62 -37.64 -6.13
N MET C 216 -24.28 -37.49 -7.27
CA MET C 216 -25.43 -36.58 -7.40
C MET C 216 -26.67 -37.37 -7.75
N LYS C 217 -27.82 -36.88 -7.29
CA LYS C 217 -29.14 -37.40 -7.60
C LYS C 217 -29.90 -36.40 -8.47
N ASN C 218 -30.36 -36.87 -9.63
CA ASN C 218 -31.07 -36.02 -10.61
C ASN C 218 -30.27 -34.77 -10.95
N GLY C 219 -28.96 -34.95 -11.09
CA GLY C 219 -28.08 -33.91 -11.59
C GLY C 219 -28.01 -32.63 -10.78
N GLU C 220 -28.60 -32.64 -9.59
CA GLU C 220 -28.61 -31.43 -8.77
C GLU C 220 -28.15 -31.70 -7.34
N GLU C 221 -29.03 -32.25 -6.52
CA GLU C 221 -28.70 -32.48 -5.12
C GLU C 221 -27.58 -33.49 -5.00
N ILE C 222 -26.80 -33.38 -3.93
CA ILE C 222 -25.83 -34.39 -3.58
C ILE C 222 -26.52 -35.45 -2.72
N VAL C 223 -26.10 -36.68 -2.89
CA VAL C 223 -26.70 -37.82 -2.20
C VAL C 223 -26.21 -37.86 -0.76
N GLN C 224 -27.09 -38.18 0.18
CA GLN C 224 -26.70 -38.35 1.56
C GLN C 224 -26.26 -39.78 1.83
N GLU C 225 -25.38 -39.94 2.82
CA GLU C 225 -24.78 -41.22 3.17
C GLU C 225 -23.90 -41.71 2.02
N ILE C 226 -22.84 -40.96 1.72
CA ILE C 226 -21.81 -41.40 0.79
C ILE C 226 -20.65 -41.93 1.62
N ASP C 227 -20.10 -43.07 1.21
N ASP C 227 -20.12 -43.08 1.21
CA ASP C 227 -18.88 -43.59 1.82
CA ASP C 227 -18.89 -43.59 1.80
C ASP C 227 -17.72 -43.26 0.90
C ASP C 227 -17.73 -43.23 0.88
N TYR C 228 -16.62 -42.78 1.47
CA TYR C 228 -15.45 -42.38 0.71
C TYR C 228 -14.28 -43.32 0.98
N GLY C 229 -13.62 -43.77 -0.09
CA GLY C 229 -12.37 -44.48 0.05
C GLY C 229 -11.20 -43.52 0.15
N ASP C 230 -10.17 -43.94 0.87
CA ASP C 230 -8.97 -43.12 0.98
C ASP C 230 -8.31 -42.98 -0.39
N ILE C 231 -7.57 -41.89 -0.56
CA ILE C 231 -6.68 -41.74 -1.72
C ILE C 231 -5.42 -42.54 -1.43
N LEU C 232 -5.22 -43.63 -2.16
CA LEU C 232 -4.16 -44.56 -1.81
C LEU C 232 -3.09 -44.63 -2.90
N PRO C 233 -1.83 -44.76 -2.53
CA PRO C 233 -0.78 -44.89 -3.56
C PRO C 233 -0.82 -46.28 -4.18
N SER C 234 -0.82 -46.32 -5.51
CA SER C 234 -0.85 -47.60 -6.21
C SER C 234 0.53 -48.22 -6.37
N GLY C 235 1.60 -47.49 -6.09
CA GLY C 235 2.94 -48.04 -6.10
C GLY C 235 3.75 -47.67 -7.33
N ASP C 236 3.09 -47.22 -8.38
CA ASP C 236 3.76 -46.81 -9.62
C ASP C 236 3.82 -45.29 -9.76
N GLY C 237 3.57 -44.56 -8.69
CA GLY C 237 3.54 -43.11 -8.75
C GLY C 237 2.16 -42.53 -8.93
N THR C 238 1.13 -43.35 -9.15
CA THR C 238 -0.24 -42.88 -9.29
C THR C 238 -1.07 -43.32 -8.09
N TYR C 239 -2.30 -42.83 -8.04
CA TYR C 239 -3.18 -43.02 -6.90
C TYR C 239 -4.54 -43.57 -7.33
N GLN C 240 -5.31 -44.01 -6.34
CA GLN C 240 -6.63 -44.57 -6.54
C GLN C 240 -7.53 -44.19 -5.38
N ALA C 241 -8.84 -44.11 -5.65
CA ALA C 241 -9.83 -43.70 -4.65
C ALA C 241 -11.20 -44.14 -5.15
N TRP C 242 -12.20 -44.02 -4.29
CA TRP C 242 -13.56 -44.37 -4.69
C TRP C 242 -14.57 -43.64 -3.79
N ALA C 243 -15.82 -43.65 -4.24
CA ALA C 243 -16.95 -43.18 -3.44
C ALA C 243 -18.16 -44.05 -3.76
N SER C 244 -18.95 -44.37 -2.75
CA SER C 244 -20.08 -45.29 -2.95
C SER C 244 -21.33 -44.79 -2.26
N ILE C 245 -22.48 -45.23 -2.78
CA ILE C 245 -23.79 -44.90 -2.24
C ILE C 245 -24.71 -46.11 -2.39
N GLU C 246 -25.84 -46.04 -1.71
CA GLU C 246 -26.89 -47.03 -1.82
C GLU C 246 -28.03 -46.43 -2.63
N LEU C 247 -28.36 -47.06 -3.75
CA LEU C 247 -29.41 -46.55 -4.61
C LEU C 247 -30.78 -46.79 -3.97
N ASP C 248 -31.71 -45.87 -4.22
CA ASP C 248 -33.07 -45.97 -3.66
C ASP C 248 -34.02 -46.69 -4.61
N SER C 252 -37.10 -44.22 -7.74
CA SER C 252 -36.34 -44.39 -8.97
C SER C 252 -35.83 -43.06 -9.51
N ASN C 253 -34.74 -42.56 -8.93
CA ASN C 253 -34.09 -41.33 -9.35
C ASN C 253 -32.89 -41.66 -10.25
N LEU C 254 -32.26 -40.61 -10.78
CA LEU C 254 -31.12 -40.75 -11.68
C LEU C 254 -29.84 -40.36 -10.95
N TYR C 255 -28.90 -41.30 -10.83
CA TYR C 255 -27.68 -41.09 -10.07
C TYR C 255 -26.49 -40.91 -11.01
N SER C 256 -25.57 -40.04 -10.63
CA SER C 256 -24.39 -39.82 -11.44
C SER C 256 -23.19 -39.60 -10.55
N CYS C 257 -22.03 -40.11 -10.95
CA CYS C 257 -20.78 -39.85 -10.26
C CYS C 257 -20.06 -38.70 -10.93
N HIS C 258 -19.59 -37.74 -10.14
CA HIS C 258 -18.89 -36.56 -10.64
C HIS C 258 -17.47 -36.55 -10.11
N VAL C 259 -16.52 -36.35 -11.00
CA VAL C 259 -15.11 -36.41 -10.66
C VAL C 259 -14.46 -35.16 -11.21
N GLU C 260 -13.65 -34.49 -10.40
CA GLU C 260 -12.85 -33.39 -10.90
C GLU C 260 -11.39 -33.68 -10.60
N HIS C 261 -10.55 -33.59 -11.63
CA HIS C 261 -9.12 -33.81 -11.48
C HIS C 261 -8.38 -32.81 -12.36
N SER C 262 -7.48 -32.04 -11.75
CA SER C 262 -6.59 -31.13 -12.47
C SER C 262 -7.31 -30.32 -13.54
N GLY C 263 -8.45 -29.73 -13.19
CA GLY C 263 -9.16 -28.87 -14.10
C GLY C 263 -10.02 -29.55 -15.15
N VAL C 264 -10.18 -30.87 -15.08
CA VAL C 264 -11.09 -31.58 -15.99
C VAL C 264 -12.23 -32.15 -15.15
N HIS C 265 -13.46 -31.93 -15.59
CA HIS C 265 -14.63 -32.48 -14.94
CA HIS C 265 -14.63 -32.48 -14.94
C HIS C 265 -15.13 -33.69 -15.73
N MET C 266 -15.65 -34.68 -15.01
CA MET C 266 -16.12 -35.91 -15.63
CA MET C 266 -16.12 -35.93 -15.61
C MET C 266 -17.41 -36.33 -14.94
N VAL C 267 -18.38 -36.80 -15.74
CA VAL C 267 -19.65 -37.28 -15.22
C VAL C 267 -19.89 -38.68 -15.76
N LEU C 268 -20.32 -39.59 -14.88
CA LEU C 268 -20.64 -40.96 -15.24
C LEU C 268 -22.06 -41.20 -14.73
N GLN C 269 -23.02 -41.24 -15.67
CA GLN C 269 -24.43 -41.45 -15.35
C GLN C 269 -24.72 -42.93 -15.21
N VAL C 270 -25.55 -43.28 -14.24
CA VAL C 270 -25.89 -44.68 -14.02
C VAL C 270 -27.11 -45.00 -14.88
N PRO C 271 -27.03 -46.04 -15.73
CA PRO C 271 -28.18 -46.45 -16.56
C PRO C 271 -29.29 -47.09 -15.74
N GLY D 2 29.88 -15.25 -7.85
CA GLY D 2 29.48 -15.93 -6.64
C GLY D 2 28.79 -15.01 -5.65
N GLN D 3 29.08 -15.18 -4.36
CA GLN D 3 28.46 -14.40 -3.31
C GLN D 3 29.39 -13.28 -2.85
N ASN D 4 28.83 -12.09 -2.65
CA ASN D 4 29.63 -10.91 -2.40
CA ASN D 4 29.62 -10.88 -2.41
C ASN D 4 29.00 -10.05 -1.30
N ILE D 5 29.86 -9.51 -0.43
CA ILE D 5 29.48 -8.55 0.60
C ILE D 5 30.39 -7.35 0.40
N ASP D 6 29.83 -6.17 0.23
CA ASP D 6 30.64 -4.99 -0.02
C ASP D 6 30.34 -3.91 0.99
N GLN D 7 31.39 -3.42 1.63
CA GLN D 7 31.31 -2.27 2.51
C GLN D 7 32.57 -1.43 2.24
N PRO D 8 32.49 -0.12 2.45
CA PRO D 8 33.65 0.72 2.15
C PRO D 8 34.85 0.32 3.01
N THR D 9 36.04 0.50 2.44
CA THR D 9 37.28 0.17 3.17
C THR D 9 37.44 1.04 4.39
N GLU D 10 37.15 2.34 4.24
CA GLU D 10 37.42 3.29 5.30
C GLU D 10 36.41 4.43 5.17
N MET D 11 36.06 5.01 6.31
CA MET D 11 35.27 6.22 6.37
C MET D 11 35.82 7.13 7.47
N THR D 12 35.71 8.43 7.25
CA THR D 12 36.17 9.42 8.21
C THR D 12 35.03 10.39 8.42
N ALA D 13 34.75 10.71 9.69
CA ALA D 13 33.71 11.64 10.06
C ALA D 13 34.19 12.43 11.28
N THR D 14 33.43 13.47 11.63
CA THR D 14 33.83 14.38 12.68
C THR D 14 33.15 14.05 13.99
N GLU D 15 33.92 14.15 15.08
CA GLU D 15 33.42 13.98 16.43
C GLU D 15 32.15 14.81 16.64
N GLY D 16 31.14 14.17 17.23
CA GLY D 16 29.86 14.80 17.46
C GLY D 16 28.87 14.72 16.32
N ALA D 17 29.32 14.34 15.14
CA ALA D 17 28.43 14.28 13.99
C ALA D 17 27.86 12.86 13.86
N ILE D 18 27.45 12.48 12.65
CA ILE D 18 26.80 11.21 12.36
CA ILE D 18 26.88 11.16 12.42
C ILE D 18 27.56 10.53 11.21
N VAL D 19 27.57 9.20 11.19
CA VAL D 19 28.13 8.46 10.06
C VAL D 19 27.25 7.25 9.79
N GLN D 20 27.03 6.99 8.51
CA GLN D 20 26.27 5.84 8.05
C GLN D 20 27.20 4.91 7.27
N ILE D 21 27.35 3.69 7.74
CA ILE D 21 28.22 2.70 7.09
C ILE D 21 27.35 1.73 6.32
N ASN D 22 27.48 1.71 5.00
CA ASN D 22 26.64 0.87 4.16
C ASN D 22 27.25 -0.50 3.98
N CYS D 23 26.39 -1.49 3.74
CA CYS D 23 26.81 -2.86 3.44
C CYS D 23 25.81 -3.41 2.42
N THR D 24 26.26 -3.67 1.20
CA THR D 24 25.40 -4.38 0.25
C THR D 24 25.85 -5.84 0.13
N TYR D 25 24.89 -6.71 -0.15
CA TYR D 25 25.18 -8.14 -0.25
C TYR D 25 24.48 -8.72 -1.47
N GLN D 26 25.15 -9.65 -2.12
CA GLN D 26 24.53 -10.46 -3.17
C GLN D 26 24.81 -11.91 -2.77
N THR D 27 23.82 -12.58 -2.20
CA THR D 27 23.99 -13.93 -1.69
C THR D 27 22.94 -14.82 -2.31
N SER D 28 23.21 -16.12 -2.31
CA SER D 28 22.19 -17.12 -2.64
C SER D 28 21.48 -17.43 -1.33
N GLY D 29 20.32 -16.82 -1.16
CA GLY D 29 19.54 -16.95 0.05
C GLY D 29 19.97 -15.95 1.13
N PHE D 30 19.07 -15.75 2.09
CA PHE D 30 19.30 -14.73 3.10
C PHE D 30 18.62 -15.18 4.38
N ASN D 31 19.41 -15.28 5.45
CA ASN D 31 18.90 -15.65 6.75
C ASN D 31 19.32 -14.66 7.82
N GLY D 32 19.71 -13.45 7.41
CA GLY D 32 19.98 -12.39 8.35
C GLY D 32 21.32 -11.73 8.11
N LEU D 33 21.45 -10.48 8.54
CA LEU D 33 22.65 -9.68 8.38
C LEU D 33 23.07 -9.21 9.76
N PHE D 34 24.37 -9.34 10.08
CA PHE D 34 24.95 -8.97 11.36
C PHE D 34 25.94 -7.83 11.18
N TRP D 35 26.06 -7.00 12.22
CA TRP D 35 27.18 -6.08 12.33
C TRP D 35 27.98 -6.39 13.59
N TYR D 36 29.31 -6.30 13.47
CA TYR D 36 30.25 -6.48 14.57
C TYR D 36 31.16 -5.26 14.64
N GLN D 37 31.53 -4.88 15.86
CA GLN D 37 32.54 -3.85 16.08
C GLN D 37 33.84 -4.53 16.47
N GLN D 38 34.96 -4.03 15.94
CA GLN D 38 36.28 -4.58 16.27
C GLN D 38 37.26 -3.45 16.49
N HIS D 39 37.53 -3.13 17.75
CA HIS D 39 38.58 -2.16 18.02
C HIS D 39 39.95 -2.73 17.64
N ALA D 40 40.89 -1.83 17.39
CA ALA D 40 42.21 -2.24 16.93
C ALA D 40 42.84 -3.18 17.95
N GLY D 41 43.35 -4.31 17.47
CA GLY D 41 43.99 -5.26 18.34
C GLY D 41 43.05 -6.11 19.18
N GLU D 42 41.73 -5.88 19.10
CA GLU D 42 40.76 -6.58 19.93
C GLU D 42 39.96 -7.56 19.08
N ALA D 43 39.10 -8.34 19.75
CA ALA D 43 38.16 -9.26 19.12
C ALA D 43 36.91 -8.53 18.63
N PRO D 44 36.26 -9.04 17.59
CA PRO D 44 34.96 -8.48 17.20
C PRO D 44 33.93 -8.80 18.26
N THR D 45 32.99 -7.87 18.45
CA THR D 45 31.86 -8.07 19.35
C THR D 45 30.58 -7.76 18.58
N PHE D 46 29.55 -8.54 18.88
CA PHE D 46 28.27 -8.40 18.20
C PHE D 46 27.63 -7.04 18.48
N LEU D 47 27.16 -6.36 17.43
CA LEU D 47 26.40 -5.11 17.54
C LEU D 47 24.92 -5.28 17.25
N SER D 48 24.57 -5.94 16.14
CA SER D 48 23.17 -5.92 15.71
C SER D 48 22.91 -7.09 14.78
N TYR D 49 21.63 -7.47 14.69
CA TYR D 49 21.12 -8.44 13.72
C TYR D 49 19.83 -7.90 13.12
N ASN D 50 19.71 -7.99 11.79
CA ASN D 50 18.46 -7.65 11.10
C ASN D 50 18.15 -8.78 10.14
N VAL D 51 16.87 -9.13 10.01
CA VAL D 51 16.48 -10.11 8.99
C VAL D 51 15.22 -9.70 8.24
N LEU D 52 14.35 -8.89 8.88
CA LEU D 52 13.22 -8.28 8.18
C LEU D 52 13.47 -6.78 7.98
N ASP D 53 12.60 -6.16 7.17
CA ASP D 53 12.77 -4.75 6.83
C ASP D 53 12.52 -3.83 8.02
N GLY D 54 13.44 -2.90 8.23
CA GLY D 54 13.22 -1.83 9.19
C GLY D 54 14.53 -1.39 9.83
N LEU D 55 14.36 -0.59 10.87
CA LEU D 55 15.47 0.05 11.57
C LEU D 55 15.36 -0.28 13.05
N GLU D 56 16.44 -0.75 13.65
CA GLU D 56 16.49 -1.07 15.08
C GLU D 56 17.59 -0.23 15.73
N GLU D 57 17.23 0.41 16.83
CA GLU D 57 18.08 1.36 17.52
C GLU D 57 18.55 0.76 18.84
N LYS D 58 19.86 0.88 19.10
CA LYS D 58 20.47 0.41 20.36
C LYS D 58 21.43 1.50 20.82
N GLY D 59 20.92 2.41 21.65
CA GLY D 59 21.74 3.52 22.11
C GLY D 59 22.02 4.45 20.95
N ARG D 60 23.30 4.79 20.76
CA ARG D 60 23.69 5.65 19.65
C ARG D 60 23.78 4.91 18.31
N PHE D 61 23.65 3.59 18.31
CA PHE D 61 23.82 2.79 17.10
C PHE D 61 22.45 2.31 16.61
N SER D 62 22.19 2.48 15.32
CA SER D 62 21.00 1.95 14.70
C SER D 62 21.41 1.11 13.51
N SER D 63 20.64 0.06 13.23
CA SER D 63 20.92 -0.82 12.10
CA SER D 63 20.93 -0.82 12.11
C SER D 63 19.68 -0.98 11.27
N PHE D 64 19.84 -0.82 9.96
CA PHE D 64 18.72 -0.78 9.02
C PHE D 64 18.88 -1.90 8.01
N LEU D 65 17.76 -2.46 7.57
CA LEU D 65 17.82 -3.45 6.51
C LEU D 65 16.74 -3.19 5.47
N SER D 66 17.12 -3.30 4.21
CA SER D 66 16.18 -3.36 3.10
C SER D 66 16.44 -4.65 2.33
N ARG D 67 15.49 -5.57 2.39
CA ARG D 67 15.64 -6.84 1.69
CA ARG D 67 15.66 -6.84 1.70
C ARG D 67 15.48 -6.70 0.18
N SER D 68 14.68 -5.74 -0.28
CA SER D 68 14.47 -5.62 -1.72
C SER D 68 15.62 -4.92 -2.43
N LYS D 69 16.37 -4.07 -1.73
CA LYS D 69 17.57 -3.46 -2.28
C LYS D 69 18.85 -4.17 -1.87
N GLY D 70 18.77 -5.16 -1.00
CA GLY D 70 19.93 -5.91 -0.58
C GLY D 70 20.99 -5.05 0.07
N TYR D 71 20.58 -4.17 0.98
CA TYR D 71 21.60 -3.45 1.73
C TYR D 71 21.14 -3.21 3.16
N SER D 72 22.13 -2.92 3.98
CA SER D 72 21.95 -2.56 5.36
C SER D 72 22.81 -1.33 5.58
N TYR D 73 22.50 -0.54 6.58
CA TYR D 73 23.53 0.34 7.06
C TYR D 73 23.56 0.29 8.58
N LEU D 74 24.73 0.67 9.09
CA LEU D 74 24.96 0.92 10.50
C LEU D 74 25.13 2.42 10.69
N LEU D 75 24.28 3.02 11.51
CA LEU D 75 24.21 4.46 11.71
C LEU D 75 24.69 4.76 13.12
N LEU D 76 25.74 5.56 13.24
CA LEU D 76 26.28 5.98 14.53
C LEU D 76 26.02 7.47 14.70
N LYS D 77 25.34 7.84 15.79
CA LYS D 77 25.03 9.23 16.08
C LYS D 77 25.91 9.75 17.20
N GLU D 78 26.08 11.07 17.24
CA GLU D 78 26.87 11.74 18.28
C GLU D 78 28.25 11.10 18.44
N LEU D 79 28.98 11.04 17.34
CA LEU D 79 30.23 10.30 17.28
C LEU D 79 31.22 10.72 18.37
N GLN D 80 31.85 9.73 19.00
CA GLN D 80 32.91 9.94 19.95
C GLN D 80 34.19 9.29 19.43
N MET D 81 35.33 9.74 19.98
CA MET D 81 36.60 9.17 19.55
C MET D 81 36.60 7.67 19.79
N LYS D 82 35.98 7.22 20.89
CA LYS D 82 35.98 5.78 21.20
C LYS D 82 35.25 4.95 20.15
N ASP D 83 34.53 5.59 19.23
CA ASP D 83 33.90 4.88 18.13
C ASP D 83 34.90 4.54 17.02
N SER D 84 36.15 5.00 17.13
CA SER D 84 37.20 4.61 16.20
C SER D 84 37.47 3.12 16.33
N ALA D 85 37.23 2.40 15.25
CA ALA D 85 37.18 0.93 15.24
C ALA D 85 36.86 0.51 13.81
N SER D 86 36.98 -0.79 13.56
CA SER D 86 36.49 -1.36 12.31
C SER D 86 35.12 -1.97 12.56
N TYR D 87 34.23 -1.85 11.57
CA TYR D 87 32.87 -2.35 11.67
C TYR D 87 32.69 -3.39 10.57
N LEU D 88 32.31 -4.60 10.97
CA LEU D 88 32.23 -5.75 10.06
C LEU D 88 30.79 -6.12 9.83
N CYS D 89 30.44 -6.28 8.57
N CYS D 89 30.39 -6.26 8.57
CA CYS D 89 29.15 -6.78 8.14
CA CYS D 89 29.06 -6.75 8.24
C CYS D 89 29.29 -8.24 7.77
C CYS D 89 29.15 -8.14 7.61
N ALA D 90 28.24 -9.02 8.01
CA ALA D 90 28.25 -10.41 7.60
C ALA D 90 26.83 -10.90 7.38
N VAL D 91 26.66 -11.77 6.39
CA VAL D 91 25.33 -12.27 6.00
C VAL D 91 25.31 -13.78 6.11
N LYS D 92 24.22 -14.34 6.66
CA LYS D 92 24.00 -15.78 6.65
C LYS D 92 23.28 -16.13 5.35
N ASP D 93 23.86 -17.04 4.57
CA ASP D 93 23.28 -17.37 3.28
C ASP D 93 22.26 -18.50 3.43
N SER D 94 21.85 -19.07 2.29
CA SER D 94 20.81 -20.11 2.29
CA SER D 94 20.81 -20.09 2.31
CA SER D 94 20.81 -20.11 2.29
C SER D 94 21.24 -21.34 3.07
N ASN D 95 22.55 -21.59 3.19
CA ASN D 95 23.04 -22.75 3.94
C ASN D 95 23.62 -22.37 5.30
N TYR D 96 23.27 -21.18 5.79
CA TYR D 96 23.71 -20.66 7.08
C TYR D 96 25.20 -20.43 7.14
N GLN D 97 25.86 -20.38 5.99
CA GLN D 97 27.25 -19.94 5.95
C GLN D 97 27.31 -18.44 6.21
N LEU D 98 28.27 -18.02 7.04
CA LEU D 98 28.47 -16.61 7.35
CA LEU D 98 28.47 -16.61 7.35
C LEU D 98 29.46 -16.04 6.34
N ILE D 99 29.00 -15.10 5.50
CA ILE D 99 29.85 -14.44 4.51
C ILE D 99 30.25 -13.08 5.06
N TRP D 100 31.55 -12.82 5.18
CA TRP D 100 32.03 -11.61 5.84
C TRP D 100 32.45 -10.54 4.84
N GLY D 101 32.03 -9.29 5.07
CA GLY D 101 32.64 -8.18 4.38
C GLY D 101 34.05 -7.96 4.92
N ALA D 102 34.85 -7.21 4.16
CA ALA D 102 36.23 -6.94 4.57
C ALA D 102 36.35 -5.92 5.68
N GLY D 103 35.25 -5.31 6.10
CA GLY D 103 35.32 -4.37 7.19
C GLY D 103 35.49 -2.95 6.71
N THR D 104 34.91 -2.03 7.47
CA THR D 104 35.08 -0.60 7.31
C THR D 104 35.83 -0.06 8.53
N LYS D 105 37.00 0.50 8.30
CA LYS D 105 37.69 1.23 9.37
C LYS D 105 37.11 2.65 9.49
N LEU D 106 36.55 2.98 10.65
CA LEU D 106 35.98 4.30 10.90
C LEU D 106 37.01 5.16 11.64
N ILE D 107 37.35 6.30 11.06
CA ILE D 107 38.26 7.27 11.65
C ILE D 107 37.45 8.51 12.05
N ILE D 108 37.68 9.00 13.27
CA ILE D 108 36.95 10.13 13.82
C ILE D 108 37.92 11.31 13.96
N LYS D 109 37.54 12.45 13.38
CA LYS D 109 38.30 13.68 13.56
C LYS D 109 37.88 14.37 14.84
N PRO D 110 38.80 14.64 15.77
CA PRO D 110 38.44 15.44 16.94
C PRO D 110 38.13 16.88 16.54
N ASP D 111 37.28 17.51 17.33
CA ASP D 111 36.94 18.93 17.16
C ASP D 111 37.98 19.74 17.93
N ILE D 112 38.92 20.35 17.22
CA ILE D 112 40.06 21.01 17.84
C ILE D 112 39.67 22.46 18.13
N GLN D 113 39.54 22.79 19.42
CA GLN D 113 38.90 24.05 19.78
C GLN D 113 39.84 25.23 19.51
N ASN D 114 41.09 25.13 19.94
CA ASN D 114 42.07 26.21 19.80
C ASN D 114 43.32 25.67 19.14
N PRO D 115 43.30 25.49 17.82
CA PRO D 115 44.49 24.94 17.13
C PRO D 115 45.70 25.84 17.30
N ASP D 116 46.82 25.23 17.66
CA ASP D 116 48.08 25.95 17.88
C ASP D 116 49.20 25.19 17.18
N PRO D 117 49.16 25.08 15.86
CA PRO D 117 50.11 24.20 15.15
C PRO D 117 51.56 24.55 15.46
N ALA D 118 52.38 23.52 15.64
CA ALA D 118 53.78 23.73 16.01
C ALA D 118 54.58 22.46 15.78
N VAL D 119 55.89 22.63 15.58
CA VAL D 119 56.83 21.53 15.44
C VAL D 119 57.95 21.72 16.46
N TYR D 120 57.98 20.88 17.48
CA TYR D 120 58.98 20.96 18.53
C TYR D 120 60.05 19.88 18.35
N GLN D 121 61.23 20.15 18.90
CA GLN D 121 62.31 19.17 18.97
C GLN D 121 62.42 18.65 20.39
N LEU D 122 62.57 17.34 20.52
CA LEU D 122 62.70 16.68 21.82
C LEU D 122 64.05 15.98 21.89
N ARG D 123 64.71 16.06 23.04
CA ARG D 123 66.02 15.46 23.20
C ARG D 123 65.92 14.11 23.92
N ASP D 124 66.79 13.18 23.54
CA ASP D 124 66.82 11.89 24.22
C ASP D 124 67.20 12.06 25.68
N SER D 125 66.51 11.33 26.55
CA SER D 125 66.81 11.33 27.97
C SER D 125 68.14 10.65 28.32
N LYS D 126 68.75 9.93 27.38
CA LYS D 126 70.00 9.21 27.63
C LYS D 126 71.17 9.76 26.80
N LYS D 130 70.62 11.83 19.64
CA LYS D 130 69.34 11.19 19.33
C LYS D 130 68.18 12.18 19.52
N SER D 131 67.47 12.47 18.44
CA SER D 131 66.46 13.53 18.46
C SER D 131 65.18 13.07 17.78
N VAL D 132 64.10 13.76 18.11
CA VAL D 132 62.76 13.48 17.58
C VAL D 132 62.03 14.80 17.38
N CYS D 133 61.24 14.87 16.31
CA CYS D 133 60.44 16.05 15.97
C CYS D 133 58.96 15.75 16.17
N LEU D 134 58.26 16.66 16.84
CA LEU D 134 56.85 16.47 17.17
C LEU D 134 56.02 17.60 16.54
N PHE D 135 55.25 17.26 15.51
CA PHE D 135 54.24 18.13 14.94
C PHE D 135 52.95 17.94 15.72
N THR D 136 52.45 18.99 16.37
CA THR D 136 51.36 18.82 17.30
C THR D 136 50.46 20.05 17.30
N ASP D 137 49.29 19.88 17.90
CA ASP D 137 48.32 20.94 18.15
C ASP D 137 47.78 21.55 16.86
N PHE D 138 47.80 20.82 15.76
CA PHE D 138 47.20 21.29 14.52
C PHE D 138 45.73 20.86 14.43
N ASP D 139 44.99 21.59 13.61
CA ASP D 139 43.58 21.31 13.36
C ASP D 139 43.41 19.99 12.61
N SER D 140 42.28 19.32 12.86
CA SER D 140 42.07 17.96 12.32
C SER D 140 41.92 17.93 10.80
N GLN D 141 41.84 19.08 10.14
CA GLN D 141 41.82 19.07 8.69
C GLN D 141 43.16 18.69 8.10
N THR D 142 44.24 18.89 8.84
CA THR D 142 45.59 18.67 8.32
C THR D 142 45.88 17.19 8.15
N ASN D 143 46.60 16.86 7.09
CA ASN D 143 46.98 15.48 6.79
C ASN D 143 48.49 15.38 6.83
N VAL D 144 49.00 14.35 7.51
CA VAL D 144 50.42 14.09 7.64
C VAL D 144 50.81 13.07 6.59
N SER D 145 51.77 13.43 5.74
CA SER D 145 52.20 12.57 4.65
C SER D 145 53.43 11.76 5.04
N GLN D 146 53.61 10.66 4.32
CA GLN D 146 54.75 9.78 4.54
C GLN D 146 56.05 10.48 4.17
N SER D 147 57.15 9.96 4.73
CA SER D 147 58.47 10.49 4.43
C SER D 147 58.96 9.99 3.08
N LYS D 148 59.62 10.88 2.33
CA LYS D 148 60.23 10.47 1.06
C LYS D 148 61.43 9.58 1.30
N ASP D 149 62.36 10.00 2.16
CA ASP D 149 63.53 9.20 2.45
C ASP D 149 63.16 7.98 3.30
N SER D 150 63.79 6.85 2.99
CA SER D 150 63.53 5.59 3.69
C SER D 150 64.36 5.43 4.96
N ASP D 151 65.25 6.39 5.24
CA ASP D 151 65.90 6.49 6.54
C ASP D 151 65.27 7.58 7.41
N VAL D 152 64.16 8.17 6.98
CA VAL D 152 63.37 9.10 7.78
C VAL D 152 62.01 8.47 8.04
N TYR D 153 61.58 8.48 9.29
CA TYR D 153 60.35 7.82 9.71
C TYR D 153 59.37 8.85 10.21
N ILE D 154 58.13 8.80 9.68
CA ILE D 154 57.05 9.69 10.11
C ILE D 154 55.83 8.84 10.43
N THR D 155 55.25 9.05 11.62
CA THR D 155 54.06 8.32 12.01
C THR D 155 52.81 9.00 11.46
N ASP D 156 51.71 8.25 11.43
CA ASP D 156 50.47 8.95 11.11
C ASP D 156 49.97 9.68 12.36
N LYS D 157 48.99 10.55 12.18
CA LYS D 157 48.59 11.42 13.29
C LYS D 157 47.84 10.63 14.35
N CYS D 158 47.95 11.10 15.59
CA CYS D 158 47.46 10.40 16.77
C CYS D 158 46.75 11.42 17.64
N VAL D 159 45.57 11.07 18.15
CA VAL D 159 44.79 11.96 19.02
C VAL D 159 45.01 11.53 20.46
N LEU D 160 45.50 12.45 21.30
CA LEU D 160 45.61 12.20 22.72
C LEU D 160 44.53 13.00 23.45
N ASP D 161 44.02 12.42 24.54
CA ASP D 161 42.92 13.01 25.30
C ASP D 161 43.37 13.21 26.74
N MET D 162 43.58 14.46 27.12
CA MET D 162 43.88 14.80 28.51
C MET D 162 42.54 15.00 29.21
N ARG D 163 42.16 14.01 30.02
CA ARG D 163 40.80 13.96 30.56
C ARG D 163 40.55 14.95 31.69
N SER D 164 41.59 15.26 32.49
CA SER D 164 41.43 16.25 33.55
C SER D 164 41.06 17.61 32.99
N MET D 165 41.61 17.96 31.83
CA MET D 165 41.46 19.29 31.27
C MET D 165 40.50 19.34 30.08
N ASP D 166 39.85 18.24 29.74
CA ASP D 166 38.91 18.16 28.62
C ASP D 166 39.55 18.75 27.36
N PHE D 167 40.75 18.28 27.06
CA PHE D 167 41.58 18.82 25.99
C PHE D 167 42.08 17.66 25.13
N LYS D 168 41.84 17.74 23.83
CA LYS D 168 42.35 16.77 22.87
C LYS D 168 43.33 17.47 21.93
N SER D 169 44.29 16.71 21.40
CA SER D 169 45.21 17.28 20.43
C SER D 169 45.73 16.21 19.49
N ASN D 170 45.94 16.61 18.24
CA ASN D 170 46.60 15.78 17.24
C ASN D 170 48.11 15.88 17.39
N SER D 171 48.80 14.83 16.93
CA SER D 171 50.25 14.89 16.85
C SER D 171 50.73 13.82 15.90
N ALA D 172 51.88 14.08 15.27
CA ALA D 172 52.62 13.08 14.54
C ALA D 172 54.11 13.23 14.87
N VAL D 173 54.83 12.11 14.87
CA VAL D 173 56.23 12.04 15.26
C VAL D 173 57.08 11.72 14.03
N ALA D 174 58.22 12.39 13.91
CA ALA D 174 59.20 12.13 12.87
C ALA D 174 60.59 12.02 13.48
N TRP D 175 61.40 11.10 12.96
CA TRP D 175 62.77 10.98 13.43
C TRP D 175 63.64 10.38 12.35
N SER D 176 64.95 10.52 12.53
CA SER D 176 65.92 10.04 11.55
C SER D 176 67.28 9.94 12.19
N ASN D 177 68.09 9.00 11.67
CA ASN D 177 69.46 8.83 12.11
C ASN D 177 70.46 9.55 11.21
N LYS D 178 70.01 10.13 10.12
CA LYS D 178 70.91 10.80 9.18
C LYS D 178 71.35 12.16 9.73
N SER D 179 72.46 12.67 9.20
CA SER D 179 73.07 13.89 9.71
C SER D 179 72.37 15.15 9.23
N ASP D 180 71.72 15.09 8.06
CA ASP D 180 71.06 16.25 7.47
C ASP D 180 69.63 16.46 7.96
N PHE D 181 69.13 15.61 8.86
CA PHE D 181 67.74 15.70 9.29
C PHE D 181 67.57 16.81 10.32
N ALA D 182 66.62 17.72 10.06
CA ALA D 182 66.29 18.79 10.97
C ALA D 182 64.77 18.93 11.05
N CYS D 183 64.29 19.29 12.24
CA CYS D 183 62.85 19.45 12.44
C CYS D 183 62.26 20.53 11.54
N ALA D 184 63.10 21.42 11.00
CA ALA D 184 62.59 22.47 10.13
C ALA D 184 62.12 21.90 8.80
N ASN D 185 62.65 20.75 8.39
CA ASN D 185 62.28 20.13 7.13
C ASN D 185 61.58 18.79 7.30
N ALA D 186 61.38 18.34 8.54
CA ALA D 186 60.90 16.99 8.78
C ALA D 186 59.58 16.72 8.07
N PHE D 187 58.64 17.66 8.16
CA PHE D 187 57.30 17.47 7.61
C PHE D 187 57.09 18.23 6.31
N ASN D 188 58.15 18.35 5.50
CA ASN D 188 58.08 19.12 4.27
C ASN D 188 57.10 18.51 3.27
N ASN D 189 56.97 17.19 3.24
CA ASN D 189 56.09 16.55 2.27
C ASN D 189 54.62 16.60 2.68
N SER D 190 54.30 17.24 3.81
CA SER D 190 52.92 17.41 4.24
C SER D 190 52.50 18.86 4.07
N ILE D 191 51.25 19.07 3.68
CA ILE D 191 50.68 20.41 3.60
C ILE D 191 50.35 20.82 5.03
N ILE D 192 51.22 21.62 5.65
CA ILE D 192 51.05 22.02 7.05
C ILE D 192 50.53 23.45 7.11
N PRO D 193 49.96 23.88 8.24
CA PRO D 193 49.47 25.26 8.33
C PRO D 193 50.58 26.29 8.08
N GLU D 194 50.19 27.42 7.48
CA GLU D 194 51.15 28.50 7.24
C GLU D 194 51.65 29.11 8.54
N ASP D 195 50.84 29.04 9.59
CA ASP D 195 51.13 29.63 10.90
C ASP D 195 51.81 28.64 11.85
N THR D 196 52.51 27.63 11.33
CA THR D 196 53.13 26.65 12.20
C THR D 196 54.34 27.24 12.92
N PHE D 197 54.32 27.15 14.25
CA PHE D 197 55.36 27.69 15.12
C PHE D 197 56.61 26.81 15.05
N PHE D 198 57.72 27.38 14.59
CA PHE D 198 58.99 26.68 14.44
C PHE D 198 60.04 27.32 15.35
N PRO D 199 60.09 26.94 16.63
CA PRO D 199 60.95 27.54 17.66
C PRO D 199 62.41 27.72 17.25
N GLY E 4 34.27 -15.41 28.39
CA GLY E 4 33.43 -16.34 27.65
C GLY E 4 34.20 -17.38 26.86
N VAL E 5 34.96 -16.91 25.87
CA VAL E 5 35.80 -17.76 25.04
C VAL E 5 37.26 -17.48 25.40
N THR E 6 37.97 -18.52 25.83
CA THR E 6 39.37 -18.43 26.22
C THR E 6 40.20 -19.15 25.17
N GLN E 7 41.05 -18.41 24.46
CA GLN E 7 41.99 -19.03 23.53
C GLN E 7 43.43 -18.66 23.89
N THR E 8 44.34 -19.60 23.65
CA THR E 8 45.76 -19.44 23.87
C THR E 8 46.51 -20.06 22.70
N PRO E 9 47.73 -19.57 22.39
CA PRO E 9 48.47 -18.47 23.03
C PRO E 9 48.12 -17.12 22.42
N LYS E 10 48.34 -16.04 23.18
CA LYS E 10 48.09 -14.70 22.64
C LYS E 10 49.10 -14.35 21.53
N PHE E 11 50.35 -14.76 21.71
CA PHE E 11 51.41 -14.54 20.73
C PHE E 11 52.24 -15.80 20.60
N GLN E 12 52.75 -16.04 19.40
CA GLN E 12 53.61 -17.19 19.18
C GLN E 12 54.45 -16.93 17.94
N VAL E 13 55.74 -17.23 18.04
CA VAL E 13 56.65 -17.26 16.90
C VAL E 13 56.94 -18.72 16.59
N LEU E 14 56.90 -19.07 15.31
CA LEU E 14 57.16 -20.43 14.86
C LEU E 14 58.16 -20.41 13.74
N LYS E 15 59.01 -21.42 13.70
CA LYS E 15 59.84 -21.71 12.55
C LYS E 15 59.04 -22.56 11.56
N THR E 16 59.29 -22.32 10.26
CA THR E 16 58.69 -23.15 9.21
C THR E 16 58.88 -24.64 9.51
N GLY E 17 57.81 -25.41 9.32
CA GLY E 17 57.81 -26.84 9.56
C GLY E 17 57.49 -27.25 10.98
N GLN E 18 57.61 -26.35 11.95
CA GLN E 18 57.16 -26.63 13.30
C GLN E 18 55.66 -26.89 13.32
N SER E 19 55.24 -27.72 14.27
CA SER E 19 53.83 -27.92 14.55
CA SER E 19 53.83 -27.92 14.55
C SER E 19 53.41 -27.07 15.74
N MET E 20 52.12 -26.79 15.82
CA MET E 20 51.61 -26.09 16.98
CA MET E 20 51.62 -26.14 17.02
C MET E 20 50.12 -26.34 17.11
N THR E 21 49.62 -26.26 18.34
CA THR E 21 48.19 -26.36 18.62
C THR E 21 47.73 -25.08 19.30
N LEU E 22 46.61 -24.54 18.82
CA LEU E 22 45.93 -23.44 19.48
C LEU E 22 44.78 -24.00 20.32
N GLN E 23 44.67 -23.52 21.55
CA GLN E 23 43.63 -23.96 22.47
C GLN E 23 42.47 -22.97 22.44
N CYS E 24 41.26 -23.49 22.57
CA CYS E 24 40.08 -22.66 22.74
C CYS E 24 39.09 -23.41 23.62
N ALA E 25 38.55 -22.72 24.61
CA ALA E 25 37.53 -23.29 25.47
C ALA E 25 36.43 -22.26 25.69
N GLN E 26 35.19 -22.74 25.77
CA GLN E 26 34.08 -21.88 26.15
C GLN E 26 33.26 -22.57 27.23
N ASP E 27 32.91 -21.80 28.26
CA ASP E 27 32.12 -22.26 29.40
CA ASP E 27 32.10 -22.34 29.35
C ASP E 27 30.66 -21.84 29.29
N MET E 28 30.20 -21.42 28.11
CA MET E 28 28.84 -20.92 27.92
C MET E 28 27.86 -21.99 27.53
N ASN E 29 28.26 -23.26 27.57
CA ASN E 29 27.42 -24.36 27.13
C ASN E 29 26.97 -24.18 25.67
N HIS E 30 27.81 -23.53 24.87
CA HIS E 30 27.51 -23.39 23.46
C HIS E 30 27.70 -24.71 22.73
N ASN E 31 26.98 -24.87 21.62
CA ASN E 31 27.07 -26.11 20.85
C ASN E 31 28.01 -26.04 19.66
N SER E 32 28.18 -24.88 19.04
N SER E 32 28.16 -24.87 19.05
CA SER E 32 28.96 -24.75 17.83
CA SER E 32 28.96 -24.71 17.84
C SER E 32 30.21 -23.91 18.09
C SER E 32 30.23 -23.93 18.15
N MET E 33 31.34 -24.33 17.51
CA MET E 33 32.60 -23.62 17.66
C MET E 33 33.27 -23.51 16.29
N TYR E 34 34.16 -22.51 16.15
CA TYR E 34 34.69 -22.06 14.88
C TYR E 34 36.11 -21.58 15.07
N TRP E 35 36.92 -21.77 14.04
CA TRP E 35 38.26 -21.20 13.99
C TRP E 35 38.35 -20.36 12.74
N TYR E 36 38.68 -19.09 12.91
CA TYR E 36 38.80 -18.14 11.83
C TYR E 36 40.23 -17.63 11.76
N ARG E 37 40.62 -17.19 10.57
CA ARG E 37 41.83 -16.39 10.47
C ARG E 37 41.46 -15.03 9.89
N GLN E 38 42.17 -14.00 10.35
CA GLN E 38 41.93 -12.62 9.93
C GLN E 38 43.22 -12.10 9.32
N ASP E 39 43.12 -11.63 8.08
CA ASP E 39 44.23 -11.12 7.29
C ASP E 39 43.85 -9.78 6.71
N PRO E 40 44.81 -8.87 6.57
CA PRO E 40 44.48 -7.52 6.09
C PRO E 40 43.84 -7.56 4.71
N GLY E 41 42.80 -6.75 4.53
CA GLY E 41 42.18 -6.60 3.24
C GLY E 41 41.15 -7.65 2.87
N MET E 42 40.67 -8.46 3.82
CA MET E 42 39.66 -9.44 3.46
C MET E 42 38.81 -9.78 4.66
N GLY E 43 37.62 -10.31 4.39
CA GLY E 43 36.76 -10.73 5.47
C GLY E 43 37.34 -11.91 6.21
N LEU E 44 36.85 -12.11 7.43
CA LEU E 44 37.18 -13.32 8.18
C LEU E 44 37.02 -14.55 7.29
N ARG E 45 37.92 -15.51 7.41
CA ARG E 45 37.84 -16.75 6.66
C ARG E 45 37.83 -17.93 7.62
N LEU E 46 36.80 -18.76 7.50
CA LEU E 46 36.61 -19.92 8.36
C LEU E 46 37.60 -21.00 7.97
N ILE E 47 38.30 -21.53 8.97
CA ILE E 47 39.29 -22.57 8.71
C ILE E 47 38.59 -23.94 8.84
N TYR E 48 38.07 -24.21 10.04
CA TYR E 48 37.27 -25.38 10.32
C TYR E 48 36.18 -24.95 11.31
N TYR E 49 35.14 -25.79 11.43
CA TYR E 49 34.09 -25.54 12.41
C TYR E 49 33.56 -26.85 12.96
N SER E 50 32.79 -26.73 14.03
CA SER E 50 32.23 -27.87 14.72
C SER E 50 30.80 -27.50 15.09
N ALA E 51 29.81 -28.05 14.37
CA ALA E 51 28.44 -27.57 14.53
C ALA E 51 27.85 -28.03 15.85
N SER E 52 28.35 -29.13 16.38
CA SER E 52 27.90 -29.71 17.63
CA SER E 52 27.96 -29.62 17.68
C SER E 52 29.03 -30.61 18.15
N GLU E 53 28.91 -31.00 19.40
CA GLU E 53 29.82 -32.00 19.95
C GLU E 53 29.76 -33.25 19.08
N GLY E 54 30.93 -33.76 18.70
CA GLY E 54 30.96 -35.01 17.97
C GLY E 54 31.01 -34.90 16.46
N THR E 55 31.03 -33.69 15.90
CA THR E 55 31.26 -33.54 14.48
C THR E 55 32.08 -32.28 14.23
N THR E 56 32.86 -32.32 13.15
CA THR E 56 33.61 -31.16 12.70
C THR E 56 33.61 -31.21 11.18
N ASP E 57 33.95 -30.09 10.56
CA ASP E 57 34.06 -30.06 9.11
C ASP E 57 34.87 -28.88 8.63
N LYS E 58 35.38 -29.01 7.41
CA LYS E 58 36.17 -27.98 6.76
C LYS E 58 35.36 -26.70 6.58
N GLY E 59 36.04 -25.57 6.71
CA GLY E 59 35.53 -24.29 6.27
C GLY E 59 36.08 -23.93 4.90
N GLU E 60 36.44 -22.66 4.73
CA GLU E 60 36.90 -22.18 3.44
C GLU E 60 38.38 -22.44 3.21
N VAL E 61 39.21 -22.36 4.25
CA VAL E 61 40.66 -22.47 4.08
C VAL E 61 41.23 -23.57 4.98
N PRO E 62 40.86 -24.84 4.79
CA PRO E 62 41.32 -25.88 5.72
C PRO E 62 42.74 -26.39 5.49
N ASN E 63 43.37 -26.13 4.36
CA ASN E 63 44.61 -26.83 4.03
C ASN E 63 45.75 -26.33 4.92
N GLY E 64 46.50 -27.28 5.48
CA GLY E 64 47.53 -26.99 6.45
C GLY E 64 47.07 -27.02 7.89
N TYR E 65 45.79 -27.24 8.13
CA TYR E 65 45.23 -27.24 9.47
C TYR E 65 44.43 -28.51 9.71
N ASN E 66 44.25 -28.83 10.99
CA ASN E 66 43.19 -29.73 11.39
CA ASN E 66 43.26 -29.80 11.44
C ASN E 66 42.73 -29.32 12.79
N VAL E 67 41.56 -29.86 13.17
CA VAL E 67 40.92 -29.51 14.44
C VAL E 67 40.48 -30.77 15.17
N SER E 68 40.31 -30.64 16.48
CA SER E 68 39.62 -31.62 17.29
C SER E 68 38.59 -30.95 18.18
N ARG E 69 37.36 -31.40 18.10
CA ARG E 69 36.31 -31.06 19.07
C ARG E 69 36.47 -32.07 20.20
N LEU E 70 37.25 -31.69 21.21
CA LEU E 70 37.64 -32.66 22.23
C LEU E 70 36.46 -33.01 23.14
N ASN E 71 35.57 -32.06 23.36
CA ASN E 71 34.42 -32.21 24.25
C ASN E 71 33.53 -31.00 23.93
N LYS E 72 32.43 -30.83 24.67
CA LYS E 72 31.55 -29.72 24.34
C LYS E 72 32.25 -28.37 24.55
N ARG E 73 33.18 -28.29 25.49
CA ARG E 73 33.79 -27.01 25.83
C ARG E 73 34.95 -26.64 24.91
N GLU E 74 35.64 -27.60 24.30
CA GLU E 74 36.96 -27.34 23.72
C GLU E 74 37.05 -27.67 22.23
N PHE E 75 37.77 -26.83 21.50
CA PHE E 75 37.95 -26.97 20.06
C PHE E 75 39.36 -26.47 19.74
N SER E 76 40.29 -27.40 19.55
CA SER E 76 41.69 -27.06 19.33
C SER E 76 41.99 -27.01 17.84
N LEU E 77 42.94 -26.15 17.47
CA LEU E 77 43.34 -25.98 16.08
C LEU E 77 44.80 -26.35 15.96
N ARG E 78 45.11 -27.21 15.01
CA ARG E 78 46.46 -27.74 14.83
C ARG E 78 47.05 -27.26 13.50
N LEU E 79 48.26 -26.72 13.57
CA LEU E 79 49.10 -26.49 12.39
C LEU E 79 50.10 -27.65 12.38
N GLU E 80 49.94 -28.54 11.39
CA GLU E 80 50.76 -29.76 11.39
C GLU E 80 52.20 -29.44 11.04
N SER E 81 52.42 -28.55 10.07
CA SER E 81 53.76 -28.20 9.60
C SER E 81 53.71 -26.74 9.16
N ALA E 82 54.04 -25.83 10.11
CA ALA E 82 53.75 -24.41 9.91
C ALA E 82 54.46 -23.86 8.69
N ALA E 83 53.75 -23.02 7.96
CA ALA E 83 54.27 -22.34 6.79
C ALA E 83 54.12 -20.83 6.97
N PRO E 84 55.01 -20.05 6.35
CA PRO E 84 54.91 -18.58 6.52
C PRO E 84 53.58 -18.00 6.12
N SER E 85 52.86 -18.61 5.17
CA SER E 85 51.57 -18.05 4.76
C SER E 85 50.54 -18.18 5.86
N GLN E 86 50.80 -19.03 6.85
CA GLN E 86 49.91 -19.17 8.00
C GLN E 86 50.13 -18.11 9.06
N THR E 87 51.05 -17.18 8.84
CA THR E 87 51.22 -16.01 9.69
C THR E 87 49.92 -15.22 9.64
N SER E 88 49.25 -15.08 10.78
CA SER E 88 47.93 -14.47 10.76
C SER E 88 47.50 -14.16 12.19
N VAL E 89 46.27 -13.67 12.33
CA VAL E 89 45.59 -13.55 13.62
C VAL E 89 44.45 -14.55 13.60
N TYR E 90 44.47 -15.48 14.56
CA TYR E 90 43.49 -16.55 14.64
C TYR E 90 42.47 -16.21 15.72
N PHE E 91 41.19 -16.43 15.41
CA PHE E 91 40.10 -16.18 16.32
C PHE E 91 39.28 -17.45 16.46
N CYS E 92 39.11 -17.91 17.69
CA CYS E 92 38.13 -18.92 18.01
C CYS E 92 36.82 -18.22 18.30
N ALA E 93 35.71 -18.83 17.92
CA ALA E 93 34.40 -18.30 18.29
C ALA E 93 33.45 -19.45 18.61
N SER E 94 32.36 -19.10 19.27
CA SER E 94 31.30 -20.05 19.53
C SER E 94 29.94 -19.36 19.43
N SER E 95 28.90 -20.19 19.29
CA SER E 95 27.53 -19.72 19.29
C SER E 95 26.64 -20.80 19.88
N VAL E 96 25.45 -20.40 20.31
CA VAL E 96 24.59 -21.29 21.10
C VAL E 96 24.27 -22.56 20.30
N TRP E 97 23.78 -22.40 19.08
CA TRP E 97 23.66 -23.48 18.11
C TRP E 97 24.16 -22.95 16.77
N THR E 98 24.11 -23.77 15.72
CA THR E 98 24.31 -23.22 14.38
C THR E 98 23.16 -23.62 13.47
N GLY E 99 22.91 -22.79 12.46
CA GLY E 99 21.65 -22.85 11.76
C GLY E 99 20.53 -22.11 12.46
N GLU E 100 20.77 -21.61 13.66
CA GLU E 100 19.91 -20.62 14.27
C GLU E 100 20.20 -19.30 13.57
N GLY E 101 19.23 -18.80 12.82
CA GLY E 101 19.51 -17.67 11.96
C GLY E 101 20.02 -16.46 12.72
N SER E 102 19.49 -16.23 13.91
CA SER E 102 19.80 -15.00 14.62
C SER E 102 20.93 -15.14 15.61
N GLY E 103 21.40 -16.37 15.89
CA GLY E 103 22.42 -16.55 16.90
C GLY E 103 23.73 -15.91 16.48
N GLU E 104 24.29 -15.06 17.34
CA GLU E 104 25.53 -14.38 17.02
C GLU E 104 26.75 -15.20 17.49
N LEU E 105 27.93 -14.74 17.07
CA LEU E 105 29.20 -15.34 17.47
C LEU E 105 29.79 -14.61 18.67
N PHE E 106 30.42 -15.37 19.56
CA PHE E 106 31.21 -14.85 20.67
C PHE E 106 32.68 -15.20 20.41
N PHE E 107 33.54 -14.18 20.33
CA PHE E 107 34.92 -14.36 19.89
C PHE E 107 35.90 -14.42 21.05
N GLY E 108 36.90 -15.30 20.94
CA GLY E 108 38.05 -15.25 21.81
C GLY E 108 38.94 -14.04 21.51
N GLU E 109 39.96 -13.86 22.34
CA GLU E 109 40.80 -12.67 22.26
C GLU E 109 41.74 -12.66 21.06
N GLY E 110 41.90 -13.77 20.35
CA GLY E 110 42.77 -13.75 19.19
C GLY E 110 44.17 -14.25 19.50
N SER E 111 44.81 -14.86 18.50
CA SER E 111 46.16 -15.42 18.62
C SER E 111 47.00 -14.97 17.44
N ARG E 112 48.06 -14.18 17.72
CA ARG E 112 48.98 -13.70 16.69
CA ARG E 112 48.97 -13.71 16.67
C ARG E 112 50.07 -14.74 16.48
N LEU E 113 50.06 -15.41 15.34
CA LEU E 113 51.09 -16.36 14.95
C LEU E 113 51.95 -15.72 13.88
N THR E 114 53.27 -15.75 14.07
CA THR E 114 54.20 -15.36 13.03
C THR E 114 55.10 -16.56 12.74
N VAL E 115 55.05 -17.05 11.50
CA VAL E 115 55.87 -18.18 11.07
C VAL E 115 57.01 -17.63 10.23
N LEU E 116 58.24 -18.02 10.58
CA LEU E 116 59.47 -17.50 9.98
C LEU E 116 60.33 -18.65 9.48
N GLU E 117 61.00 -18.43 8.35
CA GLU E 117 61.93 -19.42 7.82
C GLU E 117 63.06 -19.69 8.81
N ASP E 118 63.53 -18.65 9.48
CA ASP E 118 64.62 -18.75 10.43
CA ASP E 118 64.57 -18.81 10.48
C ASP E 118 64.29 -17.83 11.60
N LEU E 119 64.79 -18.17 12.79
CA LEU E 119 64.52 -17.32 13.94
C LEU E 119 65.55 -16.22 14.12
N LYS E 120 66.51 -16.11 13.20
CA LYS E 120 67.65 -15.22 13.45
C LYS E 120 67.34 -13.75 13.18
N ASN E 121 66.17 -13.41 12.63
CA ASN E 121 65.78 -12.02 12.49
CA ASN E 121 65.75 -12.03 12.47
C ASN E 121 64.91 -11.53 13.64
N VAL E 122 64.66 -12.36 14.64
CA VAL E 122 63.83 -11.94 15.77
C VAL E 122 64.68 -11.03 16.66
N PHE E 123 64.18 -9.82 16.93
CA PHE E 123 64.88 -8.84 17.75
C PHE E 123 63.90 -8.17 18.71
N PRO E 124 64.29 -8.00 19.97
CA PRO E 124 63.49 -7.20 20.88
C PRO E 124 63.66 -5.73 20.56
N PRO E 125 62.77 -4.87 21.03
CA PRO E 125 62.90 -3.44 20.74
C PRO E 125 63.97 -2.78 21.60
N GLU E 126 64.62 -1.78 21.02
CA GLU E 126 65.27 -0.76 21.82
C GLU E 126 64.23 0.30 22.15
N VAL E 127 64.29 0.84 23.36
CA VAL E 127 63.29 1.79 23.85
C VAL E 127 63.99 3.04 24.32
N ALA E 128 63.47 4.21 23.92
CA ALA E 128 64.04 5.47 24.35
C ALA E 128 62.92 6.48 24.57
N VAL E 129 63.06 7.29 25.62
CA VAL E 129 62.12 8.34 25.96
C VAL E 129 62.78 9.65 25.62
N PHE E 130 62.02 10.55 25.03
CA PHE E 130 62.50 11.87 24.67
C PHE E 130 61.73 12.89 25.50
N GLU E 131 62.47 13.73 26.23
CA GLU E 131 61.87 14.64 27.19
C GLU E 131 61.23 15.84 26.47
N PRO E 132 60.27 16.49 27.11
CA PRO E 132 59.47 17.50 26.42
C PRO E 132 60.28 18.73 26.03
N SER E 133 59.88 19.33 24.93
CA SER E 133 60.50 20.56 24.47
C SER E 133 60.27 21.69 25.48
N GLU E 134 61.33 22.45 25.77
CA GLU E 134 61.16 23.63 26.60
C GLU E 134 60.29 24.68 25.92
N ALA E 135 60.37 24.75 24.58
CA ALA E 135 59.51 25.67 23.83
C ALA E 135 58.03 25.32 23.99
N GLU E 136 57.69 24.03 23.91
CA GLU E 136 56.30 23.61 24.10
C GLU E 136 55.81 24.01 25.49
N ILE E 137 56.65 23.84 26.51
CA ILE E 137 56.27 24.24 27.86
C ILE E 137 55.98 25.74 27.89
N SER E 138 56.79 26.54 27.19
CA SER E 138 56.59 27.98 27.19
C SER E 138 55.41 28.40 26.34
N HIS E 139 55.08 27.62 25.32
CA HIS E 139 54.06 28.00 24.35
C HIS E 139 52.68 27.46 24.69
N THR E 140 52.59 26.40 25.50
CA THR E 140 51.34 25.74 25.79
C THR E 140 51.14 25.42 27.27
N GLN E 141 52.20 25.48 28.08
CA GLN E 141 52.17 25.03 29.47
CA GLN E 141 52.19 25.03 29.47
C GLN E 141 51.82 23.55 29.58
N LYS E 142 51.97 22.82 28.48
CA LYS E 142 51.82 21.37 28.42
C LYS E 142 53.15 20.78 27.97
N ALA E 143 53.46 19.58 28.46
CA ALA E 143 54.73 18.94 28.15
C ALA E 143 54.45 17.54 27.62
N THR E 144 54.94 17.25 26.41
CA THR E 144 54.74 15.97 25.74
C THR E 144 56.03 15.15 25.78
N LEU E 145 55.98 13.98 26.40
CA LEU E 145 57.06 13.00 26.30
C LEU E 145 56.75 12.02 25.18
N VAL E 146 57.78 11.59 24.45
CA VAL E 146 57.62 10.68 23.33
C VAL E 146 58.46 9.43 23.60
N CYS E 147 57.86 8.27 23.39
CA CYS E 147 58.54 6.99 23.51
C CYS E 147 58.73 6.39 22.12
N LEU E 148 59.93 5.87 21.86
CA LEU E 148 60.22 5.16 20.61
C LEU E 148 60.68 3.75 20.93
N ALA E 149 60.00 2.76 20.37
CA ALA E 149 60.45 1.37 20.37
C ALA E 149 60.85 1.03 18.95
N THR E 150 62.12 0.65 18.75
CA THR E 150 62.68 0.51 17.42
C THR E 150 63.42 -0.81 17.26
N GLY E 151 63.54 -1.24 16.01
CA GLY E 151 64.37 -2.36 15.66
C GLY E 151 63.79 -3.72 16.00
N PHE E 152 62.52 -3.79 16.39
CA PHE E 152 62.00 -5.08 16.83
C PHE E 152 61.37 -5.86 15.68
N TYR E 153 61.33 -7.17 15.86
CA TYR E 153 60.80 -8.13 14.92
C TYR E 153 60.51 -9.43 15.66
N PRO E 154 59.34 -10.04 15.47
CA PRO E 154 58.22 -9.55 14.66
C PRO E 154 57.45 -8.43 15.38
N ASP E 155 56.29 -8.09 14.82
N ASP E 155 56.28 -8.05 14.86
CA ASP E 155 55.45 -7.03 15.37
CA ASP E 155 55.55 -6.92 15.46
C ASP E 155 54.59 -7.63 16.49
C ASP E 155 54.61 -7.42 16.56
N HIS E 156 55.24 -7.89 17.63
CA HIS E 156 54.58 -8.45 18.81
C HIS E 156 54.94 -7.58 20.02
N VAL E 157 54.37 -6.38 20.11
CA VAL E 157 54.70 -5.47 21.22
C VAL E 157 53.43 -4.89 21.83
N GLU E 158 53.56 -4.46 23.09
CA GLU E 158 52.51 -3.74 23.78
C GLU E 158 53.18 -2.65 24.61
N LEU E 159 52.89 -1.40 24.26
CA LEU E 159 53.51 -0.25 24.89
C LEU E 159 52.57 0.34 25.94
N SER E 160 53.14 0.73 27.08
CA SER E 160 52.38 1.35 28.16
C SER E 160 53.27 2.38 28.86
N TRP E 161 52.61 3.36 29.48
CA TRP E 161 53.28 4.40 30.24
C TRP E 161 53.03 4.21 31.74
N TRP E 162 54.04 4.53 32.54
CA TRP E 162 53.98 4.37 33.99
C TRP E 162 54.50 5.64 34.66
N VAL E 163 53.70 6.19 35.58
CA VAL E 163 54.06 7.38 36.32
C VAL E 163 54.05 7.03 37.80
N ASN E 164 55.23 7.13 38.43
CA ASN E 164 55.39 6.82 39.85
C ASN E 164 54.91 5.40 40.17
N GLY E 165 55.28 4.46 39.31
CA GLY E 165 54.95 3.06 39.49
C GLY E 165 53.54 2.68 39.13
N LYS E 166 52.72 3.62 38.67
CA LYS E 166 51.34 3.34 38.29
C LYS E 166 51.17 3.60 36.79
N GLU E 167 50.58 2.63 36.09
CA GLU E 167 50.27 2.82 34.67
C GLU E 167 49.21 3.89 34.50
N VAL E 168 49.37 4.72 33.46
CA VAL E 168 48.43 5.80 33.17
C VAL E 168 47.90 5.63 31.75
N HIS E 169 46.71 6.19 31.52
CA HIS E 169 46.08 6.19 30.21
C HIS E 169 45.64 7.56 29.74
N SER E 170 45.42 8.53 30.64
CA SER E 170 45.08 9.88 30.24
C SER E 170 46.28 10.57 29.60
N GLY E 171 46.04 11.31 28.52
CA GLY E 171 47.10 12.03 27.85
C GLY E 171 48.02 11.17 27.02
N VAL E 172 47.65 9.92 26.75
CA VAL E 172 48.45 8.99 25.99
C VAL E 172 47.81 8.78 24.62
N CYS E 173 48.66 8.64 23.61
CA CYS E 173 48.29 8.12 22.30
C CYS E 173 49.46 7.34 21.74
N THR E 174 49.21 6.08 21.39
CA THR E 174 50.21 5.18 20.84
C THR E 174 49.80 4.79 19.43
N ASP E 175 50.75 4.81 18.50
CA ASP E 175 50.45 4.45 17.12
C ASP E 175 49.71 3.12 17.10
N PRO E 176 48.64 3.00 16.31
CA PRO E 176 47.92 1.72 16.26
C PRO E 176 48.68 0.63 15.54
N GLN E 177 49.48 0.98 14.52
CA GLN E 177 50.32 0.07 13.75
C GLN E 177 51.77 0.52 13.78
N PRO E 178 52.72 -0.40 13.88
CA PRO E 178 54.13 -0.03 13.76
C PRO E 178 54.50 0.34 12.33
N LEU E 179 55.58 1.10 12.22
CA LEU E 179 56.21 1.48 10.98
C LEU E 179 57.26 0.45 10.60
N LYS E 180 57.45 0.23 9.29
CA LYS E 180 58.51 -0.64 8.78
C LYS E 180 59.77 0.18 8.63
N GLU E 181 60.84 -0.24 9.32
CA GLU E 181 62.09 0.49 9.23
C GLU E 181 62.78 0.28 7.89
N GLN E 182 62.45 -0.78 7.17
CA GLN E 182 63.03 -1.06 5.85
C GLN E 182 61.86 -1.46 4.95
N PRO E 183 61.07 -0.49 4.49
CA PRO E 183 59.78 -0.83 3.84
C PRO E 183 59.92 -1.70 2.60
N ALA E 184 61.12 -1.83 2.04
CA ALA E 184 61.31 -2.63 0.84
C ALA E 184 61.54 -4.11 1.14
N LEU E 185 62.19 -4.44 2.26
CA LEU E 185 62.51 -5.82 2.57
C LEU E 185 61.28 -6.57 3.08
N ASN E 186 61.18 -7.85 2.71
CA ASN E 186 60.03 -8.63 3.18
C ASN E 186 60.12 -8.96 4.67
N ASP E 187 61.29 -8.83 5.28
CA ASP E 187 61.46 -9.08 6.70
C ASP E 187 61.91 -7.81 7.43
N SER E 188 61.35 -6.67 7.04
CA SER E 188 61.64 -5.41 7.70
C SER E 188 61.42 -5.51 9.20
N ARG E 189 62.32 -4.92 9.98
CA ARG E 189 62.02 -4.74 11.38
C ARG E 189 61.10 -3.53 11.55
N TYR E 190 60.61 -3.32 12.78
CA TYR E 190 59.54 -2.36 13.03
C TYR E 190 59.93 -1.29 14.02
N ALA E 191 59.20 -0.16 13.95
CA ALA E 191 59.29 0.92 14.92
C ALA E 191 57.89 1.34 15.34
N LEU E 192 57.77 1.80 16.59
CA LEU E 192 56.50 2.23 17.17
C LEU E 192 56.76 3.44 18.04
N SER E 193 55.83 4.41 18.01
CA SER E 193 55.98 5.61 18.82
C SER E 193 54.73 5.83 19.69
N SER E 194 54.92 6.59 20.78
CA SER E 194 53.82 6.92 21.66
C SER E 194 54.12 8.26 22.32
N ARG E 195 53.06 9.01 22.62
CA ARG E 195 53.17 10.28 23.32
C ARG E 195 52.43 10.20 24.64
N LEU E 196 52.97 10.85 25.66
CA LEU E 196 52.27 11.08 26.93
C LEU E 196 52.40 12.57 27.24
N ARG E 197 51.27 13.27 27.29
CA ARG E 197 51.26 14.70 27.51
C ARG E 197 50.74 15.01 28.91
N VAL E 198 51.52 15.77 29.66
CA VAL E 198 51.15 16.16 31.03
C VAL E 198 51.12 17.67 31.13
N SER E 199 50.73 18.18 32.30
CA SER E 199 50.84 19.60 32.57
C SER E 199 52.30 19.97 32.83
N ALA E 200 52.64 21.23 32.55
CA ALA E 200 54.02 21.68 32.75
C ALA E 200 54.45 21.50 34.20
N THR E 201 53.57 21.82 35.15
CA THR E 201 53.93 21.70 36.56
C THR E 201 54.18 20.25 36.95
N PHE E 202 53.36 19.32 36.44
CA PHE E 202 53.58 17.92 36.75
C PHE E 202 54.94 17.46 36.24
N TRP E 203 55.30 17.88 35.02
CA TRP E 203 56.62 17.57 34.49
C TRP E 203 57.72 18.25 35.28
N GLN E 204 57.48 19.48 35.74
CA GLN E 204 58.53 20.21 36.45
C GLN E 204 58.75 19.72 37.88
N ASN E 205 57.87 18.86 38.39
CA ASN E 205 58.01 18.24 39.71
C ASN E 205 59.00 17.08 39.63
N PRO E 206 60.21 17.23 40.17
CA PRO E 206 61.22 16.17 40.05
C PRO E 206 60.94 14.94 40.89
N ARG E 207 59.89 14.94 41.70
CA ARG E 207 59.45 13.75 42.40
C ARG E 207 58.55 12.86 41.54
N ASN E 208 58.34 13.21 40.28
CA ASN E 208 57.52 12.42 39.37
C ASN E 208 58.42 11.61 38.43
N HIS E 209 58.25 10.29 38.46
CA HIS E 209 59.01 9.37 37.62
C HIS E 209 58.16 8.92 36.44
N PHE E 210 58.72 9.02 35.24
CA PHE E 210 58.06 8.64 34.00
C PHE E 210 58.81 7.48 33.37
N ARG E 211 58.09 6.46 32.96
CA ARG E 211 58.73 5.29 32.35
C ARG E 211 57.80 4.74 31.28
N CYS E 212 58.32 4.59 30.07
CA CYS E 212 57.62 3.91 28.99
CA CYS E 212 57.57 3.89 29.03
C CYS E 212 58.06 2.44 28.97
N GLN E 213 57.11 1.53 28.96
CA GLN E 213 57.35 0.10 29.04
C GLN E 213 56.86 -0.58 27.78
N VAL E 214 57.69 -1.44 27.22
CA VAL E 214 57.32 -2.20 26.03
C VAL E 214 57.44 -3.68 26.38
N GLN E 215 56.30 -4.36 26.44
CA GLN E 215 56.29 -5.82 26.47
C GLN E 215 56.51 -6.32 25.06
N PHE E 216 57.53 -7.18 24.89
CA PHE E 216 57.86 -7.83 23.62
C PHE E 216 57.60 -9.32 23.73
N TYR E 217 57.01 -9.90 22.68
CA TYR E 217 56.74 -11.34 22.62
C TYR E 217 57.60 -11.94 21.52
N GLY E 218 58.58 -12.75 21.91
CA GLY E 218 59.51 -13.32 20.95
C GLY E 218 59.66 -14.82 21.16
N LEU E 219 60.90 -15.27 21.33
CA LEU E 219 61.18 -16.70 21.47
C LEU E 219 60.83 -17.19 22.88
N SER E 220 60.54 -18.48 22.98
CA SER E 220 60.23 -19.12 24.24
C SER E 220 61.45 -19.89 24.75
N GLU E 221 61.29 -20.53 25.91
CA GLU E 221 62.41 -21.27 26.49
C GLU E 221 62.81 -22.46 25.62
N ASN E 222 61.84 -23.11 24.98
CA ASN E 222 62.10 -24.33 24.21
C ASN E 222 62.87 -24.07 22.91
N ASP E 223 62.96 -22.82 22.46
CA ASP E 223 63.59 -22.54 21.17
C ASP E 223 65.11 -22.56 21.31
N GLU E 224 65.77 -23.15 20.30
CA GLU E 224 67.22 -23.27 20.33
C GLU E 224 67.87 -21.97 19.85
N TRP E 225 68.98 -21.60 20.48
CA TRP E 225 69.65 -20.36 20.16
C TRP E 225 71.15 -20.52 20.35
N THR E 226 71.92 -20.17 19.31
CA THR E 226 73.37 -20.31 19.34
C THR E 226 74.10 -19.06 18.89
N GLN E 227 73.39 -17.95 18.65
CA GLN E 227 74.06 -16.74 18.22
C GLN E 227 74.78 -16.08 19.39
N ASP E 228 75.69 -15.16 19.06
CA ASP E 228 76.41 -14.43 20.08
C ASP E 228 75.47 -13.49 20.84
N ARG E 229 74.64 -12.74 20.12
CA ARG E 229 73.72 -11.83 20.80
C ARG E 229 72.73 -12.61 21.66
N ALA E 230 72.20 -11.94 22.67
CA ALA E 230 71.31 -12.58 23.63
C ALA E 230 70.09 -13.14 22.92
N LYS E 231 69.62 -14.30 23.38
CA LYS E 231 68.44 -14.94 22.82
C LYS E 231 67.25 -13.98 22.89
N PRO E 232 66.58 -13.69 21.79
CA PRO E 232 65.50 -12.65 21.81
C PRO E 232 64.20 -13.22 22.37
N VAL E 233 64.23 -13.54 23.67
CA VAL E 233 63.06 -14.08 24.34
C VAL E 233 62.05 -12.98 24.60
N THR E 234 60.83 -13.40 24.91
CA THR E 234 59.81 -12.51 25.45
C THR E 234 60.36 -11.76 26.66
N GLN E 235 60.11 -10.45 26.70
CA GLN E 235 60.79 -9.60 27.66
C GLN E 235 60.18 -8.21 27.66
N ILE E 236 60.42 -7.50 28.76
CA ILE E 236 60.07 -6.09 28.86
C ILE E 236 61.35 -5.28 28.70
N VAL E 237 61.27 -4.23 27.88
CA VAL E 237 62.32 -3.22 27.73
C VAL E 237 61.68 -1.88 28.06
N SER E 238 62.34 -1.08 28.90
CA SER E 238 61.80 0.20 29.33
C SER E 238 62.84 1.30 29.21
N ALA E 239 62.34 2.53 29.18
CA ALA E 239 63.15 3.73 29.27
C ALA E 239 62.42 4.71 30.16
N GLU E 240 63.18 5.47 30.96
CA GLU E 240 62.57 6.31 31.98
C GLU E 240 63.07 7.74 31.87
N ALA E 241 62.41 8.62 32.62
CA ALA E 241 62.80 10.02 32.73
C ALA E 241 62.21 10.59 34.01
N TRP E 242 62.94 11.52 34.62
CA TRP E 242 62.52 12.20 35.84
C TRP E 242 62.13 13.64 35.54
N GLY E 243 61.15 14.13 36.29
CA GLY E 243 60.78 15.52 36.21
C GLY E 243 61.96 16.46 36.36
N ARG E 244 62.05 17.47 35.48
CA ARG E 244 63.15 18.42 35.46
C ARG E 244 62.60 19.85 35.47
N ALA E 245 63.49 20.79 35.80
CA ALA E 245 63.12 22.21 35.77
C ALA E 245 64.32 23.09 35.41
N MET F 1 -0.79 -40.95 27.70
CA MET F 1 -0.19 -41.13 26.38
C MET F 1 -1.13 -41.86 25.44
N ILE F 2 -1.40 -41.24 24.30
CA ILE F 2 -2.36 -41.74 23.33
C ILE F 2 -1.58 -42.49 22.25
N GLN F 3 -1.75 -43.79 22.18
CA GLN F 3 -1.20 -44.59 21.10
C GLN F 3 -2.30 -44.83 20.08
N ARG F 4 -1.91 -44.92 18.81
CA ARG F 4 -2.86 -45.09 17.73
C ARG F 4 -2.47 -46.32 16.92
N THR F 5 -3.45 -47.22 16.74
CA THR F 5 -3.18 -48.50 16.12
C THR F 5 -3.23 -48.35 14.59
N PRO F 6 -2.45 -49.13 13.86
CA PRO F 6 -2.38 -48.89 12.41
C PRO F 6 -3.67 -49.23 11.68
N LYS F 7 -4.01 -48.38 10.73
CA LYS F 7 -4.94 -48.75 9.67
C LYS F 7 -4.19 -49.52 8.61
N ILE F 8 -4.82 -50.57 8.07
CA ILE F 8 -4.16 -51.50 7.20
C ILE F 8 -5.06 -51.74 6.01
N GLN F 9 -4.61 -51.34 4.82
CA GLN F 9 -5.40 -51.49 3.62
C GLN F 9 -4.60 -52.28 2.60
N VAL F 10 -5.25 -53.29 2.01
CA VAL F 10 -4.61 -54.26 1.13
C VAL F 10 -5.38 -54.24 -0.19
N TYR F 11 -4.68 -53.98 -1.30
CA TYR F 11 -5.35 -53.69 -2.56
C TYR F 11 -4.35 -53.82 -3.70
N SER F 12 -4.86 -54.17 -4.88
CA SER F 12 -4.00 -54.34 -6.03
C SER F 12 -3.74 -53.01 -6.72
N ARG F 13 -2.61 -52.93 -7.42
CA ARG F 13 -2.24 -51.69 -8.11
C ARG F 13 -3.25 -51.34 -9.20
N HIS F 14 -3.63 -52.33 -10.00
CA HIS F 14 -4.62 -52.26 -11.06
C HIS F 14 -5.80 -53.14 -10.68
N PRO F 15 -6.99 -52.89 -11.23
CA PRO F 15 -8.10 -53.82 -11.00
C PRO F 15 -7.67 -55.24 -11.32
N ALA F 16 -7.95 -56.16 -10.39
CA ALA F 16 -7.36 -57.50 -10.46
C ALA F 16 -8.13 -58.41 -11.40
N GLU F 17 -7.39 -59.29 -12.06
CA GLU F 17 -7.97 -60.35 -12.86
C GLU F 17 -7.08 -61.57 -12.72
N ASN F 18 -7.64 -62.70 -12.28
CA ASN F 18 -6.86 -63.93 -12.16
C ASN F 18 -6.11 -64.21 -13.44
N GLY F 19 -4.84 -64.57 -13.31
CA GLY F 19 -4.02 -64.88 -14.44
C GLY F 19 -3.20 -63.72 -14.97
N LYS F 20 -3.53 -62.47 -14.61
CA LYS F 20 -2.83 -61.31 -15.11
C LYS F 20 -1.91 -60.72 -14.04
N SER F 21 -0.66 -60.49 -14.43
CA SER F 21 0.34 -59.92 -13.52
C SER F 21 -0.10 -58.56 -12.98
N ASN F 22 0.24 -58.29 -11.72
CA ASN F 22 -0.26 -57.15 -10.97
C ASN F 22 0.73 -56.86 -9.84
N PHE F 23 0.41 -55.87 -9.02
CA PHE F 23 1.13 -55.66 -7.77
C PHE F 23 0.13 -55.63 -6.63
N LEU F 24 0.52 -56.20 -5.50
CA LEU F 24 -0.28 -56.20 -4.28
C LEU F 24 0.32 -55.19 -3.31
N ASN F 25 -0.49 -54.23 -2.86
CA ASN F 25 -0.07 -53.19 -1.95
C ASN F 25 -0.63 -53.44 -0.57
N CYS F 26 0.15 -53.06 0.43
CA CYS F 26 -0.34 -52.98 1.80
C CYS F 26 0.08 -51.62 2.33
N TYR F 27 -0.90 -50.78 2.58
CA TYR F 27 -0.70 -49.41 3.02
C TYR F 27 -1.07 -49.35 4.48
N VAL F 28 -0.10 -49.02 5.32
CA VAL F 28 -0.23 -49.08 6.77
C VAL F 28 0.00 -47.66 7.27
N SER F 29 -1.00 -47.11 7.95
CA SER F 29 -1.03 -45.67 8.15
C SER F 29 -1.72 -45.32 9.45
N GLY F 30 -1.54 -44.07 9.86
CA GLY F 30 -2.23 -43.56 11.03
C GLY F 30 -1.74 -44.08 12.35
N PHE F 31 -0.58 -44.70 12.41
CA PHE F 31 -0.16 -45.31 13.67
C PHE F 31 0.80 -44.40 14.41
N HIS F 32 0.83 -44.55 15.73
CA HIS F 32 1.78 -43.87 16.60
C HIS F 32 1.90 -44.72 17.87
N PRO F 33 3.12 -45.04 18.32
CA PRO F 33 4.43 -44.56 17.85
C PRO F 33 4.93 -45.31 16.60
N SER F 34 6.21 -45.12 16.22
CA SER F 34 6.67 -45.42 14.86
C SER F 34 7.13 -46.86 14.63
N ASP F 35 7.57 -47.56 15.68
CA ASP F 35 8.02 -48.95 15.52
C ASP F 35 6.88 -49.84 15.04
N ILE F 36 7.12 -50.57 13.95
CA ILE F 36 6.09 -51.37 13.31
C ILE F 36 6.80 -52.48 12.54
N GLU F 37 6.11 -53.60 12.36
CA GLU F 37 6.61 -54.68 11.53
C GLU F 37 5.52 -55.06 10.55
N VAL F 38 5.87 -55.20 9.28
CA VAL F 38 4.91 -55.51 8.22
C VAL F 38 5.50 -56.62 7.36
N ASP F 39 4.68 -57.64 7.06
CA ASP F 39 5.02 -58.70 6.12
C ASP F 39 3.83 -58.95 5.20
N LEU F 40 4.12 -59.31 3.95
CA LEU F 40 3.10 -59.76 3.02
C LEU F 40 3.13 -61.29 2.98
N LEU F 41 1.94 -61.88 2.99
CA LEU F 41 1.79 -63.34 3.07
C LEU F 41 1.11 -63.86 1.83
N LYS F 42 1.57 -65.02 1.35
CA LYS F 42 0.89 -65.79 0.30
C LYS F 42 0.54 -67.14 0.91
N ASN F 43 -0.76 -67.44 1.03
CA ASN F 43 -1.22 -68.69 1.64
C ASN F 43 -0.62 -68.90 3.03
N GLY F 44 -0.46 -67.81 3.78
CA GLY F 44 0.03 -67.88 5.15
C GLY F 44 1.54 -67.79 5.32
N GLU F 45 2.30 -67.93 4.24
CA GLU F 45 3.76 -67.92 4.29
C GLU F 45 4.29 -66.55 3.88
N ARG F 46 5.36 -66.13 4.55
CA ARG F 46 5.94 -64.82 4.30
C ARG F 46 6.53 -64.74 2.88
N ILE F 47 6.17 -63.68 2.16
CA ILE F 47 6.73 -63.46 0.83
C ILE F 47 8.08 -62.78 0.99
N GLU F 48 9.09 -63.28 0.30
CA GLU F 48 10.43 -62.77 0.54
C GLU F 48 10.79 -61.57 -0.33
N LYS F 49 10.28 -61.48 -1.56
CA LYS F 49 10.63 -60.38 -2.46
C LYS F 49 9.57 -59.30 -2.32
N VAL F 50 9.76 -58.40 -1.35
CA VAL F 50 8.80 -57.35 -1.05
C VAL F 50 9.53 -56.01 -1.00
N GLU F 51 8.97 -55.01 -1.68
CA GLU F 51 9.47 -53.64 -1.60
C GLU F 51 8.71 -52.88 -0.53
N HIS F 52 9.34 -51.84 0.01
CA HIS F 52 8.63 -50.94 0.89
C HIS F 52 9.24 -49.54 0.86
N SER F 53 8.39 -48.55 1.09
CA SER F 53 8.84 -47.18 1.27
C SER F 53 9.50 -47.02 2.65
N ASP F 54 10.21 -45.91 2.83
CA ASP F 54 10.64 -45.56 4.16
C ASP F 54 9.44 -45.14 5.01
N LEU F 55 9.64 -45.17 6.33
CA LEU F 55 8.68 -44.56 7.25
C LEU F 55 8.37 -43.14 6.81
N SER F 56 7.08 -42.81 6.74
CA SER F 56 6.65 -41.52 6.24
C SER F 56 5.85 -40.78 7.31
N PHE F 57 5.84 -39.45 7.21
CA PHE F 57 5.36 -38.57 8.27
C PHE F 57 4.10 -37.84 7.80
N SER F 58 3.04 -37.92 8.59
CA SER F 58 1.79 -37.21 8.34
CA SER F 58 1.80 -37.20 8.33
C SER F 58 1.71 -35.96 9.21
N LYS F 59 0.94 -34.97 8.72
CA LYS F 59 0.77 -33.71 9.44
C LYS F 59 0.04 -33.88 10.77
N ASP F 60 -0.68 -34.98 10.98
CA ASP F 60 -1.29 -35.22 12.29
C ASP F 60 -0.36 -36.00 13.24
N TRP F 61 0.93 -36.11 12.91
CA TRP F 61 2.01 -36.66 13.74
C TRP F 61 2.05 -38.19 13.71
N SER F 62 1.11 -38.83 13.03
CA SER F 62 1.15 -40.27 12.80
C SER F 62 2.06 -40.59 11.60
N PHE F 63 2.26 -41.87 11.37
CA PHE F 63 3.20 -42.36 10.36
C PHE F 63 2.52 -43.28 9.37
N TYR F 64 3.16 -43.48 8.23
CA TYR F 64 2.58 -44.36 7.24
C TYR F 64 3.69 -44.99 6.42
N LEU F 65 3.35 -46.12 5.80
CA LEU F 65 4.29 -46.78 4.91
CA LEU F 65 4.28 -47.02 5.11
C LEU F 65 3.55 -47.70 3.95
N LEU F 66 4.26 -48.01 2.87
CA LEU F 66 3.69 -48.80 1.79
C LEU F 66 4.61 -49.99 1.51
N TYR F 67 4.04 -51.19 1.62
CA TYR F 67 4.69 -52.45 1.26
C TYR F 67 4.00 -53.00 0.02
N TYR F 68 4.77 -53.58 -0.90
CA TYR F 68 4.14 -54.15 -2.08
C TYR F 68 5.01 -55.23 -2.72
N THR F 69 4.36 -56.06 -3.52
CA THR F 69 5.05 -57.12 -4.24
C THR F 69 4.35 -57.42 -5.56
N GLU F 70 5.13 -57.74 -6.59
CA GLU F 70 4.56 -58.21 -7.84
C GLU F 70 3.93 -59.57 -7.62
N PHE F 71 2.76 -59.79 -8.21
CA PHE F 71 2.12 -61.09 -8.05
C PHE F 71 1.14 -61.30 -9.21
N THR F 72 0.76 -62.56 -9.40
CA THR F 72 -0.33 -62.89 -10.31
C THR F 72 -1.46 -63.51 -9.51
N PRO F 73 -2.60 -62.84 -9.36
CA PRO F 73 -3.69 -63.44 -8.57
C PRO F 73 -4.24 -64.69 -9.24
N THR F 74 -4.60 -65.66 -8.42
CA THR F 74 -5.29 -66.86 -8.87
C THR F 74 -6.46 -67.12 -7.93
N GLU F 75 -7.37 -67.98 -8.40
CA GLU F 75 -8.55 -68.31 -7.59
C GLU F 75 -8.15 -69.00 -6.28
N LYS F 76 -7.07 -69.77 -6.29
CA LYS F 76 -6.68 -70.56 -5.14
C LYS F 76 -5.83 -69.79 -4.14
N ASP F 77 -5.05 -68.82 -4.59
CA ASP F 77 -4.06 -68.18 -3.73
C ASP F 77 -4.71 -67.08 -2.88
N GLU F 78 -4.50 -67.14 -1.57
CA GLU F 78 -4.98 -66.12 -0.66
C GLU F 78 -3.81 -65.27 -0.16
N TYR F 79 -3.95 -63.96 -0.29
CA TYR F 79 -2.89 -63.04 0.12
C TYR F 79 -3.33 -62.27 1.36
N ALA F 80 -2.34 -61.83 2.14
CA ALA F 80 -2.63 -61.06 3.35
C ALA F 80 -1.47 -60.15 3.67
N CYS F 81 -1.73 -59.21 4.58
CA CYS F 81 -0.71 -58.32 5.13
C CYS F 81 -0.71 -58.52 6.63
N ARG F 82 0.46 -58.81 7.20
CA ARG F 82 0.61 -59.13 8.62
C ARG F 82 1.39 -58.02 9.28
N VAL F 83 0.81 -57.42 10.32
CA VAL F 83 1.33 -56.19 10.88
C VAL F 83 1.42 -56.35 12.39
N ASN F 84 2.54 -55.93 12.97
CA ASN F 84 2.63 -55.84 14.42
C ASN F 84 3.05 -54.43 14.84
N HIS F 85 2.59 -54.04 16.02
CA HIS F 85 2.68 -52.69 16.55
C HIS F 85 2.41 -52.81 18.05
N VAL F 86 2.85 -51.80 18.80
CA VAL F 86 2.77 -51.89 20.25
C VAL F 86 1.33 -51.89 20.73
N THR F 87 0.41 -51.31 19.94
CA THR F 87 -1.00 -51.35 20.29
C THR F 87 -1.62 -52.74 20.12
N LEU F 88 -0.91 -53.66 19.50
CA LEU F 88 -1.45 -54.97 19.15
C LEU F 88 -0.81 -56.04 20.02
N SER F 89 -1.64 -56.86 20.65
CA SER F 89 -1.08 -57.89 21.53
C SER F 89 -0.54 -59.07 20.74
N GLN F 90 -1.00 -59.26 19.50
CA GLN F 90 -0.46 -60.24 18.59
C GLN F 90 -0.49 -59.66 17.19
N PRO F 91 0.34 -60.17 16.28
CA PRO F 91 0.32 -59.66 14.90
C PRO F 91 -1.06 -59.80 14.30
N LYS F 92 -1.52 -58.74 13.63
CA LYS F 92 -2.81 -58.74 12.94
C LYS F 92 -2.59 -59.14 11.47
N ILE F 93 -3.34 -60.13 11.02
CA ILE F 93 -3.27 -60.63 9.66
C ILE F 93 -4.49 -60.10 8.91
N VAL F 94 -4.26 -59.25 7.92
CA VAL F 94 -5.37 -58.62 7.20
C VAL F 94 -5.43 -59.20 5.79
N LYS F 95 -6.55 -59.88 5.48
CA LYS F 95 -6.68 -60.57 4.20
C LYS F 95 -7.02 -59.61 3.07
N TRP F 96 -6.41 -59.84 1.90
CA TRP F 96 -6.81 -59.14 0.69
C TRP F 96 -8.21 -59.56 0.26
N ASP F 97 -9.09 -58.59 -0.01
CA ASP F 97 -10.46 -58.90 -0.37
C ASP F 97 -10.63 -59.23 -1.85
N ARG F 98 -9.54 -59.50 -2.57
CA ARG F 98 -9.56 -59.90 -3.98
C ARG F 98 -10.24 -58.87 -4.87
N ASP F 99 -10.09 -57.59 -4.52
CA ASP F 99 -10.61 -56.47 -5.32
C ASP F 99 -12.14 -56.53 -5.45
N MET F 100 -12.80 -57.12 -4.45
CA MET F 100 -14.27 -57.21 -4.42
C MET F 100 -14.90 -55.85 -4.18
N ASN G 2 -15.09 1.39 -21.81
CA ASN G 2 -16.31 0.99 -21.12
C ASN G 2 -16.07 0.73 -19.63
N ALA G 3 -14.94 1.21 -19.10
CA ALA G 3 -14.63 1.02 -17.69
C ALA G 3 -15.36 2.02 -16.79
N GLY G 4 -15.89 3.11 -17.35
CA GLY G 4 -16.53 4.12 -16.51
C GLY G 4 -15.49 4.99 -15.85
N VAL G 5 -15.58 5.14 -14.54
CA VAL G 5 -14.65 5.96 -13.77
C VAL G 5 -13.72 5.02 -12.99
N THR G 6 -12.43 5.15 -13.22
CA THR G 6 -11.40 4.32 -12.59
CA THR G 6 -11.43 4.32 -12.56
C THR G 6 -10.56 5.20 -11.69
N GLN G 7 -10.60 4.97 -10.40
CA GLN G 7 -9.76 5.75 -9.50
C GLN G 7 -8.89 4.80 -8.70
N THR G 8 -7.70 5.27 -8.33
CA THR G 8 -6.72 4.49 -7.57
C THR G 8 -6.02 5.44 -6.60
N PRO G 9 -5.55 4.92 -5.45
CA PRO G 9 -5.64 3.51 -5.02
C PRO G 9 -6.91 3.23 -4.23
N LYS G 10 -7.23 1.94 -4.03
CA LYS G 10 -8.40 1.58 -3.25
C LYS G 10 -8.20 1.90 -1.77
N PHE G 11 -7.01 1.62 -1.24
CA PHE G 11 -6.68 1.88 0.16
C PHE G 11 -5.31 2.52 0.25
N GLN G 12 -5.12 3.37 1.27
CA GLN G 12 -3.80 3.92 1.51
C GLN G 12 -3.67 4.38 2.95
N VAL G 13 -2.57 4.01 3.61
CA VAL G 13 -2.27 4.53 4.92
CA VAL G 13 -2.19 4.47 4.94
C VAL G 13 -1.14 5.53 4.78
N LEU G 14 -1.26 6.64 5.50
CA LEU G 14 -0.33 7.74 5.38
C LEU G 14 0.06 8.22 6.77
N LYS G 15 1.27 8.69 6.89
CA LYS G 15 1.74 9.35 8.10
C LYS G 15 1.49 10.85 7.95
N THR G 16 1.17 11.51 9.07
CA THR G 16 1.00 12.96 9.04
C THR G 16 2.17 13.62 8.32
N GLY G 17 1.87 14.47 7.33
CA GLY G 17 2.89 15.17 6.60
C GLY G 17 3.31 14.53 5.30
N GLN G 18 2.90 13.30 5.04
CA GLN G 18 3.24 12.60 3.81
C GLN G 18 2.40 13.12 2.65
N SER G 19 2.96 13.05 1.44
CA SER G 19 2.27 13.48 0.23
C SER G 19 1.54 12.30 -0.40
N MET G 20 0.47 12.60 -1.12
CA MET G 20 -0.32 11.55 -1.75
CA MET G 20 -0.31 11.55 -1.76
C MET G 20 -1.06 12.13 -2.94
N THR G 21 -1.03 11.41 -4.06
CA THR G 21 -1.84 11.73 -5.23
C THR G 21 -2.84 10.60 -5.46
N LEU G 22 -4.13 10.94 -5.60
CA LEU G 22 -5.14 10.00 -6.04
C LEU G 22 -5.39 10.22 -7.53
N GLN G 23 -5.47 9.14 -8.29
CA GLN G 23 -5.68 9.22 -9.72
C GLN G 23 -7.14 8.95 -10.05
N CYS G 24 -7.64 9.63 -11.06
CA CYS G 24 -8.98 9.35 -11.55
C CYS G 24 -9.00 9.52 -13.06
N ALA G 25 -9.56 8.56 -13.78
CA ALA G 25 -9.73 8.69 -15.21
C ALA G 25 -11.13 8.23 -15.57
N GLN G 26 -11.70 8.84 -16.61
CA GLN G 26 -12.99 8.37 -17.10
C GLN G 26 -12.89 8.21 -18.61
N ASP G 27 -13.51 7.15 -19.13
CA ASP G 27 -13.48 6.84 -20.55
C ASP G 27 -14.85 7.04 -21.18
N MET G 28 -15.68 7.92 -20.61
CA MET G 28 -17.03 8.13 -21.10
C MET G 28 -17.14 9.38 -21.97
N ASN G 29 -16.03 10.06 -22.25
CA ASN G 29 -15.98 11.32 -22.99
C ASN G 29 -16.77 12.41 -22.28
N HIS G 30 -16.78 12.36 -20.96
CA HIS G 30 -17.45 13.35 -20.13
C HIS G 30 -16.65 14.64 -20.08
N ASN G 31 -17.34 15.76 -19.83
CA ASN G 31 -16.64 17.04 -19.70
C ASN G 31 -16.33 17.46 -18.27
N SER G 32 -17.17 17.10 -17.31
CA SER G 32 -17.06 17.61 -15.94
C SER G 32 -16.57 16.50 -15.01
N MET G 33 -15.60 16.82 -14.15
CA MET G 33 -15.11 15.87 -13.15
C MET G 33 -15.06 16.53 -11.77
N TYR G 34 -15.14 15.70 -10.74
CA TYR G 34 -15.38 16.11 -9.37
C TYR G 34 -14.58 15.23 -8.42
N TRP G 35 -14.12 15.82 -7.31
CA TRP G 35 -13.55 15.03 -6.21
C TRP G 35 -14.33 15.35 -4.95
N TYR G 36 -14.89 14.31 -4.33
CA TYR G 36 -15.69 14.35 -3.12
C TYR G 36 -15.00 13.59 -1.99
N ARG G 37 -15.26 13.99 -0.75
CA ARG G 37 -15.00 13.12 0.39
C ARG G 37 -16.30 12.77 1.10
N GLN G 38 -16.35 11.56 1.63
CA GLN G 38 -17.51 11.05 2.36
C GLN G 38 -17.07 10.72 3.77
N ASP G 39 -17.74 11.31 4.75
CA ASP G 39 -17.43 11.06 6.14
C ASP G 39 -18.69 10.66 6.90
N PRO G 40 -18.55 9.90 7.98
CA PRO G 40 -19.73 9.46 8.75
C PRO G 40 -20.54 10.64 9.24
N GLY G 41 -21.85 10.53 9.10
CA GLY G 41 -22.74 11.51 9.67
C GLY G 41 -23.00 12.74 8.83
N MET G 42 -22.49 12.81 7.59
CA MET G 42 -22.71 14.01 6.82
C MET G 42 -22.79 13.68 5.33
N GLY G 43 -23.33 14.62 4.57
CA GLY G 43 -23.43 14.42 3.13
C GLY G 43 -22.07 14.58 2.47
N LEU G 44 -21.96 14.01 1.26
CA LEU G 44 -20.77 14.21 0.45
C LEU G 44 -20.39 15.69 0.38
N ARG G 45 -19.10 15.97 0.46
CA ARG G 45 -18.60 17.33 0.34
C ARG G 45 -17.63 17.42 -0.82
N LEU G 46 -17.89 18.36 -1.71
CA LEU G 46 -17.04 18.60 -2.87
C LEU G 46 -15.74 19.26 -2.43
N ILE G 47 -14.63 18.72 -2.90
CA ILE G 47 -13.31 19.26 -2.59
C ILE G 47 -12.87 20.24 -3.68
N TYR G 48 -12.86 19.78 -4.93
CA TYR G 48 -12.53 20.55 -6.12
C TYR G 48 -13.32 19.96 -7.28
N TYR G 49 -13.52 20.77 -8.33
CA TYR G 49 -14.16 20.23 -9.51
C TYR G 49 -13.59 20.88 -10.75
N SER G 50 -13.99 20.34 -11.90
CA SER G 50 -13.47 20.77 -13.19
C SER G 50 -14.66 20.73 -14.15
N ALA G 51 -15.24 21.90 -14.43
CA ALA G 51 -16.47 21.92 -15.23
C ALA G 51 -16.21 21.52 -16.67
N SER G 52 -14.98 21.65 -17.14
CA SER G 52 -14.61 21.37 -18.51
CA SER G 52 -14.62 21.24 -18.48
C SER G 52 -13.11 21.14 -18.55
N GLU G 53 -12.62 20.52 -19.62
CA GLU G 53 -11.18 20.43 -19.80
C GLU G 53 -10.59 21.84 -19.78
N GLY G 54 -9.47 21.99 -19.07
CA GLY G 54 -8.78 23.27 -19.02
C GLY G 54 -9.26 24.27 -17.97
N THR G 55 -10.17 23.90 -17.07
CA THR G 55 -10.52 24.78 -15.96
C THR G 55 -10.83 23.94 -14.71
N THR G 56 -10.49 24.49 -13.55
CA THR G 56 -10.78 23.84 -12.27
C THR G 56 -11.15 24.92 -11.28
N ASP G 57 -11.85 24.54 -10.21
CA ASP G 57 -12.13 25.52 -9.17
C ASP G 57 -12.40 24.78 -7.87
N LYS G 58 -12.33 25.53 -6.78
CA LYS G 58 -12.53 24.96 -5.46
C LYS G 58 -13.98 24.57 -5.23
N GLY G 59 -14.17 23.55 -4.41
CA GLY G 59 -15.47 23.16 -3.91
C GLY G 59 -15.73 23.75 -2.53
N GLU G 60 -16.44 22.99 -1.70
CA GLU G 60 -16.73 23.43 -0.34
C GLU G 60 -15.54 23.21 0.60
N VAL G 61 -14.72 22.18 0.40
CA VAL G 61 -13.64 21.91 1.36
C VAL G 61 -12.27 21.78 0.68
N PRO G 62 -11.77 22.86 0.06
CA PRO G 62 -10.51 22.75 -0.72
C PRO G 62 -9.23 22.78 0.09
N ASN G 63 -9.25 23.22 1.34
CA ASN G 63 -7.99 23.46 2.05
C ASN G 63 -7.30 22.14 2.39
N GLY G 64 -5.98 22.09 2.12
CA GLY G 64 -5.19 20.86 2.25
C GLY G 64 -5.14 20.00 1.01
N TYR G 65 -5.76 20.45 -0.09
CA TYR G 65 -5.86 19.68 -1.33
C TYR G 65 -5.56 20.58 -2.52
N ASN G 66 -5.18 19.93 -3.62
CA ASN G 66 -5.05 20.58 -4.93
CA ASN G 66 -5.19 20.60 -4.92
C ASN G 66 -5.42 19.56 -6.00
N VAL G 67 -5.77 20.06 -7.19
CA VAL G 67 -6.15 19.16 -8.28
C VAL G 67 -5.45 19.53 -9.58
N SER G 68 -5.41 18.55 -10.49
CA SER G 68 -4.92 18.78 -11.84
CA SER G 68 -4.93 18.78 -11.84
C SER G 68 -5.87 18.09 -12.82
N ARG G 69 -6.53 18.88 -13.65
CA ARG G 69 -7.27 18.33 -14.78
C ARG G 69 -6.25 18.17 -15.90
N LEU G 70 -5.66 16.99 -15.99
CA LEU G 70 -4.51 16.78 -16.86
C LEU G 70 -4.91 16.80 -18.31
N ASN G 71 -6.07 16.25 -18.63
CA ASN G 71 -6.61 16.20 -19.98
C ASN G 71 -8.10 15.99 -19.83
N LYS G 72 -8.79 15.66 -20.93
CA LYS G 72 -10.23 15.46 -20.82
C LYS G 72 -10.57 14.29 -19.91
N ARG G 73 -9.71 13.27 -19.88
CA ARG G 73 -10.02 12.03 -19.18
C ARG G 73 -9.63 12.02 -17.71
N GLU G 74 -8.65 12.83 -17.29
CA GLU G 74 -8.00 12.58 -16.00
C GLU G 74 -8.05 13.79 -15.10
N PHE G 75 -8.31 13.52 -13.83
CA PHE G 75 -8.51 14.56 -12.82
C PHE G 75 -7.88 14.03 -11.54
N SER G 76 -6.68 14.49 -11.23
CA SER G 76 -5.98 13.94 -10.09
C SER G 76 -6.14 14.86 -8.87
N LEU G 77 -6.15 14.24 -7.69
CA LEU G 77 -6.30 14.92 -6.43
C LEU G 77 -5.04 14.74 -5.62
N ARG G 78 -4.48 15.86 -5.14
CA ARG G 78 -3.19 15.89 -4.47
C ARG G 78 -3.38 16.35 -3.04
N LEU G 79 -2.84 15.56 -2.11
CA LEU G 79 -2.70 15.93 -0.70
C LEU G 79 -1.22 16.19 -0.48
N GLU G 80 -0.83 17.45 -0.35
CA GLU G 80 0.60 17.70 -0.28
C GLU G 80 1.20 17.33 1.07
N SER G 81 0.52 17.69 2.16
CA SER G 81 0.97 17.41 3.53
C SER G 81 -0.19 16.80 4.31
N ALA G 82 -0.28 15.46 4.35
CA ALA G 82 -1.50 14.82 4.82
C ALA G 82 -1.75 15.14 6.30
N ALA G 83 -3.01 15.36 6.63
CA ALA G 83 -3.38 15.59 8.02
C ALA G 83 -4.36 14.52 8.49
N PRO G 84 -4.39 14.23 9.80
CA PRO G 84 -5.36 13.24 10.30
C PRO G 84 -6.80 13.54 9.94
N SER G 85 -7.17 14.82 9.80
CA SER G 85 -8.53 15.16 9.44
C SER G 85 -8.86 14.75 8.01
N GLN G 86 -7.85 14.45 7.20
CA GLN G 86 -8.09 13.99 5.85
C GLN G 86 -8.32 12.49 5.75
N THR G 87 -8.35 11.80 6.88
CA THR G 87 -8.84 10.41 6.90
C THR G 87 -10.28 10.41 6.42
N SER G 88 -10.57 9.66 5.35
CA SER G 88 -11.87 9.77 4.71
C SER G 88 -11.95 8.76 3.59
N VAL G 89 -13.11 8.69 2.93
CA VAL G 89 -13.24 7.93 1.70
C VAL G 89 -13.44 8.95 0.60
N TYR G 90 -12.56 8.92 -0.39
CA TYR G 90 -12.58 9.89 -1.48
C TYR G 90 -13.22 9.28 -2.71
N PHE G 91 -14.11 10.04 -3.34
CA PHE G 91 -14.79 9.58 -4.55
C PHE G 91 -14.56 10.58 -5.67
N CYS G 92 -14.05 10.09 -6.78
CA CYS G 92 -14.04 10.85 -8.01
CA CYS G 92 -14.11 10.93 -7.95
C CYS G 92 -15.36 10.60 -8.75
N ALA G 93 -15.87 11.62 -9.44
CA ALA G 93 -17.11 11.45 -10.20
C ALA G 93 -17.00 12.26 -11.49
N SER G 94 -17.84 11.93 -12.46
CA SER G 94 -17.87 12.69 -13.70
C SER G 94 -19.31 12.81 -14.19
N SER G 95 -19.56 13.83 -15.02
CA SER G 95 -20.85 13.99 -15.66
CA SER G 95 -20.85 14.06 -15.63
C SER G 95 -20.63 14.49 -17.08
N VAL G 96 -21.63 14.26 -17.92
CA VAL G 96 -21.50 14.58 -19.34
C VAL G 96 -21.13 16.04 -19.51
N TRP G 97 -21.89 16.93 -18.88
CA TRP G 97 -21.66 18.38 -18.86
C TRP G 97 -21.88 18.86 -17.43
N THR G 98 -21.87 20.17 -17.19
CA THR G 98 -22.41 20.61 -15.92
C THR G 98 -23.22 21.87 -16.09
N GLY G 99 -24.15 22.06 -15.15
CA GLY G 99 -25.27 22.95 -15.30
C GLY G 99 -26.45 22.28 -16.00
N GLU G 100 -26.20 21.27 -16.83
CA GLU G 100 -27.33 20.55 -17.39
C GLU G 100 -28.04 19.99 -16.17
N GLY G 101 -29.21 20.56 -15.89
CA GLY G 101 -29.84 20.30 -14.61
C GLY G 101 -30.03 18.83 -14.37
N SER G 102 -30.44 18.08 -15.39
CA SER G 102 -30.82 16.71 -15.11
C SER G 102 -29.65 15.74 -15.16
N GLY G 103 -28.47 16.16 -15.60
CA GLY G 103 -27.35 15.23 -15.75
C GLY G 103 -26.89 14.65 -14.43
N GLU G 104 -26.77 13.32 -14.36
CA GLU G 104 -26.39 12.68 -13.11
C GLU G 104 -24.88 12.49 -13.02
N LEU G 105 -24.41 12.09 -11.83
CA LEU G 105 -23.00 11.80 -11.60
C LEU G 105 -22.75 10.31 -11.76
N PHE G 106 -21.58 9.99 -12.29
CA PHE G 106 -21.06 8.62 -12.35
C PHE G 106 -19.83 8.58 -11.45
N PHE G 107 -19.85 7.69 -10.47
CA PHE G 107 -18.82 7.65 -9.44
C PHE G 107 -17.78 6.55 -9.69
N GLY G 108 -16.51 6.84 -9.26
CA GLY G 108 -15.48 5.83 -9.13
C GLY G 108 -15.68 4.96 -7.89
N GLU G 109 -14.84 3.92 -7.76
CA GLU G 109 -15.05 2.95 -6.70
C GLU G 109 -14.69 3.46 -5.32
N GLY G 110 -14.03 4.61 -5.22
CA GLY G 110 -13.69 5.10 -3.89
C GLY G 110 -12.26 4.78 -3.49
N SER G 111 -11.64 5.70 -2.73
CA SER G 111 -10.30 5.53 -2.18
C SER G 111 -10.34 5.78 -0.69
N ARG G 112 -10.00 4.77 0.11
CA ARG G 112 -10.02 4.96 1.56
C ARG G 112 -8.64 5.33 2.05
N LEU G 113 -8.51 6.53 2.62
CA LEU G 113 -7.27 7.02 3.19
C LEU G 113 -7.39 7.07 4.71
N THR G 114 -6.35 6.62 5.38
CA THR G 114 -6.21 6.80 6.82
C THR G 114 -4.87 7.49 7.05
N VAL G 115 -4.91 8.61 7.76
CA VAL G 115 -3.72 9.41 8.05
C VAL G 115 -3.44 9.28 9.55
N LEU G 116 -2.24 8.84 9.90
CA LEU G 116 -1.87 8.57 11.28
C LEU G 116 -0.66 9.41 11.70
N GLU G 117 -0.64 9.82 12.96
CA GLU G 117 0.52 10.53 13.48
C GLU G 117 1.76 9.64 13.47
N ASP G 118 1.58 8.35 13.77
CA ASP G 118 2.67 7.39 13.82
CA ASP G 118 2.70 7.44 13.67
C ASP G 118 2.19 6.08 13.23
N LEU G 119 3.04 5.35 12.53
CA LEU G 119 2.61 4.08 11.97
C LEU G 119 2.72 2.93 12.97
N LYS G 120 3.16 3.19 14.19
CA LYS G 120 3.36 2.10 15.13
C LYS G 120 2.06 1.46 15.59
N ASN G 121 0.90 1.95 15.19
CA ASN G 121 -0.34 1.28 15.55
C ASN G 121 -0.94 0.51 14.38
N VAL G 122 -0.22 0.39 13.28
CA VAL G 122 -0.67 -0.41 12.13
C VAL G 122 -0.36 -1.87 12.41
N PHE G 123 -1.39 -2.73 12.28
CA PHE G 123 -1.25 -4.18 12.47
C PHE G 123 -2.00 -4.94 11.37
N PRO G 124 -1.42 -6.02 10.85
CA PRO G 124 -2.18 -6.92 9.99
C PRO G 124 -3.14 -7.77 10.81
N PRO G 125 -4.08 -8.44 10.18
CA PRO G 125 -5.00 -9.29 10.95
C PRO G 125 -4.36 -10.64 11.25
N GLU G 126 -4.76 -11.19 12.38
CA GLU G 126 -4.61 -12.62 12.63
C GLU G 126 -5.85 -13.30 12.06
N VAL G 127 -5.68 -14.39 11.33
CA VAL G 127 -6.82 -15.03 10.67
C VAL G 127 -6.92 -16.48 11.15
N ALA G 128 -8.12 -16.88 11.60
CA ALA G 128 -8.34 -18.26 12.02
C ALA G 128 -9.68 -18.75 11.49
N VAL G 129 -9.73 -20.05 11.19
CA VAL G 129 -10.94 -20.70 10.68
C VAL G 129 -11.38 -21.75 11.68
N PHE G 130 -12.68 -21.78 11.97
CA PHE G 130 -13.27 -22.68 12.96
C PHE G 130 -14.29 -23.60 12.27
N GLU G 131 -14.13 -24.92 12.46
CA GLU G 131 -14.91 -25.91 11.75
C GLU G 131 -16.33 -26.04 12.35
N PRO G 132 -17.29 -26.49 11.55
CA PRO G 132 -18.69 -26.51 11.99
C PRO G 132 -18.93 -27.37 13.23
N SER G 133 -19.93 -26.96 13.99
CA SER G 133 -20.42 -27.73 15.12
C SER G 133 -21.06 -29.04 14.66
N GLU G 134 -20.67 -30.15 15.31
CA GLU G 134 -21.33 -31.42 15.02
C GLU G 134 -22.81 -31.36 15.37
N ALA G 135 -23.15 -30.65 16.45
CA ALA G 135 -24.55 -30.50 16.81
C ALA G 135 -25.36 -29.77 15.73
N GLU G 136 -24.79 -28.70 15.15
CA GLU G 136 -25.47 -28.04 14.03
C GLU G 136 -25.73 -29.02 12.89
N ILE G 137 -24.74 -29.83 12.56
CA ILE G 137 -24.86 -30.73 11.41
C ILE G 137 -26.00 -31.71 11.61
N SER G 138 -26.13 -32.28 12.81
CA SER G 138 -27.20 -33.26 13.00
C SER G 138 -28.55 -32.61 13.25
N HIS G 139 -28.58 -31.39 13.79
CA HIS G 139 -29.87 -30.73 14.02
C HIS G 139 -30.43 -30.10 12.75
N THR G 140 -29.57 -29.64 11.82
CA THR G 140 -30.05 -28.86 10.68
C THR G 140 -29.65 -29.41 9.31
N GLN G 141 -28.72 -30.37 9.25
CA GLN G 141 -28.17 -30.87 8.00
C GLN G 141 -27.41 -29.77 7.24
N LYS G 142 -26.96 -28.75 7.97
CA LYS G 142 -26.17 -27.67 7.41
C LYS G 142 -24.92 -27.51 8.29
N ALA G 143 -23.91 -26.84 7.74
CA ALA G 143 -22.63 -26.72 8.42
C ALA G 143 -22.09 -25.32 8.20
N THR G 144 -21.86 -24.58 9.28
CA THR G 144 -21.38 -23.21 9.23
C THR G 144 -19.93 -23.17 9.69
N LEU G 145 -19.02 -22.75 8.78
CA LEU G 145 -17.67 -22.39 9.15
C LEU G 145 -17.60 -20.91 9.50
N VAL G 146 -16.69 -20.56 10.41
CA VAL G 146 -16.47 -19.18 10.79
C VAL G 146 -15.01 -18.81 10.56
N CYS G 147 -14.83 -17.63 9.98
CA CYS G 147 -13.51 -17.01 9.87
C CYS G 147 -13.48 -15.78 10.75
N LEU G 148 -12.41 -15.64 11.52
CA LEU G 148 -12.20 -14.47 12.37
C LEU G 148 -10.90 -13.81 11.95
N ALA G 149 -10.98 -12.52 11.63
CA ALA G 149 -9.82 -11.68 11.36
C ALA G 149 -9.76 -10.65 12.48
N THR G 150 -8.70 -10.72 13.29
CA THR G 150 -8.69 -10.01 14.57
C THR G 150 -7.41 -9.21 14.73
N GLY G 151 -7.52 -8.12 15.48
CA GLY G 151 -6.39 -7.29 15.85
C GLY G 151 -5.82 -6.40 14.76
N PHE G 152 -6.55 -6.15 13.67
CA PHE G 152 -5.95 -5.40 12.58
C PHE G 152 -6.24 -3.90 12.70
N TYR G 153 -5.36 -3.10 12.09
CA TYR G 153 -5.56 -1.66 12.08
C TYR G 153 -4.70 -1.05 10.98
N PRO G 154 -5.21 -0.09 10.20
CA PRO G 154 -6.58 0.44 10.16
C PRO G 154 -7.53 -0.53 9.48
N ASP G 155 -8.80 -0.14 9.31
CA ASP G 155 -9.80 -1.03 8.71
C ASP G 155 -9.67 -0.97 7.20
N HIS G 156 -8.58 -1.58 6.71
CA HIS G 156 -8.29 -1.70 5.27
C HIS G 156 -8.10 -3.19 4.95
N VAL G 157 -9.20 -3.95 4.93
CA VAL G 157 -9.13 -5.39 4.66
C VAL G 157 -10.21 -5.80 3.65
N GLU G 158 -9.95 -6.93 3.00
CA GLU G 158 -10.89 -7.60 2.11
C GLU G 158 -10.84 -9.08 2.46
N LEU G 159 -11.96 -9.61 2.95
CA LEU G 159 -12.05 -11.02 3.32
C LEU G 159 -12.77 -11.78 2.22
N SER G 160 -12.23 -12.95 1.84
CA SER G 160 -12.89 -13.78 0.84
C SER G 160 -12.77 -15.24 1.24
N TRP G 161 -13.74 -16.04 0.80
CA TRP G 161 -13.73 -17.48 1.03
C TRP G 161 -13.41 -18.17 -0.28
N TRP G 162 -12.68 -19.25 -0.18
CA TRP G 162 -12.24 -20.01 -1.35
C TRP G 162 -12.55 -21.48 -1.08
N VAL G 163 -13.39 -22.07 -1.92
CA VAL G 163 -13.73 -23.47 -1.82
C VAL G 163 -13.16 -24.17 -3.04
N ASN G 164 -12.27 -25.12 -2.80
CA ASN G 164 -11.64 -25.89 -3.86
C ASN G 164 -10.97 -24.96 -4.86
N GLY G 165 -10.24 -23.98 -4.36
CA GLY G 165 -9.46 -23.10 -5.19
C GLY G 165 -10.23 -22.00 -5.91
N LYS G 166 -11.55 -21.92 -5.73
CA LYS G 166 -12.37 -20.92 -6.39
C LYS G 166 -13.05 -20.03 -5.36
N GLU G 167 -13.07 -18.71 -5.61
CA GLU G 167 -13.75 -17.81 -4.68
C GLU G 167 -15.25 -18.06 -4.71
N VAL G 168 -15.88 -18.07 -3.54
CA VAL G 168 -17.32 -18.27 -3.46
C VAL G 168 -17.94 -17.10 -2.73
N HIS G 169 -19.19 -16.84 -3.06
CA HIS G 169 -20.00 -15.78 -2.45
CA HIS G 169 -19.97 -15.82 -2.36
C HIS G 169 -21.33 -16.32 -1.94
N SER G 170 -21.88 -17.34 -2.60
CA SER G 170 -23.13 -17.90 -2.12
C SER G 170 -22.86 -18.62 -0.80
N GLY G 171 -23.78 -18.43 0.15
CA GLY G 171 -23.60 -19.02 1.46
C GLY G 171 -22.70 -18.25 2.39
N VAL G 172 -22.26 -17.05 2.00
CA VAL G 172 -21.28 -16.27 2.75
C VAL G 172 -21.99 -15.05 3.36
N CYS G 173 -21.68 -14.76 4.62
N CYS G 173 -21.64 -14.69 4.58
CA CYS G 173 -22.00 -13.47 5.19
CA CYS G 173 -22.01 -13.35 5.00
C CYS G 173 -20.78 -12.96 5.95
C CYS G 173 -21.00 -12.82 6.00
N THR G 174 -20.28 -11.80 5.57
CA THR G 174 -19.22 -11.13 6.29
C THR G 174 -19.78 -9.87 6.92
N ASP G 175 -19.39 -9.58 8.18
CA ASP G 175 -19.88 -8.38 8.83
C ASP G 175 -19.67 -7.16 7.94
N PRO G 176 -20.71 -6.33 7.70
CA PRO G 176 -20.50 -5.14 6.87
C PRO G 176 -19.61 -4.10 7.55
N GLN G 177 -19.56 -4.09 8.87
CA GLN G 177 -18.69 -3.19 9.63
C GLN G 177 -17.82 -3.99 10.58
N PRO G 178 -16.57 -3.58 10.79
CA PRO G 178 -15.72 -4.26 11.78
C PRO G 178 -16.14 -3.89 13.18
N LEU G 179 -15.68 -4.71 14.12
CA LEU G 179 -15.89 -4.52 15.54
C LEU G 179 -14.66 -3.85 16.13
N LYS G 180 -14.84 -2.79 16.92
CA LYS G 180 -13.71 -2.22 17.66
C LYS G 180 -13.41 -3.11 18.86
N GLU G 181 -12.20 -3.68 18.92
CA GLU G 181 -11.91 -4.59 20.03
C GLU G 181 -11.93 -3.87 21.36
N GLN G 182 -11.57 -2.59 21.37
CA GLN G 182 -11.64 -1.75 22.57
C GLN G 182 -12.41 -0.50 22.18
N PRO G 183 -13.75 -0.55 22.23
CA PRO G 183 -14.57 0.51 21.63
C PRO G 183 -14.34 1.90 22.21
N ALA G 184 -13.62 2.04 23.33
CA ALA G 184 -13.41 3.37 23.90
C ALA G 184 -12.25 4.12 23.28
N LEU G 185 -11.28 3.43 22.66
CA LEU G 185 -10.08 4.08 22.16
C LEU G 185 -10.25 4.49 20.70
N ASN G 186 -9.73 5.69 20.37
CA ASN G 186 -9.90 6.22 19.03
C ASN G 186 -9.13 5.42 17.99
N ASP G 187 -8.07 4.73 18.41
CA ASP G 187 -7.20 3.96 17.52
C ASP G 187 -7.34 2.45 17.77
N SER G 188 -8.48 2.01 18.29
CA SER G 188 -8.68 0.60 18.62
C SER G 188 -8.41 -0.29 17.43
N ARG G 189 -7.79 -1.44 17.67
CA ARG G 189 -7.70 -2.40 16.59
C ARG G 189 -9.06 -3.05 16.36
N TYR G 190 -9.22 -3.68 15.18
CA TYR G 190 -10.51 -4.15 14.71
C TYR G 190 -10.58 -5.66 14.67
N ALA G 191 -11.81 -6.17 14.74
CA ALA G 191 -12.13 -7.56 14.47
C ALA G 191 -13.23 -7.62 13.41
N LEU G 192 -13.22 -8.70 12.63
CA LEU G 192 -14.19 -8.94 11.57
C LEU G 192 -14.51 -10.42 11.53
N SER G 193 -15.79 -10.77 11.50
CA SER G 193 -16.16 -12.17 11.35
C SER G 193 -16.87 -12.39 10.02
N SER G 194 -16.79 -13.63 9.57
CA SER G 194 -17.47 -14.07 8.36
C SER G 194 -17.89 -15.52 8.56
N ARG G 195 -19.00 -15.89 7.94
CA ARG G 195 -19.51 -17.24 7.97
C ARG G 195 -19.67 -17.75 6.55
N LEU G 196 -19.37 -19.04 6.36
CA LEU G 196 -19.70 -19.76 5.14
C LEU G 196 -20.54 -20.96 5.55
N ARG G 197 -21.73 -21.08 4.99
CA ARG G 197 -22.61 -22.18 5.36
C ARG G 197 -22.85 -23.07 4.15
N VAL G 198 -22.63 -24.38 4.32
CA VAL G 198 -22.80 -25.34 3.24
C VAL G 198 -23.71 -26.46 3.75
N SER G 199 -24.16 -27.29 2.81
CA SER G 199 -24.90 -28.49 3.23
C SER G 199 -23.98 -29.41 4.04
N ALA G 200 -24.59 -30.16 4.95
CA ALA G 200 -23.85 -31.20 5.66
C ALA G 200 -23.18 -32.17 4.70
N THR G 201 -23.85 -32.57 3.60
CA THR G 201 -23.24 -33.47 2.64
CA THR G 201 -23.24 -33.47 2.65
C THR G 201 -21.97 -32.88 2.04
N PHE G 202 -21.98 -31.57 1.76
CA PHE G 202 -20.79 -30.93 1.19
C PHE G 202 -19.66 -30.88 2.20
N TRP G 203 -19.97 -30.56 3.46
CA TRP G 203 -18.93 -30.54 4.50
C TRP G 203 -18.34 -31.93 4.74
N GLN G 204 -19.13 -32.98 4.63
CA GLN G 204 -18.68 -34.34 4.96
C GLN G 204 -17.90 -35.02 3.83
N ASN G 205 -17.65 -34.35 2.71
CA ASN G 205 -16.77 -34.86 1.66
C ASN G 205 -15.34 -34.51 2.06
N PRO G 206 -14.50 -35.51 2.35
CA PRO G 206 -13.17 -35.21 2.88
C PRO G 206 -12.22 -34.59 1.87
N ARG G 207 -12.55 -34.51 0.59
CA ARG G 207 -11.65 -33.80 -0.31
C ARG G 207 -12.12 -32.38 -0.64
N ASN G 208 -13.21 -31.90 -0.03
CA ASN G 208 -13.55 -30.48 -0.14
C ASN G 208 -12.62 -29.65 0.75
N HIS G 209 -12.13 -28.56 0.19
CA HIS G 209 -11.13 -27.71 0.82
C HIS G 209 -11.68 -26.29 0.97
N PHE G 210 -11.52 -25.72 2.17
CA PHE G 210 -12.06 -24.41 2.49
C PHE G 210 -10.94 -23.47 2.93
N ARG G 211 -10.98 -22.24 2.44
CA ARG G 211 -9.96 -21.26 2.85
C ARG G 211 -10.60 -19.90 3.01
N CYS G 212 -10.31 -19.24 4.11
CA CYS G 212 -10.66 -17.83 4.23
CA CYS G 212 -10.65 -17.85 4.31
C CYS G 212 -9.38 -17.03 4.15
N GLN G 213 -9.42 -15.98 3.33
CA GLN G 213 -8.26 -15.19 3.01
C GLN G 213 -8.59 -13.74 3.28
N VAL G 214 -7.66 -13.03 3.92
CA VAL G 214 -7.85 -11.60 4.17
C VAL G 214 -6.68 -10.88 3.53
N GLN G 215 -6.99 -9.99 2.59
CA GLN G 215 -6.02 -9.06 2.05
C GLN G 215 -5.96 -7.86 2.97
N PHE G 216 -4.78 -7.55 3.49
CA PHE G 216 -4.56 -6.37 4.33
C PHE G 216 -3.78 -5.34 3.53
N TYR G 217 -4.21 -4.07 3.57
CA TYR G 217 -3.47 -2.99 2.92
C TYR G 217 -2.80 -2.17 4.01
N GLY G 218 -1.47 -2.14 3.98
CA GLY G 218 -0.69 -1.55 5.05
C GLY G 218 0.48 -0.76 4.51
N LEU G 219 1.68 -1.03 5.02
CA LEU G 219 2.83 -0.23 4.66
C LEU G 219 3.49 -0.76 3.39
N SER G 220 4.32 0.08 2.80
CA SER G 220 5.13 -0.30 1.65
C SER G 220 6.59 -0.03 1.95
N GLU G 221 7.44 -0.30 0.95
CA GLU G 221 8.89 -0.25 1.10
C GLU G 221 9.36 1.10 1.65
N ASN G 222 8.80 2.20 1.15
CA ASN G 222 9.25 3.53 1.53
C ASN G 222 8.73 4.02 2.88
N ASP G 223 7.78 3.32 3.51
CA ASP G 223 7.40 3.71 4.86
C ASP G 223 8.50 3.35 5.84
N GLU G 224 8.82 4.26 6.76
CA GLU G 224 9.84 4.01 7.76
C GLU G 224 9.30 3.12 8.89
N TRP G 225 10.08 2.10 9.28
CA TRP G 225 9.63 1.24 10.35
C TRP G 225 10.72 1.17 11.42
N THR G 226 10.33 1.36 12.68
CA THR G 226 11.29 1.38 13.78
C THR G 226 10.88 0.49 14.94
N GLN G 227 9.75 -0.21 14.87
CA GLN G 227 9.29 -1.03 15.98
C GLN G 227 10.01 -2.38 16.00
N ASP G 228 9.93 -3.06 17.15
CA ASP G 228 10.58 -4.37 17.31
C ASP G 228 9.85 -5.45 16.53
N ARG G 229 8.54 -5.32 16.39
CA ARG G 229 7.76 -6.31 15.70
C ARG G 229 7.92 -6.16 14.20
N ALA G 230 7.38 -7.14 13.47
CA ALA G 230 7.51 -7.16 12.02
C ALA G 230 6.82 -5.95 11.39
N LYS G 231 7.44 -5.40 10.38
CA LYS G 231 6.84 -4.29 9.63
C LYS G 231 5.51 -4.72 9.01
N PRO G 232 4.37 -4.00 9.28
CA PRO G 232 3.01 -4.42 8.83
C PRO G 232 2.72 -4.02 7.38
N VAL G 233 3.45 -4.65 6.46
CA VAL G 233 3.30 -4.39 5.03
C VAL G 233 1.97 -4.96 4.52
N THR G 234 1.51 -4.43 3.38
CA THR G 234 0.42 -5.04 2.63
C THR G 234 0.71 -6.53 2.41
N GLN G 235 -0.30 -7.36 2.61
CA GLN G 235 -0.04 -8.79 2.67
C GLN G 235 -1.36 -9.51 2.75
N ILE G 236 -1.30 -10.81 2.47
CA ILE G 236 -2.45 -11.70 2.54
C ILE G 236 -2.21 -12.69 3.68
N VAL G 237 -3.19 -12.78 4.59
CA VAL G 237 -3.18 -13.72 5.71
C VAL G 237 -4.36 -14.67 5.53
N SER G 238 -4.16 -15.97 5.68
CA SER G 238 -5.24 -16.92 5.43
CA SER G 238 -5.23 -16.92 5.41
C SER G 238 -5.21 -18.06 6.42
N ALA G 239 -6.33 -18.78 6.49
CA ALA G 239 -6.42 -20.02 7.26
C ALA G 239 -7.36 -20.94 6.51
N GLU G 240 -7.22 -22.24 6.75
CA GLU G 240 -7.88 -23.24 5.92
C GLU G 240 -8.49 -24.33 6.77
N ALA G 241 -9.33 -25.13 6.13
CA ALA G 241 -9.90 -26.33 6.71
C ALA G 241 -10.28 -27.28 5.58
N TRP G 242 -10.21 -28.58 5.86
CA TRP G 242 -10.70 -29.62 4.96
C TRP G 242 -12.01 -30.20 5.47
N GLY G 243 -12.85 -30.66 4.55
CA GLY G 243 -14.05 -31.38 4.94
C GLY G 243 -13.74 -32.60 5.78
N ARG G 244 -14.72 -33.05 6.54
CA ARG G 244 -14.52 -34.11 7.52
C ARG G 244 -15.57 -35.18 7.29
N ALA G 245 -15.12 -36.40 6.99
CA ALA G 245 -16.02 -37.51 6.74
C ALA G 245 -16.59 -38.02 8.06
N ASP G 246 -17.90 -37.91 8.23
CA ASP G 246 -18.57 -38.40 9.43
C ASP G 246 -20.07 -38.54 9.20
N MET H 1 -27.26 31.34 -47.17
CA MET H 1 -27.07 32.11 -45.95
C MET H 1 -27.61 33.53 -46.10
N ILE H 2 -28.44 33.94 -45.14
CA ILE H 2 -29.04 35.26 -45.17
C ILE H 2 -28.15 36.19 -44.33
N GLN H 3 -27.44 37.09 -44.99
CA GLN H 3 -26.72 38.16 -44.33
C GLN H 3 -27.57 39.42 -44.39
N ARG H 4 -27.65 40.13 -43.28
CA ARG H 4 -28.51 41.31 -43.14
C ARG H 4 -27.67 42.57 -43.01
N THR H 5 -27.99 43.57 -43.82
CA THR H 5 -27.20 44.78 -43.92
C THR H 5 -27.54 45.72 -42.76
N PRO H 6 -26.56 46.45 -42.23
CA PRO H 6 -26.84 47.30 -41.08
C PRO H 6 -27.72 48.50 -41.45
N LYS H 7 -28.66 48.81 -40.56
CA LYS H 7 -29.40 50.06 -40.61
C LYS H 7 -28.62 51.08 -39.80
N ILE H 8 -28.47 52.28 -40.35
CA ILE H 8 -27.53 53.27 -39.83
C ILE H 8 -28.31 54.56 -39.57
N GLN H 9 -28.33 55.01 -38.32
CA GLN H 9 -29.06 56.22 -37.98
C GLN H 9 -28.15 57.16 -37.19
N VAL H 10 -28.10 58.43 -37.62
CA VAL H 10 -27.21 59.42 -37.05
C VAL H 10 -28.06 60.56 -36.48
N TYR H 11 -27.74 60.96 -35.26
CA TYR H 11 -28.61 61.88 -34.54
C TYR H 11 -27.86 62.39 -33.32
N SER H 12 -28.34 63.50 -32.78
CA SER H 12 -27.76 64.08 -31.57
C SER H 12 -28.51 63.58 -30.34
N ARG H 13 -27.81 63.57 -29.20
CA ARG H 13 -28.45 63.20 -27.94
C ARG H 13 -29.63 64.15 -27.61
N HIS H 14 -29.40 65.45 -27.70
CA HIS H 14 -30.43 66.46 -27.46
C HIS H 14 -30.74 67.20 -28.76
N PRO H 15 -31.89 67.86 -28.85
CA PRO H 15 -32.12 68.76 -29.99
C PRO H 15 -30.97 69.75 -30.10
N ALA H 16 -30.37 69.80 -31.28
CA ALA H 16 -29.10 70.47 -31.46
C ALA H 16 -29.28 71.97 -31.57
N GLU H 17 -28.35 72.69 -30.94
CA GLU H 17 -28.26 74.14 -31.03
C GLU H 17 -26.79 74.49 -31.21
N ASN H 18 -26.48 75.24 -32.27
CA ASN H 18 -25.09 75.60 -32.54
C ASN H 18 -24.49 76.33 -31.34
N GLY H 19 -23.21 76.08 -31.09
CA GLY H 19 -22.57 76.62 -29.91
C GLY H 19 -22.97 75.98 -28.60
N LYS H 20 -23.68 74.85 -28.61
CA LYS H 20 -24.11 74.18 -27.40
C LYS H 20 -23.62 72.75 -27.41
N SER H 21 -22.90 72.37 -26.35
CA SER H 21 -22.26 71.07 -26.32
C SER H 21 -23.31 69.96 -26.39
N ASN H 22 -23.03 68.94 -27.20
CA ASN H 22 -23.98 67.86 -27.45
C ASN H 22 -23.20 66.56 -27.60
N PHE H 23 -23.91 65.49 -27.95
CA PHE H 23 -23.30 64.21 -28.32
C PHE H 23 -23.84 63.78 -29.66
N LEU H 24 -22.95 63.36 -30.55
CA LEU H 24 -23.35 62.84 -31.87
C LEU H 24 -23.38 61.32 -31.81
N ASN H 25 -24.52 60.73 -32.17
CA ASN H 25 -24.76 59.30 -32.05
C ASN H 25 -24.83 58.66 -33.43
N CYS H 26 -24.29 57.45 -33.54
CA CYS H 26 -24.50 56.61 -34.71
C CYS H 26 -24.96 55.24 -34.23
N TYR H 27 -26.24 54.95 -34.45
CA TYR H 27 -26.86 53.71 -34.00
C TYR H 27 -26.93 52.76 -35.17
N VAL H 28 -26.20 51.65 -35.08
CA VAL H 28 -26.05 50.68 -36.16
C VAL H 28 -26.71 49.39 -35.69
N SER H 29 -27.73 48.93 -36.42
CA SER H 29 -28.57 47.86 -35.90
C SER H 29 -29.01 46.91 -37.02
N GLY H 30 -29.54 45.77 -36.60
CA GLY H 30 -30.20 44.82 -37.49
C GLY H 30 -29.29 44.08 -38.43
N PHE H 31 -27.98 44.11 -38.20
CA PHE H 31 -27.04 43.45 -39.08
C PHE H 31 -26.68 42.04 -38.58
N HIS H 32 -26.24 41.20 -39.53
CA HIS H 32 -25.78 39.84 -39.28
C HIS H 32 -24.89 39.43 -40.45
N PRO H 33 -23.70 38.83 -40.20
CA PRO H 33 -23.08 38.43 -38.92
C PRO H 33 -22.48 39.63 -38.17
N SER H 34 -21.74 39.39 -37.08
CA SER H 34 -21.49 40.43 -36.09
C SER H 34 -20.35 41.39 -36.43
N ASP H 35 -19.40 41.00 -37.28
CA ASP H 35 -18.23 41.84 -37.53
C ASP H 35 -18.64 43.10 -38.27
N ILE H 36 -18.17 44.25 -37.79
CA ILE H 36 -18.58 45.51 -38.38
C ILE H 36 -17.56 46.57 -38.01
N GLU H 37 -17.48 47.60 -38.85
CA GLU H 37 -16.57 48.71 -38.65
C GLU H 37 -17.37 49.99 -38.74
N VAL H 38 -17.18 50.87 -37.77
CA VAL H 38 -17.96 52.10 -37.66
C VAL H 38 -17.02 53.26 -37.38
N ASP H 39 -17.08 54.31 -38.20
CA ASP H 39 -16.34 55.55 -37.96
C ASP H 39 -17.32 56.72 -37.93
N LEU H 40 -17.08 57.65 -37.02
CA LEU H 40 -17.73 58.95 -37.07
C LEU H 40 -16.80 59.92 -37.80
N LEU H 41 -17.38 60.72 -38.71
CA LEU H 41 -16.61 61.63 -39.54
C LEU H 41 -17.01 63.07 -39.24
N LYS H 42 -16.02 63.96 -39.25
CA LYS H 42 -16.25 65.39 -39.16
C LYS H 42 -15.65 66.03 -40.40
N ASN H 43 -16.49 66.63 -41.24
CA ASN H 43 -16.10 67.21 -42.52
C ASN H 43 -15.41 66.20 -43.43
N GLY H 44 -15.64 64.90 -43.21
CA GLY H 44 -15.02 63.86 -43.99
C GLY H 44 -13.81 63.20 -43.35
N GLU H 45 -13.34 63.71 -42.21
CA GLU H 45 -12.20 63.15 -41.51
C GLU H 45 -12.68 62.30 -40.34
N ARG H 46 -12.00 61.17 -40.11
CA ARG H 46 -12.35 60.29 -39.01
C ARG H 46 -12.09 60.95 -37.66
N ILE H 47 -13.10 60.96 -36.80
CA ILE H 47 -12.97 61.51 -35.46
C ILE H 47 -12.24 60.50 -34.57
N GLU H 48 -11.21 60.98 -33.87
CA GLU H 48 -10.32 60.07 -33.13
C GLU H 48 -10.98 59.54 -31.86
N LYS H 49 -11.39 60.44 -30.96
CA LYS H 49 -11.96 60.02 -29.68
C LYS H 49 -13.44 59.71 -29.86
N VAL H 50 -13.74 58.43 -30.07
CA VAL H 50 -15.11 57.97 -30.31
C VAL H 50 -15.37 56.75 -29.44
N GLU H 51 -16.46 56.79 -28.68
CA GLU H 51 -16.85 55.71 -27.80
C GLU H 51 -17.84 54.77 -28.51
N HIS H 52 -18.04 53.59 -27.93
CA HIS H 52 -19.11 52.72 -28.40
C HIS H 52 -19.48 51.71 -27.33
N SER H 53 -20.77 51.38 -27.30
CA SER H 53 -21.27 50.30 -26.47
C SER H 53 -20.67 48.97 -26.92
N ASP H 54 -20.76 47.97 -26.05
CA ASP H 54 -20.46 46.59 -26.45
C ASP H 54 -21.48 46.12 -27.49
N LEU H 55 -21.06 45.17 -28.33
CA LEU H 55 -21.97 44.48 -29.24
C LEU H 55 -23.20 44.02 -28.48
N SER H 56 -24.37 44.29 -29.05
CA SER H 56 -25.63 43.97 -28.38
C SER H 56 -26.42 43.00 -29.24
N PHE H 57 -27.29 42.24 -28.59
CA PHE H 57 -28.02 41.15 -29.24
C PHE H 57 -29.51 41.45 -29.27
N SER H 58 -30.13 41.31 -30.45
CA SER H 58 -31.57 41.45 -30.55
C SER H 58 -32.28 40.09 -30.58
N LYS H 59 -33.57 40.13 -30.23
CA LYS H 59 -34.39 38.91 -30.21
C LYS H 59 -34.45 38.23 -31.57
N ASP H 60 -34.33 38.99 -32.65
CA ASP H 60 -34.44 38.42 -34.01
C ASP H 60 -33.11 37.90 -34.51
N TRP H 61 -32.11 37.81 -33.65
CA TRP H 61 -30.77 37.27 -33.83
C TRP H 61 -29.82 38.27 -34.46
N SER H 62 -30.29 39.45 -34.88
CA SER H 62 -29.34 40.44 -35.36
C SER H 62 -28.65 41.16 -34.20
N PHE H 63 -27.75 42.07 -34.55
CA PHE H 63 -26.89 42.77 -33.61
C PHE H 63 -27.08 44.27 -33.74
N TYR H 64 -26.66 44.99 -32.71
CA TYR H 64 -26.69 46.44 -32.76
C TYR H 64 -25.59 46.99 -31.87
N LEU H 65 -25.25 48.26 -32.12
CA LEU H 65 -24.15 48.98 -31.51
C LEU H 65 -24.47 50.47 -31.55
N LEU H 66 -24.04 51.20 -30.54
CA LEU H 66 -24.15 52.66 -30.53
C LEU H 66 -22.76 53.26 -30.46
N TYR H 67 -22.41 54.06 -31.48
CA TYR H 67 -21.18 54.85 -31.48
C TYR H 67 -21.53 56.30 -31.18
N TYR H 68 -20.66 56.99 -30.44
CA TYR H 68 -20.99 58.36 -30.08
C TYR H 68 -19.72 59.15 -29.79
N THR H 69 -19.83 60.47 -29.96
CA THR H 69 -18.74 61.36 -29.59
C THR H 69 -19.33 62.68 -29.12
N GLU H 70 -18.65 63.28 -28.15
CA GLU H 70 -19.03 64.60 -27.70
C GLU H 70 -18.66 65.63 -28.75
N PHE H 71 -19.53 66.61 -28.96
CA PHE H 71 -19.23 67.64 -29.94
C PHE H 71 -20.09 68.86 -29.67
N THR H 72 -19.70 69.96 -30.30
CA THR H 72 -20.49 71.18 -30.32
C THR H 72 -20.81 71.48 -31.77
N PRO H 73 -22.07 71.39 -32.18
CA PRO H 73 -22.40 71.63 -33.59
C PRO H 73 -22.21 73.10 -33.94
N THR H 74 -21.84 73.35 -35.20
CA THR H 74 -21.73 74.69 -35.76
C THR H 74 -22.39 74.72 -37.13
N GLU H 75 -22.53 75.93 -37.67
CA GLU H 75 -23.15 76.09 -38.98
C GLU H 75 -22.36 75.37 -40.07
N LYS H 76 -21.02 75.41 -39.97
CA LYS H 76 -20.16 74.96 -41.07
C LYS H 76 -19.78 73.49 -41.00
N ASP H 77 -19.69 72.91 -39.81
CA ASP H 77 -19.20 71.55 -39.66
C ASP H 77 -20.25 70.54 -40.08
N GLU H 78 -19.85 69.60 -40.95
CA GLU H 78 -20.72 68.53 -41.43
C GLU H 78 -20.25 67.20 -40.85
N TYR H 79 -21.17 66.44 -40.28
CA TYR H 79 -20.82 65.19 -39.60
C TYR H 79 -21.44 63.99 -40.30
N ALA H 80 -20.82 62.82 -40.13
CA ALA H 80 -21.26 61.63 -40.82
C ALA H 80 -20.84 60.40 -40.03
N CYS H 81 -21.48 59.28 -40.36
CA CYS H 81 -21.10 57.97 -39.84
C CYS H 81 -20.78 57.07 -41.03
N ARG H 82 -19.61 56.41 -40.98
CA ARG H 82 -19.16 55.53 -42.03
C ARG H 82 -19.08 54.11 -41.50
N VAL H 83 -19.74 53.19 -42.19
CA VAL H 83 -19.95 51.82 -41.73
C VAL H 83 -19.52 50.85 -42.82
N ASN H 84 -18.79 49.80 -42.43
CA ASN H 84 -18.46 48.73 -43.36
C ASN H 84 -18.84 47.39 -42.76
N HIS H 85 -19.39 46.52 -43.60
CA HIS H 85 -19.95 45.23 -43.19
C HIS H 85 -19.78 44.27 -44.36
N VAL H 86 -19.89 42.98 -44.09
CA VAL H 86 -19.70 42.00 -45.16
C VAL H 86 -20.78 42.16 -46.23
N THR H 87 -21.93 42.73 -45.89
CA THR H 87 -22.99 42.97 -46.87
C THR H 87 -22.77 44.25 -47.69
N LEU H 88 -21.69 44.98 -47.47
CA LEU H 88 -21.43 46.23 -48.17
C LEU H 88 -20.15 46.08 -48.98
N SER H 89 -20.26 46.29 -50.29
CA SER H 89 -19.09 46.19 -51.16
C SER H 89 -18.16 47.40 -51.01
N GLN H 90 -18.73 48.57 -50.71
CA GLN H 90 -17.96 49.74 -50.32
C GLN H 90 -18.57 50.29 -49.05
N PRO H 91 -17.78 50.98 -48.22
CA PRO H 91 -18.34 51.57 -47.01
C PRO H 91 -19.54 52.46 -47.34
N LYS H 92 -20.52 52.47 -46.43
CA LYS H 92 -21.68 53.34 -46.56
C LYS H 92 -21.53 54.52 -45.62
N ILE H 93 -21.76 55.72 -46.14
CA ILE H 93 -21.65 56.95 -45.36
C ILE H 93 -23.05 57.54 -45.23
N VAL H 94 -23.43 57.85 -43.99
CA VAL H 94 -24.71 58.45 -43.68
C VAL H 94 -24.45 59.77 -42.98
N LYS H 95 -24.92 60.87 -43.59
CA LYS H 95 -24.70 62.20 -43.03
C LYS H 95 -25.69 62.50 -41.92
N TRP H 96 -25.28 63.36 -40.99
CA TRP H 96 -26.17 63.85 -39.94
C TRP H 96 -27.03 64.96 -40.52
N ASP H 97 -28.36 64.79 -40.48
CA ASP H 97 -29.29 65.72 -41.09
C ASP H 97 -30.15 66.36 -40.01
N ARG H 98 -30.03 67.67 -39.85
CA ARG H 98 -30.90 68.40 -38.93
C ARG H 98 -31.47 69.66 -39.59
#